data_9KMR
#
_entry.id   9KMR
#
_cell.length_a   1.00
_cell.length_b   1.00
_cell.length_c   1.00
_cell.angle_alpha   90.00
_cell.angle_beta   90.00
_cell.angle_gamma   90.00
#
_symmetry.space_group_name_H-M   'P 1'
#
loop_
_entity.id
_entity.type
_entity.pdbx_description
1 polymer 'Heat shock protein HSP 90-alpha'
2 polymer 'Serine/threonine-protein kinase PINK1, mitochondrial'
3 non-polymer "ADENOSINE-5'-DIPHOSPHATE"
#
loop_
_entity_poly.entity_id
_entity_poly.type
_entity_poly.pdbx_seq_one_letter_code
_entity_poly.pdbx_strand_id
1 'polypeptide(L)'
;MPEETQTQDQPMEEEEVETFAFQAEIAQLMSLIINTFYSNKEIFLRELISNSSDALDKIRYESLTDPSKLDSGKELHINL
IPNKQDRTLTIVDTGIGMTKADLINNLGTIAKSGTKAFMEALQAGADISMIGQFGVGFYSAYLVAEKVTVITKHNDDEQY
AWESSAGGSFTVRTDTGEPMGRGTKVILHLKEDQTEYLEERRIKEIVKKHSQFIGYPITLFVEKERDKEVSDDEAEEKED
KEEEKEKEEKESEDKPEIEDVGSDEEEEKKDGDKKKKKKIKEKYIDQEELNKTKPIWTRNPDDITNEEYGEFYKSLTNDW
EDHLAVKHFSVEGQLEFRALLFVPRRAPFDLFENRKKKNNIKLYVRRVFIMDNCEELIPEYLNFIRGVVDSEDLPLNISR
EMLQQSKILKVIRKNLVKKCLELFTELAEDKENYKKFYEQFSKNIKLGIHEDSQNRKKLSELLRYYTSASGDEMVSLKDY
CTRMKENQKHIYYITGETKDQVANSAFVERLRKHGLEVIYMIEPIDEYCVQQLKEFEGKTLVSVTKEGLELPEDEEEKKK
QEEKKTKFENLCKIMKDILEKKVEKVVVSNRLVTSPCCIVTSTYGWTANMERIMKAQALRDNSTMGYMAAKKHLEINPDH
SIIETLRQKAEADKNDKSVKDLVILLYETALLSSGFSLEDPQTHANRIYRMIKLGLGIDEDDPTADDTSAAVTEEMPPLE
GDDDTSRMEEVD
;
A,B
2 'polypeptide(L)'
;MAVRQALGRGLQLGRALLLRFTGKPGRAYGLGRPGPAAGCVRGERPGWAAGPGAEPRRVGLGLPNRLRFFRQSVAGLAAR
LQRQFVVRAWGCAGPCGRAVFLAFGLGLGLIEEKQAESRRAVSACQEIQAIFTQKSKPGPDPLDTRRLQGFRLEEYLIGQ
SIGKGCSAAVYEATMPTLPQNLEVTKSTGLLPGRGPGTSAPGEGQERAPGAPAFPLAIKMMWNISAGSSSEAILNTMSQE
LVPASRVALAGEYGAVTYRKSKRGPKQLAPHPNIIRVLRAFTSSVPLLPGALVDYPDVLPSRLHPEGLGHGRTLFLVMKN
YPCTLRQYLCVNTPSPRLAAMMLLQLLEGVDHLVQQGIAHRDLKSDNILVELDPDGCPWLVIADFGCCLADESIGLQLPF
SSWYVDRGGNGCLMAPEVSTARPGPRAVIDYSKADAWAVGAIAYEIFGLVNPFYGQGKAHLESRSYQEAQLPALPESVPP
DVRQLVRALLQREASKRPSARVAANVLHLSLWGEHILALKNLKLDKMVGWLLQQSAATLLANRLTEKCCVETKMKMLFLA
NLECETLCQAALLLCSWRAAL
;
C
#
# COMPACT_ATOMS: atom_id res chain seq x y z
N GLU A 15 -4.27 -59.88 -17.71
CA GLU A 15 -3.63 -60.73 -18.70
C GLU A 15 -3.61 -60.05 -20.07
N GLU A 16 -4.75 -60.04 -20.74
CA GLU A 16 -4.88 -59.37 -22.03
C GLU A 16 -4.77 -57.87 -21.83
N VAL A 17 -3.81 -57.25 -22.50
CA VAL A 17 -3.50 -55.84 -22.33
C VAL A 17 -3.76 -55.16 -23.67
N GLU A 18 -4.73 -54.25 -23.69
CA GLU A 18 -5.06 -53.47 -24.88
C GLU A 18 -4.46 -52.08 -24.70
N THR A 19 -3.33 -51.83 -25.34
CA THR A 19 -2.73 -50.51 -25.30
C THR A 19 -3.45 -49.58 -26.28
N PHE A 20 -3.35 -48.28 -26.01
CA PHE A 20 -3.97 -47.27 -26.85
C PHE A 20 -3.04 -46.06 -26.88
N ALA A 21 -3.55 -44.96 -27.42
CA ALA A 21 -2.81 -43.70 -27.47
C ALA A 21 -3.81 -42.55 -27.41
N PHE A 22 -3.53 -41.58 -26.55
CA PHE A 22 -4.47 -40.48 -26.33
C PHE A 22 -4.78 -39.75 -27.64
N GLN A 23 -6.05 -39.41 -27.83
CA GLN A 23 -6.45 -38.44 -28.84
C GLN A 23 -7.30 -37.39 -28.12
N ALA A 24 -7.72 -36.36 -28.84
CA ALA A 24 -8.37 -35.24 -28.19
C ALA A 24 -9.65 -34.84 -28.90
N GLU A 25 -10.59 -34.29 -28.14
CA GLU A 25 -11.83 -33.75 -28.68
C GLU A 25 -11.57 -32.30 -29.08
N ILE A 26 -11.60 -32.03 -30.38
CA ILE A 26 -11.07 -30.77 -30.92
C ILE A 26 -11.91 -29.57 -30.49
N ALA A 27 -13.23 -29.72 -30.53
CA ALA A 27 -14.12 -28.57 -30.31
C ALA A 27 -13.89 -27.95 -28.93
N GLN A 28 -14.03 -28.75 -27.88
CA GLN A 28 -13.85 -28.22 -26.53
C GLN A 28 -12.42 -27.78 -26.29
N LEU A 29 -11.45 -28.43 -26.94
CA LEU A 29 -10.06 -28.00 -26.82
C LEU A 29 -9.87 -26.60 -27.36
N MET A 30 -10.42 -26.33 -28.54
CA MET A 30 -10.35 -24.98 -29.11
C MET A 30 -11.09 -23.98 -28.24
N SER A 31 -12.25 -24.37 -27.71
CA SER A 31 -12.99 -23.48 -26.83
C SER A 31 -12.17 -23.12 -25.59
N LEU A 32 -11.51 -24.11 -25.00
CA LEU A 32 -10.64 -23.86 -23.86
C LEU A 32 -9.52 -22.91 -24.21
N ILE A 33 -8.82 -23.20 -25.32
CA ILE A 33 -7.70 -22.36 -25.74
C ILE A 33 -8.15 -20.91 -25.92
N ILE A 34 -9.34 -20.72 -26.50
CA ILE A 34 -9.82 -19.37 -26.78
C ILE A 34 -10.21 -18.65 -25.49
N ASN A 35 -11.02 -19.30 -24.66
CA ASN A 35 -11.67 -18.58 -23.55
C ASN A 35 -10.86 -18.63 -22.26
N THR A 36 -10.33 -19.79 -21.89
CA THR A 36 -9.89 -20.04 -20.52
C THR A 36 -8.40 -19.82 -20.30
N PHE A 37 -7.67 -19.33 -21.29
CA PHE A 37 -6.22 -19.23 -21.15
C PHE A 37 -5.79 -17.84 -20.70
N TYR A 38 -6.14 -16.81 -21.45
CA TYR A 38 -5.59 -15.47 -21.28
C TYR A 38 -6.55 -14.59 -20.50
N SER A 39 -5.99 -13.76 -19.61
CA SER A 39 -6.82 -12.93 -18.73
C SER A 39 -7.52 -11.83 -19.51
N ASN A 40 -6.75 -10.92 -20.11
CA ASN A 40 -7.30 -9.78 -20.84
C ASN A 40 -7.14 -10.01 -22.34
N LYS A 41 -8.16 -9.63 -23.10
CA LYS A 41 -8.19 -9.91 -24.54
C LYS A 41 -7.09 -9.16 -25.30
N GLU A 42 -6.54 -8.10 -24.73
CA GLU A 42 -5.53 -7.31 -25.43
C GLU A 42 -4.25 -8.10 -25.70
N ILE A 43 -4.10 -9.29 -25.12
CA ILE A 43 -2.89 -10.07 -25.29
C ILE A 43 -2.66 -10.43 -26.76
N PHE A 44 -3.75 -10.65 -27.50
CA PHE A 44 -3.66 -11.20 -28.86
C PHE A 44 -2.65 -10.45 -29.71
N LEU A 45 -2.56 -9.13 -29.55
CA LEU A 45 -1.62 -8.35 -30.35
C LEU A 45 -0.19 -8.80 -30.09
N ARG A 46 0.16 -9.02 -28.82
CA ARG A 46 1.50 -9.46 -28.48
C ARG A 46 1.84 -10.78 -29.16
N GLU A 47 0.87 -11.71 -29.19
CA GLU A 47 1.13 -13.03 -29.76
C GLU A 47 1.41 -12.93 -31.25
N LEU A 48 0.56 -12.21 -31.98
CA LEU A 48 0.76 -12.06 -33.42
C LEU A 48 2.07 -11.35 -33.71
N ILE A 49 2.37 -10.29 -32.96
CA ILE A 49 3.61 -9.54 -33.19
C ILE A 49 4.82 -10.43 -32.93
N SER A 50 4.79 -11.21 -31.85
CA SER A 50 5.91 -12.08 -31.54
C SER A 50 6.09 -13.15 -32.61
N ASN A 51 5.00 -13.74 -33.09
CA ASN A 51 5.12 -14.74 -34.15
C ASN A 51 5.66 -14.12 -35.43
N SER A 52 5.23 -12.90 -35.75
CA SER A 52 5.74 -12.23 -36.94
C SER A 52 7.23 -11.93 -36.80
N SER A 53 7.66 -11.51 -35.61
CA SER A 53 9.08 -11.26 -35.38
C SER A 53 9.88 -12.55 -35.45
N ASP A 54 9.28 -13.65 -34.99
CA ASP A 54 9.93 -14.95 -35.12
C ASP A 54 10.15 -15.30 -36.58
N ALA A 55 9.13 -15.10 -37.42
CA ALA A 55 9.30 -15.32 -38.85
C ALA A 55 10.36 -14.38 -39.44
N LEU A 56 10.40 -13.15 -38.94
CA LEU A 56 11.38 -12.18 -39.44
C LEU A 56 12.80 -12.65 -39.16
N ASP A 57 13.09 -13.03 -37.92
CA ASP A 57 14.43 -13.52 -37.63
C ASP A 57 14.70 -14.85 -38.30
N LYS A 58 13.66 -15.65 -38.54
CA LYS A 58 13.82 -16.86 -39.34
C LYS A 58 14.40 -16.54 -40.70
N ILE A 59 13.75 -15.63 -41.44
CA ILE A 59 14.23 -15.31 -42.78
C ILE A 59 15.56 -14.56 -42.70
N ARG A 60 15.81 -13.84 -41.60
CA ARG A 60 17.08 -13.16 -41.46
C ARG A 60 18.24 -14.16 -41.36
N TYR A 61 18.06 -15.19 -40.51
CA TYR A 61 19.13 -16.17 -40.31
C TYR A 61 19.56 -16.80 -41.63
N GLU A 62 18.59 -17.23 -42.44
CA GLU A 62 18.92 -17.91 -43.68
C GLU A 62 19.57 -16.99 -44.70
N SER A 63 19.35 -15.68 -44.60
CA SER A 63 19.99 -14.76 -45.54
C SER A 63 21.50 -14.69 -45.35
N LEU A 64 22.01 -15.11 -44.20
CA LEU A 64 23.45 -15.10 -43.97
C LEU A 64 24.16 -16.07 -44.92
N THR A 65 23.67 -17.31 -45.00
CA THR A 65 24.28 -18.28 -45.89
C THR A 65 24.17 -17.85 -47.34
N ASP A 66 22.96 -17.56 -47.80
CA ASP A 66 22.73 -17.08 -49.15
C ASP A 66 21.89 -15.81 -49.11
N PRO A 67 22.36 -14.71 -49.72
CA PRO A 67 21.56 -13.49 -49.76
C PRO A 67 20.54 -13.47 -50.89
N SER A 68 20.63 -14.40 -51.85
CA SER A 68 19.66 -14.43 -52.94
C SER A 68 18.25 -14.68 -52.45
N LYS A 69 18.09 -15.45 -51.37
CA LYS A 69 16.78 -15.68 -50.80
C LYS A 69 16.15 -14.39 -50.25
N LEU A 70 16.92 -13.32 -50.14
CA LEU A 70 16.39 -12.03 -49.73
C LEU A 70 16.02 -11.13 -50.91
N ASP A 71 16.19 -11.61 -52.14
CA ASP A 71 15.88 -10.81 -53.31
C ASP A 71 14.39 -10.50 -53.43
N SER A 72 13.54 -11.29 -52.80
CA SER A 72 12.10 -11.02 -52.81
C SER A 72 11.81 -9.69 -52.13
N GLY A 73 12.24 -9.52 -50.89
CA GLY A 73 12.06 -8.28 -50.17
C GLY A 73 13.24 -7.94 -49.29
N LYS A 74 13.82 -6.76 -49.50
CA LYS A 74 15.01 -6.36 -48.77
C LYS A 74 14.72 -6.03 -47.31
N GLU A 75 13.85 -5.06 -47.06
CA GLU A 75 13.63 -4.58 -45.70
C GLU A 75 12.87 -5.61 -44.88
N LEU A 76 13.01 -5.49 -43.55
CA LEU A 76 12.32 -6.34 -42.59
C LEU A 76 11.56 -5.44 -41.65
N HIS A 77 10.24 -5.41 -41.77
CA HIS A 77 9.42 -4.53 -40.95
C HIS A 77 8.06 -5.15 -40.71
N ILE A 78 7.31 -4.54 -39.79
CA ILE A 78 5.97 -4.98 -39.43
C ILE A 78 5.05 -3.77 -39.53
N ASN A 79 3.97 -3.93 -40.28
CA ASN A 79 3.01 -2.84 -40.52
C ASN A 79 1.65 -3.26 -40.00
N LEU A 80 0.98 -2.35 -39.31
CA LEU A 80 -0.40 -2.55 -38.85
C LEU A 80 -1.31 -1.58 -39.60
N ILE A 81 -2.34 -2.12 -40.24
CA ILE A 81 -3.23 -1.29 -41.04
C ILE A 81 -4.67 -1.46 -40.56
N PRO A 82 -5.06 -0.86 -39.43
CA PRO A 82 -6.46 -0.91 -39.01
C PRO A 82 -7.33 -0.16 -40.01
N ASN A 83 -8.46 -0.77 -40.37
CA ASN A 83 -9.41 -0.21 -41.32
C ASN A 83 -10.79 -0.18 -40.68
N LYS A 84 -11.27 1.02 -40.35
CA LYS A 84 -12.53 1.13 -39.63
C LYS A 84 -13.73 0.84 -40.53
N GLN A 85 -13.57 1.04 -41.84
CA GLN A 85 -14.69 0.80 -42.75
C GLN A 85 -15.13 -0.66 -42.74
N ASP A 86 -14.18 -1.59 -42.64
CA ASP A 86 -14.50 -3.01 -42.70
C ASP A 86 -14.19 -3.74 -41.39
N ARG A 87 -13.82 -3.02 -40.34
CA ARG A 87 -13.50 -3.62 -39.05
C ARG A 87 -12.40 -4.67 -39.17
N THR A 88 -11.42 -4.39 -40.02
CA THR A 88 -10.31 -5.30 -40.27
C THR A 88 -9.02 -4.68 -39.77
N LEU A 89 -8.32 -5.41 -38.90
CA LEU A 89 -7.01 -5.02 -38.40
C LEU A 89 -5.97 -5.94 -39.04
N THR A 90 -5.22 -5.42 -39.99
CA THR A 90 -4.29 -6.20 -40.79
C THR A 90 -2.89 -6.06 -40.22
N ILE A 91 -2.21 -7.18 -40.03
CA ILE A 91 -0.83 -7.22 -39.58
C ILE A 91 -0.01 -7.85 -40.69
N VAL A 92 0.71 -7.02 -41.44
CA VAL A 92 1.47 -7.47 -42.60
C VAL A 92 2.95 -7.29 -42.31
N ASP A 93 3.74 -8.31 -42.66
CA ASP A 93 5.19 -8.27 -42.48
C ASP A 93 5.87 -8.84 -43.72
N THR A 94 7.20 -8.87 -43.66
CA THR A 94 8.00 -9.43 -44.74
C THR A 94 8.84 -10.59 -44.24
N GLY A 95 8.27 -11.42 -43.38
CA GLY A 95 8.97 -12.55 -42.82
C GLY A 95 9.19 -13.66 -43.83
N ILE A 96 9.45 -14.86 -43.29
CA ILE A 96 9.77 -16.00 -44.15
C ILE A 96 8.53 -16.49 -44.88
N GLY A 97 7.39 -16.49 -44.20
CA GLY A 97 6.18 -17.02 -44.78
C GLY A 97 6.07 -18.54 -44.62
N MET A 98 5.01 -19.09 -45.20
CA MET A 98 4.75 -20.52 -45.11
C MET A 98 4.44 -21.08 -46.48
N THR A 99 4.70 -22.38 -46.65
CA THR A 99 4.18 -23.12 -47.79
C THR A 99 2.80 -23.68 -47.45
N LYS A 100 2.18 -24.32 -48.45
CA LYS A 100 0.86 -24.91 -48.24
C LYS A 100 0.89 -25.97 -47.15
N ALA A 101 1.76 -26.97 -47.31
CA ALA A 101 1.87 -28.03 -46.31
C ALA A 101 2.29 -27.47 -44.96
N ASP A 102 3.22 -26.52 -44.96
CA ASP A 102 3.60 -25.85 -43.72
C ASP A 102 2.41 -25.14 -43.10
N LEU A 103 1.63 -24.45 -43.93
CA LEU A 103 0.40 -23.81 -43.45
C LEU A 103 -0.50 -24.80 -42.73
N ILE A 104 -0.81 -25.91 -43.40
CA ILE A 104 -1.70 -26.91 -42.82
C ILE A 104 -1.12 -27.43 -41.50
N ASN A 105 0.14 -27.84 -41.51
CA ASN A 105 0.72 -28.50 -40.35
C ASN A 105 0.85 -27.55 -39.16
N ASN A 106 1.16 -26.28 -39.41
CA ASN A 106 1.35 -25.35 -38.32
C ASN A 106 0.05 -24.75 -37.81
N LEU A 107 -0.75 -24.14 -38.68
CA LEU A 107 -1.95 -23.48 -38.22
C LEU A 107 -3.11 -24.44 -38.00
N GLY A 108 -3.04 -25.64 -38.56
CA GLY A 108 -4.09 -26.63 -38.36
C GLY A 108 -3.88 -27.48 -37.13
N THR A 109 -2.67 -28.04 -37.00
CA THR A 109 -2.37 -28.92 -35.88
C THR A 109 -2.18 -28.08 -34.62
N ILE A 110 -3.10 -28.21 -33.68
CA ILE A 110 -2.98 -27.51 -32.40
C ILE A 110 -1.74 -28.02 -31.65
N ALA A 111 -1.11 -27.12 -30.90
CA ALA A 111 0.02 -27.41 -30.04
C ALA A 111 1.28 -27.81 -30.80
N LYS A 112 1.36 -27.46 -32.08
CA LYS A 112 2.57 -27.65 -32.87
C LYS A 112 3.09 -26.29 -33.30
N SER A 113 4.40 -26.09 -33.11
CA SER A 113 5.04 -24.81 -33.39
C SER A 113 6.21 -25.04 -34.33
N GLY A 114 6.08 -24.55 -35.56
CA GLY A 114 7.15 -24.69 -36.53
C GLY A 114 8.43 -23.99 -36.10
N THR A 115 8.31 -22.97 -35.25
CA THR A 115 9.50 -22.26 -34.77
C THR A 115 10.39 -23.18 -33.95
N LYS A 116 9.80 -23.94 -33.02
CA LYS A 116 10.58 -24.86 -32.21
C LYS A 116 11.24 -25.92 -33.08
N ALA A 117 10.50 -26.46 -34.05
CA ALA A 117 11.07 -27.46 -34.94
C ALA A 117 12.24 -26.90 -35.73
N PHE A 118 12.09 -25.68 -36.26
CA PHE A 118 13.17 -25.07 -37.01
C PHE A 118 14.38 -24.79 -36.13
N MET A 119 14.15 -24.39 -34.88
CA MET A 119 15.26 -24.09 -33.98
C MET A 119 16.01 -25.36 -33.60
N GLU A 120 15.29 -26.41 -33.22
CA GLU A 120 15.95 -27.66 -32.84
C GLU A 120 16.64 -28.30 -34.05
N ALA A 121 16.06 -28.14 -35.24
CA ALA A 121 16.69 -28.66 -36.44
C ALA A 121 17.94 -27.87 -36.81
N LEU A 122 18.08 -26.65 -36.30
CA LEU A 122 19.26 -25.85 -36.57
C LEU A 122 20.47 -26.42 -35.84
N GLN A 123 21.64 -25.86 -36.13
CA GLN A 123 22.86 -26.31 -35.49
C GLN A 123 22.86 -25.94 -34.02
N ALA A 124 23.88 -26.43 -33.31
CA ALA A 124 23.96 -26.21 -31.86
C ALA A 124 24.33 -24.77 -31.53
N GLY A 125 25.48 -24.31 -32.00
CA GLY A 125 25.93 -22.97 -31.74
C GLY A 125 25.37 -21.90 -32.65
N ALA A 126 24.09 -21.57 -32.51
CA ALA A 126 23.48 -20.56 -33.36
C ALA A 126 23.02 -19.39 -32.50
N ASP A 127 22.72 -18.27 -33.15
CA ASP A 127 22.48 -17.00 -32.46
C ASP A 127 21.03 -16.59 -32.43
N ILE A 128 20.09 -17.42 -32.90
CA ILE A 128 18.70 -17.02 -32.92
C ILE A 128 18.09 -17.16 -31.53
N SER A 129 17.19 -16.26 -31.18
CA SER A 129 16.42 -16.34 -29.95
C SER A 129 14.95 -16.06 -30.26
N MET A 130 14.21 -17.12 -30.59
CA MET A 130 12.82 -16.97 -31.01
C MET A 130 11.90 -16.96 -29.79
N ILE A 131 10.73 -16.37 -29.96
CA ILE A 131 9.88 -16.05 -28.81
C ILE A 131 9.21 -17.31 -28.26
N GLY A 132 8.38 -17.95 -29.07
CA GLY A 132 7.50 -19.00 -28.57
C GLY A 132 7.81 -20.37 -29.14
N GLN A 133 7.49 -21.40 -28.34
CA GLN A 133 7.61 -22.79 -28.77
C GLN A 133 6.41 -23.64 -28.40
N PHE A 134 5.44 -23.11 -27.67
CA PHE A 134 4.32 -23.91 -27.18
C PHE A 134 3.50 -24.47 -28.33
N GLY A 135 2.93 -23.61 -29.15
CA GLY A 135 2.19 -24.06 -30.31
C GLY A 135 0.74 -23.62 -30.38
N VAL A 136 0.27 -22.80 -29.43
CA VAL A 136 -1.13 -22.40 -29.37
C VAL A 136 -1.32 -20.89 -29.37
N GLY A 137 -0.25 -20.10 -29.43
CA GLY A 137 -0.38 -18.67 -29.29
C GLY A 137 -1.23 -18.02 -30.37
N PHE A 138 -1.17 -18.55 -31.59
CA PHE A 138 -1.88 -17.91 -32.71
C PHE A 138 -3.39 -17.90 -32.47
N TYR A 139 -3.96 -19.04 -32.09
CA TYR A 139 -5.39 -19.17 -31.93
C TYR A 139 -5.98 -18.17 -30.94
N SER A 140 -5.14 -17.50 -30.14
CA SER A 140 -5.63 -16.43 -29.27
C SER A 140 -6.24 -15.28 -30.05
N ALA A 141 -5.92 -15.18 -31.33
CA ALA A 141 -6.43 -14.06 -32.11
C ALA A 141 -7.93 -14.07 -32.11
N TYR A 142 -8.52 -15.24 -31.94
CA TYR A 142 -9.95 -15.35 -31.99
C TYR A 142 -10.63 -14.59 -30.88
N LEU A 143 -9.93 -14.41 -29.78
CA LEU A 143 -10.50 -13.66 -28.68
C LEU A 143 -11.23 -12.41 -29.12
N VAL A 144 -10.84 -11.80 -30.24
CA VAL A 144 -11.45 -10.54 -30.64
C VAL A 144 -11.82 -10.57 -32.11
N ALA A 145 -12.02 -11.76 -32.67
CA ALA A 145 -12.37 -11.88 -34.07
C ALA A 145 -13.30 -13.07 -34.30
N GLU A 146 -14.17 -12.94 -35.28
CA GLU A 146 -15.05 -14.03 -35.68
C GLU A 146 -14.43 -14.89 -36.77
N LYS A 147 -13.88 -14.24 -37.79
CA LYS A 147 -13.26 -14.94 -38.91
C LYS A 147 -11.85 -14.37 -39.11
N VAL A 148 -10.88 -15.26 -39.24
CA VAL A 148 -9.49 -14.87 -39.43
C VAL A 148 -9.05 -15.32 -40.82
N THR A 149 -8.32 -14.46 -41.51
CA THR A 149 -7.84 -14.73 -42.86
C THR A 149 -6.35 -14.46 -42.91
N VAL A 150 -5.57 -15.48 -43.28
CA VAL A 150 -4.12 -15.38 -43.35
C VAL A 150 -3.72 -15.55 -44.81
N ILE A 151 -3.17 -14.48 -45.39
CA ILE A 151 -2.63 -14.51 -46.74
C ILE A 151 -1.11 -14.43 -46.63
N THR A 152 -0.43 -15.40 -47.23
CA THR A 152 1.03 -15.48 -47.13
C THR A 152 1.61 -16.03 -48.41
N LYS A 153 2.72 -15.43 -48.84
CA LYS A 153 3.48 -15.90 -49.99
C LYS A 153 4.92 -16.11 -49.55
N HIS A 154 5.41 -17.33 -49.72
CA HIS A 154 6.75 -17.70 -49.32
C HIS A 154 7.44 -18.36 -50.51
N ASN A 155 8.75 -18.12 -50.62
CA ASN A 155 9.53 -18.72 -51.68
C ASN A 155 9.31 -20.23 -51.72
N ASP A 156 9.46 -20.80 -52.92
CA ASP A 156 9.19 -22.20 -53.28
C ASP A 156 7.69 -22.48 -53.33
N ASP A 157 6.84 -21.48 -53.11
CA ASP A 157 5.39 -21.69 -53.15
C ASP A 157 4.73 -20.41 -53.62
N GLU A 158 3.44 -20.51 -53.94
CA GLU A 158 2.65 -19.39 -54.42
C GLU A 158 1.85 -18.78 -53.28
N GLN A 159 1.11 -17.72 -53.59
CA GLN A 159 0.32 -17.01 -52.59
C GLN A 159 -0.91 -17.84 -52.24
N TYR A 160 -0.98 -18.29 -51.00
CA TYR A 160 -2.09 -19.09 -50.51
C TYR A 160 -2.90 -18.29 -49.49
N ALA A 161 -4.16 -18.69 -49.32
CA ALA A 161 -5.09 -17.98 -48.47
C ALA A 161 -5.67 -18.92 -47.43
N TRP A 162 -5.52 -18.58 -46.17
CA TRP A 162 -6.09 -19.30 -45.05
C TRP A 162 -7.34 -18.57 -44.55
N GLU A 163 -8.32 -19.32 -44.06
CA GLU A 163 -9.52 -18.70 -43.53
C GLU A 163 -10.23 -19.64 -42.61
N SER A 164 -10.40 -19.24 -41.37
CA SER A 164 -11.15 -20.06 -40.45
C SER A 164 -11.99 -19.25 -39.51
N SER A 165 -13.08 -19.81 -39.06
CA SER A 165 -13.95 -19.12 -38.13
C SER A 165 -13.94 -19.82 -36.80
N ALA A 166 -12.93 -20.65 -36.56
CA ALA A 166 -12.86 -21.45 -35.33
C ALA A 166 -14.04 -22.36 -35.20
N GLY A 167 -14.50 -22.90 -36.31
CA GLY A 167 -15.62 -23.80 -36.32
C GLY A 167 -15.15 -25.23 -36.43
N GLY A 168 -13.87 -25.45 -36.24
CA GLY A 168 -13.34 -26.78 -36.41
C GLY A 168 -13.01 -27.04 -37.86
N SER A 169 -13.11 -26.01 -38.69
CA SER A 169 -12.75 -26.18 -40.09
C SER A 169 -11.98 -25.01 -40.62
N PHE A 170 -11.09 -25.24 -41.58
CA PHE A 170 -10.40 -24.14 -42.19
C PHE A 170 -10.26 -24.34 -43.68
N THR A 171 -10.23 -23.25 -44.43
CA THR A 171 -10.14 -23.38 -45.87
C THR A 171 -8.86 -22.83 -46.43
N VAL A 172 -8.18 -23.62 -47.24
CA VAL A 172 -6.92 -23.20 -47.86
C VAL A 172 -7.15 -23.11 -49.36
N ARG A 173 -6.99 -21.91 -49.91
CA ARG A 173 -7.25 -21.67 -51.32
C ARG A 173 -6.12 -20.84 -51.91
N THR A 174 -5.70 -21.19 -53.12
CA THR A 174 -4.69 -20.41 -53.81
C THR A 174 -5.21 -19.01 -54.11
N ASP A 175 -4.61 -18.01 -53.48
CA ASP A 175 -5.06 -16.64 -53.63
C ASP A 175 -4.61 -16.07 -54.97
N THR A 176 -5.47 -15.24 -55.56
CA THR A 176 -5.18 -14.59 -56.83
C THR A 176 -5.10 -13.09 -56.69
N GLY A 177 -4.88 -12.58 -55.48
CA GLY A 177 -4.77 -11.16 -55.24
C GLY A 177 -3.48 -10.58 -55.78
N GLU A 178 -3.09 -9.45 -55.19
CA GLU A 178 -1.88 -8.78 -55.63
C GLU A 178 -0.65 -9.54 -55.11
N PRO A 179 0.45 -9.53 -55.86
CA PRO A 179 1.66 -10.22 -55.39
C PRO A 179 2.24 -9.54 -54.15
N MET A 180 2.40 -10.31 -53.08
CA MET A 180 2.91 -9.77 -51.84
C MET A 180 4.41 -9.92 -51.69
N GLY A 181 5.04 -10.72 -52.54
CA GLY A 181 6.42 -11.07 -52.32
C GLY A 181 6.55 -11.94 -51.08
N ARG A 182 7.79 -12.18 -50.68
CA ARG A 182 8.01 -13.00 -49.50
C ARG A 182 7.54 -12.27 -48.24
N GLY A 183 6.37 -12.65 -47.77
CA GLY A 183 5.81 -12.01 -46.59
C GLY A 183 4.63 -12.80 -46.05
N THR A 184 3.89 -12.15 -45.15
CA THR A 184 2.73 -12.77 -44.52
C THR A 184 1.88 -11.68 -43.90
N LYS A 185 0.59 -11.66 -44.23
CA LYS A 185 -0.35 -10.70 -43.67
C LYS A 185 -1.51 -11.44 -43.03
N VAL A 186 -1.89 -11.00 -41.84
CA VAL A 186 -3.02 -11.58 -41.10
C VAL A 186 -4.15 -10.56 -41.09
N ILE A 187 -5.35 -11.01 -41.42
CA ILE A 187 -6.52 -10.15 -41.53
C ILE A 187 -7.56 -10.64 -40.54
N LEU A 188 -7.84 -9.83 -39.53
CA LEU A 188 -8.85 -10.15 -38.52
C LEU A 188 -10.14 -9.42 -38.85
N HIS A 189 -11.27 -10.05 -38.53
CA HIS A 189 -12.58 -9.43 -38.63
C HIS A 189 -13.12 -9.32 -37.20
N LEU A 190 -12.93 -8.15 -36.60
CA LEU A 190 -13.29 -7.95 -35.21
C LEU A 190 -14.81 -8.01 -35.02
N LYS A 191 -15.22 -8.16 -33.77
CA LYS A 191 -16.62 -8.11 -33.41
C LYS A 191 -16.96 -6.74 -32.85
N GLU A 192 -18.24 -6.37 -32.96
CA GLU A 192 -18.68 -5.04 -32.55
C GLU A 192 -18.35 -4.75 -31.11
N ASP A 193 -18.30 -5.79 -30.27
CA ASP A 193 -17.93 -5.60 -28.87
C ASP A 193 -16.48 -5.17 -28.72
N GLN A 194 -15.64 -5.53 -29.70
CA GLN A 194 -14.20 -5.28 -29.61
C GLN A 194 -13.71 -4.30 -30.66
N THR A 195 -14.62 -3.55 -31.30
CA THR A 195 -14.21 -2.58 -32.31
C THR A 195 -13.37 -1.45 -31.74
N GLU A 196 -13.21 -1.39 -30.42
CA GLU A 196 -12.39 -0.35 -29.82
C GLU A 196 -10.94 -0.42 -30.27
N TYR A 197 -10.44 -1.63 -30.55
CA TYR A 197 -9.04 -1.78 -30.92
C TYR A 197 -8.73 -1.20 -32.30
N LEU A 198 -9.73 -0.70 -33.00
CA LEU A 198 -9.51 -0.18 -34.34
C LEU A 198 -8.80 1.16 -34.32
N GLU A 199 -9.10 2.02 -33.36
CA GLU A 199 -8.45 3.32 -33.29
C GLU A 199 -6.99 3.17 -32.85
N GLU A 200 -6.26 4.27 -32.89
CA GLU A 200 -4.81 4.23 -32.73
C GLU A 200 -4.34 4.35 -31.29
N ARG A 201 -5.15 4.91 -30.41
CA ARG A 201 -4.70 5.15 -29.03
C ARG A 201 -4.41 3.84 -28.31
N ARG A 202 -5.40 2.95 -28.28
CA ARG A 202 -5.19 1.65 -27.62
C ARG A 202 -4.12 0.84 -28.30
N ILE A 203 -3.99 0.94 -29.63
CA ILE A 203 -2.95 0.23 -30.33
C ILE A 203 -1.58 0.70 -29.87
N LYS A 204 -1.38 2.02 -29.86
CA LYS A 204 -0.13 2.58 -29.36
C LYS A 204 0.15 2.13 -27.93
N GLU A 205 -0.85 2.24 -27.06
CA GLU A 205 -0.65 1.89 -25.65
C GLU A 205 -0.26 0.43 -25.50
N ILE A 206 -0.91 -0.45 -26.26
CA ILE A 206 -0.61 -1.87 -26.17
C ILE A 206 0.80 -2.15 -26.68
N VAL A 207 1.10 -1.75 -27.91
CA VAL A 207 2.40 -2.05 -28.48
C VAL A 207 3.53 -1.34 -27.75
N LYS A 208 3.22 -0.35 -26.92
CA LYS A 208 4.27 0.21 -26.08
C LYS A 208 4.38 -0.53 -24.76
N LYS A 209 3.26 -1.02 -24.23
CA LYS A 209 3.31 -1.81 -23.01
C LYS A 209 3.99 -3.16 -23.27
N HIS A 210 3.40 -3.97 -24.15
CA HIS A 210 4.03 -5.21 -24.59
C HIS A 210 4.73 -4.98 -25.92
N SER A 211 5.73 -5.82 -26.20
CA SER A 211 6.39 -5.88 -27.50
C SER A 211 6.98 -4.54 -27.91
N GLN A 212 7.34 -3.70 -26.94
CA GLN A 212 7.98 -2.43 -27.27
C GLN A 212 9.41 -2.65 -27.75
N PHE A 213 10.12 -3.58 -27.13
CA PHE A 213 11.52 -3.86 -27.48
C PHE A 213 11.58 -5.05 -28.44
N ILE A 214 11.15 -4.80 -29.67
CA ILE A 214 11.23 -5.77 -30.75
C ILE A 214 12.26 -5.26 -31.75
N GLY A 215 13.13 -6.17 -32.21
CA GLY A 215 14.24 -5.80 -33.05
C GLY A 215 13.89 -5.33 -34.45
N TYR A 216 12.62 -5.12 -34.75
CA TYR A 216 12.20 -4.73 -36.09
C TYR A 216 11.21 -3.58 -36.01
N PRO A 217 11.21 -2.70 -37.01
CA PRO A 217 10.36 -1.50 -36.94
C PRO A 217 8.89 -1.85 -37.09
N ILE A 218 8.07 -1.32 -36.17
CA ILE A 218 6.62 -1.45 -36.23
C ILE A 218 6.06 -0.10 -36.66
N THR A 219 5.26 -0.10 -37.73
CA THR A 219 4.76 1.13 -38.34
C THR A 219 3.24 1.09 -38.40
N LEU A 220 2.60 2.01 -37.68
CA LEU A 220 1.16 2.17 -37.80
C LEU A 220 0.83 2.88 -39.11
N PHE A 221 -0.37 2.60 -39.62
CA PHE A 221 -0.79 3.07 -40.94
C PHE A 221 -2.18 3.69 -40.88
N VAL A 222 -2.39 4.61 -39.93
CA VAL A 222 -3.67 5.30 -39.85
C VAL A 222 -3.87 6.16 -41.09
N GLU A 223 -5.14 6.48 -41.36
CA GLU A 223 -5.50 7.19 -42.59
C GLU A 223 -6.19 8.51 -42.26
N LYS A 224 -5.62 9.28 -41.35
CA LYS A 224 -6.24 10.52 -40.87
C LYS A 224 -6.02 11.67 -41.86
N GLU A 225 -6.58 11.52 -43.05
CA GLU A 225 -6.52 12.57 -44.05
C GLU A 225 -7.70 13.51 -43.87
N ARG A 226 -7.42 14.80 -43.69
CA ARG A 226 -8.46 15.76 -43.35
C ARG A 226 -9.34 16.06 -44.55
N ASP A 227 -8.74 16.36 -45.70
CA ASP A 227 -9.47 16.74 -46.92
C ASP A 227 -10.36 17.96 -46.67
N LYS A 228 -9.78 18.98 -46.05
CA LYS A 228 -10.50 20.22 -45.78
C LYS A 228 -10.32 21.26 -46.87
N GLU A 229 -9.57 20.96 -47.91
CA GLU A 229 -9.37 21.86 -49.05
C GLU A 229 -8.99 23.28 -48.64
N LYS A 279 -4.75 22.44 -50.69
CA LYS A 279 -3.41 22.33 -50.12
C LYS A 279 -3.47 22.15 -48.61
N ILE A 280 -4.57 22.59 -48.02
CA ILE A 280 -4.70 22.58 -46.57
C ILE A 280 -4.89 21.18 -46.01
N LYS A 281 -5.06 20.18 -46.87
CA LYS A 281 -5.18 18.80 -46.40
C LYS A 281 -3.91 18.37 -45.69
N GLU A 282 -4.06 17.61 -44.62
CA GLU A 282 -2.94 17.18 -43.80
C GLU A 282 -3.06 15.71 -43.47
N LYS A 283 -1.90 15.07 -43.28
CA LYS A 283 -1.80 13.67 -42.88
C LYS A 283 -2.54 12.77 -43.86
N TYR A 284 -2.15 12.87 -45.14
CA TYR A 284 -2.73 12.02 -46.17
C TYR A 284 -2.65 10.56 -45.79
N ILE A 285 -1.45 10.10 -45.42
CA ILE A 285 -1.23 8.75 -44.90
C ILE A 285 -0.08 8.84 -43.91
N ASP A 286 -0.27 8.24 -42.73
CA ASP A 286 0.65 8.43 -41.61
C ASP A 286 1.41 7.14 -41.36
N GLN A 287 2.70 7.15 -41.67
CA GLN A 287 3.62 6.09 -41.29
C GLN A 287 4.48 6.60 -40.15
N GLU A 288 4.36 5.98 -38.98
CA GLU A 288 5.13 6.38 -37.81
C GLU A 288 5.59 5.15 -37.06
N GLU A 289 6.83 5.17 -36.58
CA GLU A 289 7.38 4.05 -35.85
C GLU A 289 6.96 4.10 -34.39
N LEU A 290 6.95 2.94 -33.75
CA LEU A 290 6.63 2.84 -32.33
C LEU A 290 7.78 2.28 -31.52
N ASN A 291 8.43 1.21 -31.98
CA ASN A 291 9.62 0.68 -31.32
C ASN A 291 10.83 1.53 -31.71
N LYS A 292 10.85 2.75 -31.17
CA LYS A 292 11.88 3.71 -31.52
C LYS A 292 13.20 3.37 -30.84
N THR A 293 13.16 3.06 -29.55
CA THR A 293 14.37 2.85 -28.77
C THR A 293 14.77 1.38 -28.77
N LYS A 294 16.01 1.13 -29.11
CA LYS A 294 16.57 -0.22 -29.10
C LYS A 294 16.88 -0.64 -27.67
N PRO A 295 16.81 -1.94 -27.38
CA PRO A 295 17.17 -2.43 -26.04
C PRO A 295 18.69 -2.47 -25.88
N ILE A 296 19.21 -1.53 -25.10
CA ILE A 296 20.67 -1.41 -24.99
C ILE A 296 21.23 -2.46 -24.04
N TRP A 297 20.43 -2.95 -23.09
CA TRP A 297 20.94 -3.94 -22.14
C TRP A 297 21.44 -5.19 -22.85
N THR A 298 20.89 -5.49 -24.03
CA THR A 298 21.40 -6.60 -24.82
C THR A 298 22.85 -6.36 -25.24
N ARG A 299 23.19 -5.11 -25.55
CA ARG A 299 24.55 -4.78 -25.92
C ARG A 299 25.52 -5.02 -24.76
N ASN A 300 26.78 -5.18 -25.10
CA ASN A 300 27.80 -5.42 -24.10
C ASN A 300 28.20 -4.10 -23.44
N PRO A 301 28.41 -4.10 -22.12
CA PRO A 301 28.90 -2.87 -21.46
C PRO A 301 30.32 -2.54 -21.86
N ASP A 302 30.89 -1.48 -21.28
CA ASP A 302 32.20 -0.93 -21.61
C ASP A 302 32.22 -0.33 -23.01
N ASP A 303 31.13 -0.40 -23.75
CA ASP A 303 30.97 0.26 -25.04
C ASP A 303 29.88 1.31 -25.00
N ILE A 304 28.81 1.09 -24.26
CA ILE A 304 27.79 2.10 -24.04
C ILE A 304 28.37 3.21 -23.18
N THR A 305 28.51 4.40 -23.76
CA THR A 305 28.96 5.54 -22.99
C THR A 305 27.89 5.93 -21.98
N ASN A 306 28.26 6.83 -21.07
CA ASN A 306 27.31 7.31 -20.07
C ASN A 306 26.20 8.14 -20.69
N GLU A 307 26.24 8.40 -22.00
CA GLU A 307 25.20 9.18 -22.64
C GLU A 307 23.98 8.34 -22.98
N GLU A 308 24.18 7.29 -23.79
CA GLU A 308 23.06 6.48 -24.28
C GLU A 308 22.13 6.04 -23.15
N TYR A 309 22.70 5.73 -21.99
CA TYR A 309 21.88 5.45 -20.82
C TYR A 309 20.90 6.58 -20.54
N GLY A 310 21.32 7.81 -20.82
CA GLY A 310 20.44 8.95 -20.61
C GLY A 310 19.19 8.90 -21.48
N GLU A 311 19.37 8.77 -22.80
CA GLU A 311 18.21 8.68 -23.69
C GLU A 311 17.36 7.47 -23.36
N PHE A 312 18.00 6.35 -23.03
CA PHE A 312 17.22 5.16 -22.67
C PHE A 312 16.39 5.42 -21.42
N TYR A 313 16.94 6.16 -20.47
CA TYR A 313 16.18 6.51 -19.26
C TYR A 313 15.00 7.41 -19.61
N LYS A 314 15.26 8.47 -20.39
CA LYS A 314 14.19 9.40 -20.76
C LYS A 314 13.08 8.70 -21.51
N SER A 315 13.43 7.78 -22.41
CA SER A 315 12.41 7.09 -23.19
C SER A 315 11.66 6.08 -22.34
N LEU A 316 12.39 5.25 -21.59
CA LEU A 316 11.75 4.24 -20.75
C LEU A 316 10.76 4.87 -19.78
N THR A 317 11.20 5.89 -19.07
CA THR A 317 10.34 6.66 -18.17
C THR A 317 10.39 8.12 -18.57
N ASN A 318 9.23 8.70 -18.85
CA ASN A 318 9.15 10.09 -19.27
C ASN A 318 9.73 11.01 -18.20
N ASP A 319 10.82 11.68 -18.55
CA ASP A 319 11.52 12.53 -17.60
C ASP A 319 12.24 13.62 -18.37
N TRP A 320 12.38 14.78 -17.74
CA TRP A 320 13.05 15.92 -18.33
C TRP A 320 14.53 15.98 -17.99
N GLU A 321 15.01 15.12 -17.10
CA GLU A 321 16.38 15.17 -16.64
C GLU A 321 17.00 13.78 -16.72
N ASP A 322 18.32 13.76 -16.78
CA ASP A 322 19.07 12.51 -16.86
C ASP A 322 18.92 11.72 -15.57
N HIS A 323 19.44 10.49 -15.60
CA HIS A 323 19.49 9.65 -14.41
C HIS A 323 20.61 10.16 -13.50
N LEU A 324 20.86 9.44 -12.41
CA LEU A 324 21.93 9.77 -11.48
C LEU A 324 23.09 8.80 -11.55
N ALA A 325 22.81 7.50 -11.56
CA ALA A 325 23.84 6.49 -11.72
C ALA A 325 23.20 5.25 -12.34
N VAL A 326 24.03 4.41 -12.94
CA VAL A 326 23.56 3.24 -13.65
C VAL A 326 24.42 2.04 -13.28
N LYS A 327 23.78 0.90 -13.06
CA LYS A 327 24.46 -0.37 -12.84
C LYS A 327 23.97 -1.34 -13.90
N HIS A 328 24.91 -1.89 -14.67
CA HIS A 328 24.60 -2.81 -15.77
C HIS A 328 25.46 -4.04 -15.61
N PHE A 329 24.85 -5.15 -15.24
CA PHE A 329 25.55 -6.39 -14.94
C PHE A 329 24.79 -7.55 -15.55
N SER A 330 25.30 -8.76 -15.34
CA SER A 330 24.70 -9.94 -15.92
C SER A 330 25.16 -11.17 -15.16
N VAL A 331 24.30 -12.17 -15.11
CA VAL A 331 24.58 -13.45 -14.45
C VAL A 331 24.60 -14.54 -15.51
N GLU A 332 25.57 -15.46 -15.39
CA GLU A 332 25.78 -16.49 -16.40
C GLU A 332 25.69 -17.90 -15.82
N GLY A 333 25.06 -18.06 -14.66
CA GLY A 333 24.91 -19.39 -14.09
C GLY A 333 23.84 -20.19 -14.80
N GLN A 334 23.40 -21.29 -14.19
CA GLN A 334 22.27 -22.04 -14.75
C GLN A 334 21.02 -21.19 -14.84
N LEU A 335 20.91 -20.14 -14.01
CA LEU A 335 19.86 -19.14 -14.12
C LEU A 335 20.47 -17.90 -14.75
N GLU A 336 20.18 -17.68 -16.03
CA GLU A 336 20.84 -16.65 -16.82
C GLU A 336 19.89 -15.48 -17.03
N PHE A 337 20.42 -14.26 -16.82
CA PHE A 337 19.65 -13.05 -17.06
C PHE A 337 20.60 -11.87 -17.03
N ARG A 338 20.25 -10.82 -17.79
CA ARG A 338 20.93 -9.55 -17.73
C ARG A 338 20.01 -8.53 -17.06
N ALA A 339 20.61 -7.48 -16.51
CA ALA A 339 19.86 -6.51 -15.74
C ALA A 339 20.42 -5.12 -15.97
N LEU A 340 19.54 -4.12 -15.83
CA LEU A 340 19.88 -2.72 -15.99
C LEU A 340 19.14 -1.94 -14.91
N LEU A 341 19.88 -1.18 -14.11
CA LEU A 341 19.31 -0.51 -12.95
C LEU A 341 19.64 0.97 -13.00
N PHE A 342 18.61 1.80 -12.84
CA PHE A 342 18.76 3.25 -12.81
C PHE A 342 18.32 3.76 -11.45
N VAL A 343 19.03 4.74 -10.93
CA VAL A 343 18.62 5.46 -9.73
C VAL A 343 18.25 6.88 -10.15
N PRO A 344 17.01 7.31 -9.95
CA PRO A 344 16.58 8.61 -10.48
C PRO A 344 17.29 9.76 -9.81
N ARG A 345 17.27 10.91 -10.50
CA ARG A 345 17.86 12.11 -9.92
C ARG A 345 16.90 12.82 -8.98
N ARG A 346 15.59 12.67 -9.21
CA ARG A 346 14.57 13.28 -8.38
C ARG A 346 13.76 12.20 -7.69
N ALA A 347 13.60 12.33 -6.39
CA ALA A 347 12.76 11.41 -5.65
C ALA A 347 11.30 11.63 -6.04
N PRO A 348 10.57 10.59 -6.41
CA PRO A 348 9.15 10.77 -6.76
C PRO A 348 8.37 11.28 -5.55
N PHE A 349 7.51 12.26 -5.80
CA PHE A 349 6.76 12.90 -4.73
C PHE A 349 5.84 11.91 -4.04
N ASP A 350 5.16 11.08 -4.82
CA ASP A 350 4.22 10.08 -4.32
C ASP A 350 4.89 8.72 -4.09
N LEU A 351 6.20 8.71 -3.85
CA LEU A 351 6.94 7.45 -3.75
C LEU A 351 6.41 6.60 -2.59
N PHE A 352 6.58 7.05 -1.35
CA PHE A 352 6.14 6.27 -0.22
C PHE A 352 4.63 6.26 -0.07
N GLU A 353 3.96 7.18 -0.74
CA GLU A 353 2.53 7.10 -0.94
C GLU A 353 2.23 5.81 -1.68
N ASN A 354 1.34 4.98 -1.13
CA ASN A 354 1.13 3.67 -1.72
C ASN A 354 0.34 3.78 -3.01
N ARG A 355 1.02 3.68 -4.14
CA ARG A 355 0.40 3.84 -5.45
C ARG A 355 -0.09 2.53 -6.05
N LYS A 356 -0.12 1.46 -5.26
CA LYS A 356 -0.32 0.08 -5.72
C LYS A 356 0.83 -0.34 -6.62
N LYS A 357 1.83 0.54 -6.82
CA LYS A 357 2.99 0.25 -7.64
C LYS A 357 4.17 0.00 -6.69
N LYS A 358 4.42 -1.27 -6.39
CA LYS A 358 5.42 -1.62 -5.39
C LYS A 358 6.84 -1.57 -5.94
N ASN A 359 7.06 -2.10 -7.13
CA ASN A 359 8.39 -2.11 -7.73
C ASN A 359 8.27 -1.65 -9.17
N ASN A 360 9.06 -0.65 -9.53
CA ASN A 360 9.11 -0.18 -10.91
C ASN A 360 10.01 -1.04 -11.79
N ILE A 361 10.54 -2.14 -11.25
CA ILE A 361 11.37 -3.05 -12.02
C ILE A 361 10.47 -3.85 -12.95
N LYS A 362 10.78 -3.84 -14.24
CA LYS A 362 10.03 -4.58 -15.24
C LYS A 362 10.79 -5.85 -15.61
N LEU A 363 10.06 -6.96 -15.75
CA LEU A 363 10.63 -8.26 -16.02
C LEU A 363 10.35 -8.62 -17.47
N TYR A 364 11.41 -8.88 -18.23
CA TYR A 364 11.32 -9.22 -19.64
C TYR A 364 11.88 -10.61 -19.87
N VAL A 365 11.27 -11.34 -20.80
CA VAL A 365 11.76 -12.65 -21.22
C VAL A 365 11.90 -12.62 -22.72
N ARG A 366 13.13 -12.68 -23.22
CA ARG A 366 13.41 -12.60 -24.66
C ARG A 366 12.80 -11.34 -25.26
N ARG A 367 12.96 -10.23 -24.54
CA ARG A 367 12.61 -8.89 -25.02
C ARG A 367 11.10 -8.71 -25.19
N VAL A 368 10.29 -9.38 -24.37
CA VAL A 368 8.86 -9.12 -24.31
C VAL A 368 8.47 -8.97 -22.84
N PHE A 369 7.45 -8.14 -22.60
CA PHE A 369 7.03 -7.88 -21.23
C PHE A 369 6.37 -9.10 -20.63
N ILE A 370 6.56 -9.28 -19.32
CA ILE A 370 6.02 -10.44 -18.62
C ILE A 370 5.14 -9.99 -17.44
N MET A 371 5.73 -9.28 -16.49
CA MET A 371 5.02 -8.94 -15.26
C MET A 371 5.63 -7.69 -14.66
N ASP A 372 4.81 -6.97 -13.89
CA ASP A 372 5.26 -5.78 -13.19
C ASP A 372 4.62 -5.74 -11.81
N ASN A 373 5.28 -5.02 -10.91
CA ASN A 373 4.77 -4.77 -9.56
C ASN A 373 4.51 -6.08 -8.80
N CYS A 374 5.37 -7.07 -9.02
CA CYS A 374 5.34 -8.32 -8.27
C CYS A 374 6.40 -8.20 -7.19
N GLU A 375 5.95 -7.88 -5.96
CA GLU A 375 6.83 -7.30 -4.96
C GLU A 375 8.03 -8.17 -4.62
N GLU A 376 7.91 -9.49 -4.72
CA GLU A 376 9.04 -10.34 -4.35
C GLU A 376 10.25 -10.16 -5.26
N LEU A 377 10.09 -9.45 -6.37
CA LEU A 377 11.24 -9.13 -7.22
C LEU A 377 12.29 -8.34 -6.44
N ILE A 378 11.89 -7.23 -5.84
CA ILE A 378 12.81 -6.37 -5.11
C ILE A 378 12.18 -6.00 -3.78
N PRO A 379 12.96 -5.90 -2.69
CA PRO A 379 12.36 -5.50 -1.41
C PRO A 379 11.69 -4.13 -1.50
N GLU A 380 10.84 -3.85 -0.52
CA GLU A 380 9.98 -2.68 -0.62
C GLU A 380 10.79 -1.38 -0.57
N TYR A 381 11.74 -1.29 0.36
CA TYR A 381 12.45 -0.03 0.54
C TYR A 381 13.26 0.37 -0.70
N LEU A 382 13.61 -0.58 -1.55
CA LEU A 382 14.28 -0.26 -2.81
C LEU A 382 13.27 -0.13 -3.95
N ASN A 383 12.25 0.70 -3.75
CA ASN A 383 11.24 0.91 -4.78
C ASN A 383 11.60 2.07 -5.71
N PHE A 384 12.43 3.00 -5.26
CA PHE A 384 12.82 4.12 -6.10
C PHE A 384 13.64 3.66 -7.30
N ILE A 385 14.30 2.50 -7.18
CA ILE A 385 15.08 1.96 -8.29
C ILE A 385 14.15 1.68 -9.46
N ARG A 386 14.53 2.17 -10.63
CA ARG A 386 13.78 1.94 -11.87
C ARG A 386 14.70 1.30 -12.89
N GLY A 387 14.21 0.25 -13.54
CA GLY A 387 15.04 -0.48 -14.48
C GLY A 387 14.36 -1.75 -14.93
N VAL A 388 15.06 -2.49 -15.77
CA VAL A 388 14.54 -3.71 -16.36
C VAL A 388 15.48 -4.87 -16.05
N VAL A 389 14.92 -6.07 -16.10
CA VAL A 389 15.66 -7.31 -15.94
C VAL A 389 15.16 -8.30 -16.97
N ASP A 390 16.06 -8.80 -17.81
CA ASP A 390 15.70 -9.65 -18.94
C ASP A 390 16.38 -11.00 -18.78
N SER A 391 15.59 -12.07 -18.87
CA SER A 391 16.11 -13.43 -18.85
C SER A 391 15.87 -14.10 -20.19
N GLU A 392 16.79 -14.98 -20.58
CA GLU A 392 16.69 -15.64 -21.87
C GLU A 392 15.77 -16.86 -21.85
N ASP A 393 15.50 -17.42 -20.68
CA ASP A 393 14.63 -18.58 -20.57
C ASP A 393 14.22 -18.76 -19.12
N LEU A 394 12.93 -19.03 -18.91
CA LEU A 394 12.38 -19.19 -17.57
C LEU A 394 11.14 -20.08 -17.68
N PRO A 395 10.78 -20.77 -16.60
CA PRO A 395 9.48 -21.47 -16.58
C PRO A 395 8.35 -20.46 -16.61
N LEU A 396 7.51 -20.57 -17.64
CA LEU A 396 6.49 -19.57 -17.92
C LEU A 396 5.12 -20.24 -17.94
N ASN A 397 4.18 -19.67 -17.18
CA ASN A 397 2.79 -20.11 -17.25
C ASN A 397 2.28 -19.95 -18.68
N ILE A 398 1.29 -20.78 -19.03
CA ILE A 398 0.82 -20.86 -20.41
C ILE A 398 0.40 -19.48 -20.92
N SER A 399 -0.28 -18.70 -20.09
CA SER A 399 -0.69 -17.36 -20.51
C SER A 399 0.49 -16.40 -20.65
N ARG A 400 1.71 -16.83 -20.31
CA ARG A 400 2.91 -15.99 -20.41
C ARG A 400 2.74 -14.69 -19.62
N GLU A 401 2.26 -14.83 -18.39
CA GLU A 401 2.05 -13.67 -17.53
C GLU A 401 2.54 -13.88 -16.11
N MET A 402 3.15 -15.03 -15.81
CA MET A 402 3.66 -15.32 -14.48
C MET A 402 4.56 -16.55 -14.57
N LEU A 403 5.40 -16.72 -13.56
CA LEU A 403 6.33 -17.84 -13.53
C LEU A 403 5.68 -19.06 -12.90
N GLN A 404 6.32 -20.21 -13.09
CA GLN A 404 5.80 -21.45 -12.52
C GLN A 404 6.20 -21.58 -11.05
N GLN A 405 7.50 -21.61 -10.77
CA GLN A 405 8.01 -21.69 -9.42
C GLN A 405 8.60 -20.34 -9.02
N SER A 406 7.96 -19.68 -8.06
CA SER A 406 8.39 -18.36 -7.60
C SER A 406 9.70 -18.41 -6.83
N LYS A 407 10.27 -19.59 -6.60
CA LYS A 407 11.57 -19.69 -5.96
C LYS A 407 12.63 -18.94 -6.76
N ILE A 408 12.49 -18.92 -8.10
CA ILE A 408 13.46 -18.23 -8.94
C ILE A 408 13.53 -16.75 -8.60
N LEU A 409 12.38 -16.16 -8.26
CA LEU A 409 12.33 -14.74 -7.93
C LEU A 409 13.20 -14.40 -6.73
N LYS A 410 13.36 -15.36 -5.80
CA LYS A 410 14.19 -15.10 -4.62
C LYS A 410 15.66 -14.92 -4.99
N VAL A 411 16.17 -15.78 -5.87
CA VAL A 411 17.56 -15.65 -6.30
C VAL A 411 17.78 -14.33 -7.02
N ILE A 412 16.85 -13.98 -7.90
CA ILE A 412 16.91 -12.70 -8.58
C ILE A 412 16.93 -11.56 -7.57
N ARG A 413 16.10 -11.66 -6.53
CA ARG A 413 16.04 -10.61 -5.53
C ARG A 413 17.38 -10.47 -4.81
N LYS A 414 17.97 -11.59 -4.39
CA LYS A 414 19.26 -11.51 -3.72
C LYS A 414 20.33 -10.90 -4.62
N ASN A 415 20.40 -11.34 -5.87
CA ASN A 415 21.38 -10.77 -6.79
C ASN A 415 21.15 -9.28 -6.97
N LEU A 416 19.90 -8.87 -7.14
CA LEU A 416 19.59 -7.46 -7.34
C LEU A 416 20.01 -6.63 -6.13
N VAL A 417 19.70 -7.10 -4.92
CA VAL A 417 20.00 -6.31 -3.75
C VAL A 417 21.50 -6.19 -3.54
N LYS A 418 22.24 -7.29 -3.74
CA LYS A 418 23.69 -7.19 -3.56
C LYS A 418 24.31 -6.28 -4.62
N LYS A 419 23.80 -6.32 -5.85
CA LYS A 419 24.36 -5.49 -6.90
C LYS A 419 24.06 -4.02 -6.67
N CYS A 420 22.82 -3.69 -6.25
CA CYS A 420 22.51 -2.28 -6.02
C CYS A 420 23.19 -1.76 -4.77
N LEU A 421 23.45 -2.62 -3.78
CA LEU A 421 24.24 -2.18 -2.64
C LEU A 421 25.69 -1.89 -3.04
N GLU A 422 26.27 -2.74 -3.90
CA GLU A 422 27.57 -2.41 -4.45
C GLU A 422 27.53 -1.09 -5.22
N LEU A 423 26.44 -0.85 -5.96
CA LEU A 423 26.28 0.40 -6.68
C LEU A 423 26.28 1.59 -5.73
N PHE A 424 25.49 1.51 -4.66
CA PHE A 424 25.49 2.58 -3.67
C PHE A 424 26.87 2.80 -3.07
N THR A 425 27.57 1.71 -2.75
CA THR A 425 28.92 1.82 -2.20
C THR A 425 29.82 2.59 -3.15
N GLU A 426 29.80 2.21 -4.43
CA GLU A 426 30.63 2.92 -5.41
C GLU A 426 30.19 4.37 -5.59
N LEU A 427 28.90 4.64 -5.45
CA LEU A 427 28.41 6.01 -5.54
C LEU A 427 28.93 6.85 -4.38
N ALA A 428 29.05 6.25 -3.20
CA ALA A 428 29.55 6.98 -2.04
C ALA A 428 30.98 7.45 -2.19
N GLU A 429 31.71 6.96 -3.21
CA GLU A 429 33.07 7.42 -3.41
C GLU A 429 33.13 8.88 -3.79
N ASP A 430 32.10 9.39 -4.46
CA ASP A 430 31.97 10.81 -4.73
C ASP A 430 31.20 11.48 -3.62
N LYS A 431 31.57 12.72 -3.30
CA LYS A 431 30.88 13.44 -2.23
C LYS A 431 29.60 14.09 -2.73
N GLU A 432 29.71 14.97 -3.72
CA GLU A 432 28.56 15.78 -4.13
C GLU A 432 27.43 14.92 -4.68
N ASN A 433 27.75 13.99 -5.55
CA ASN A 433 26.72 13.12 -6.07
C ASN A 433 26.08 12.42 -4.91
N TYR A 434 26.89 11.91 -3.99
CA TYR A 434 26.31 11.17 -2.90
C TYR A 434 25.44 12.06 -2.09
N LYS A 435 25.86 13.30 -1.92
CA LYS A 435 25.10 14.18 -1.07
C LYS A 435 23.74 14.33 -1.66
N LYS A 436 23.67 14.48 -2.97
CA LYS A 436 22.39 14.63 -3.60
C LYS A 436 21.57 13.37 -3.40
N PHE A 437 22.19 12.22 -3.56
CA PHE A 437 21.47 10.98 -3.41
C PHE A 437 20.98 10.80 -2.01
N TYR A 438 21.83 11.08 -1.03
CA TYR A 438 21.44 10.82 0.33
C TYR A 438 20.36 11.77 0.63
N GLU A 439 20.64 13.04 0.40
CA GLU A 439 19.65 14.04 0.77
C GLU A 439 18.27 13.68 0.24
N GLN A 440 18.20 13.03 -0.91
CA GLN A 440 16.89 12.75 -1.51
C GLN A 440 16.35 11.37 -1.16
N PHE A 441 17.19 10.40 -0.82
CA PHE A 441 16.74 9.03 -0.60
C PHE A 441 17.20 8.46 0.74
N SER A 442 17.56 9.31 1.70
CA SER A 442 18.05 8.81 2.98
C SER A 442 17.00 7.98 3.69
N LYS A 443 15.73 8.35 3.55
CA LYS A 443 14.67 7.63 4.24
C LYS A 443 14.62 6.17 3.83
N ASN A 444 14.88 5.88 2.56
CA ASN A 444 14.84 4.50 2.10
C ASN A 444 15.95 3.67 2.74
N ILE A 445 17.13 4.27 2.93
CA ILE A 445 18.23 3.54 3.55
C ILE A 445 17.90 3.19 4.99
N LYS A 446 17.31 4.14 5.73
CA LYS A 446 16.95 3.86 7.11
C LYS A 446 15.81 2.86 7.18
N LEU A 447 14.87 2.92 6.25
CA LEU A 447 13.83 1.90 6.16
C LEU A 447 14.45 0.52 5.98
N GLY A 448 15.38 0.39 5.04
CA GLY A 448 16.06 -0.89 4.86
C GLY A 448 16.76 -1.36 6.11
N ILE A 449 17.50 -0.45 6.76
CA ILE A 449 18.17 -0.78 8.02
C ILE A 449 17.17 -1.31 9.03
N HIS A 450 15.97 -0.71 9.06
CA HIS A 450 14.95 -1.15 9.99
C HIS A 450 14.36 -2.51 9.62
N GLU A 451 14.30 -2.82 8.33
CA GLU A 451 13.54 -3.98 7.87
C GLU A 451 14.40 -5.22 7.67
N ASP A 452 15.42 -5.16 6.81
CA ASP A 452 16.25 -6.34 6.57
C ASP A 452 17.32 -6.45 7.65
N SER A 453 17.79 -7.68 7.89
CA SER A 453 18.73 -7.95 8.97
C SER A 453 19.96 -8.71 8.50
N GLN A 454 20.30 -8.61 7.22
CA GLN A 454 21.50 -9.28 6.70
C GLN A 454 22.38 -8.34 5.91
N ASN A 455 21.85 -7.25 5.37
CA ASN A 455 22.65 -6.19 4.77
C ASN A 455 22.79 -4.98 5.69
N ARG A 456 22.11 -4.99 6.83
CA ARG A 456 22.19 -3.93 7.83
C ARG A 456 23.63 -3.54 8.11
N LYS A 457 24.51 -4.53 8.26
CA LYS A 457 25.93 -4.24 8.46
C LYS A 457 26.50 -3.43 7.31
N LYS A 458 26.15 -3.80 6.07
CA LYS A 458 26.61 -3.05 4.91
C LYS A 458 25.75 -1.82 4.63
N LEU A 459 24.54 -1.78 5.19
CA LEU A 459 23.69 -0.61 5.01
C LEU A 459 24.10 0.53 5.93
N SER A 460 24.73 0.20 7.05
CA SER A 460 25.07 1.22 8.02
C SER A 460 26.06 2.22 7.55
N GLU A 461 27.05 1.78 6.80
CA GLU A 461 28.12 2.68 6.40
C GLU A 461 27.56 3.80 5.58
N LEU A 462 26.53 3.52 4.82
CA LEU A 462 25.96 4.52 3.95
C LEU A 462 25.43 5.73 4.68
N LEU A 463 24.94 5.56 5.90
CA LEU A 463 24.32 6.67 6.62
C LEU A 463 25.22 7.87 6.88
N ARG A 464 24.67 9.07 6.82
CA ARG A 464 25.43 10.27 7.13
C ARG A 464 24.68 11.01 8.23
N TYR A 465 25.33 11.88 9.00
CA TYR A 465 24.71 12.49 10.17
C TYR A 465 25.34 13.83 10.48
N TYR A 466 24.60 14.66 11.20
CA TYR A 466 25.12 15.89 11.76
C TYR A 466 25.71 15.62 13.13
N THR A 467 26.90 16.15 13.38
CA THR A 467 27.55 15.98 14.67
C THR A 467 27.84 17.35 15.27
N SER A 468 28.22 17.34 16.55
CA SER A 468 28.62 18.57 17.22
C SER A 468 29.86 19.17 16.56
N ALA A 469 30.84 18.33 16.26
CA ALA A 469 32.07 18.79 15.60
C ALA A 469 31.98 18.73 14.08
N SER A 470 30.84 18.32 13.52
CA SER A 470 30.71 18.26 12.07
C SER A 470 30.70 19.66 11.46
N GLY A 471 29.99 20.58 12.08
CA GLY A 471 29.82 21.91 11.52
C GLY A 471 28.47 22.05 10.82
N ASP A 472 28.50 22.11 9.49
CA ASP A 472 27.30 22.24 8.68
C ASP A 472 27.06 21.06 7.75
N GLU A 473 28.10 20.29 7.43
CA GLU A 473 27.97 19.20 6.48
C GLU A 473 27.82 17.87 7.23
N MET A 474 27.08 16.94 6.62
CA MET A 474 26.89 15.63 7.22
C MET A 474 28.20 14.84 7.18
N VAL A 475 28.25 13.77 7.99
CA VAL A 475 29.44 12.95 8.11
C VAL A 475 29.02 11.53 8.46
N SER A 476 29.84 10.56 8.06
CA SER A 476 29.53 9.16 8.26
C SER A 476 30.06 8.68 9.60
N LEU A 477 29.60 7.48 9.99
CA LEU A 477 30.00 6.93 11.28
C LEU A 477 31.48 6.59 11.34
N LYS A 478 32.07 6.25 10.20
CA LYS A 478 33.51 5.94 10.17
C LYS A 478 34.33 7.16 10.59
N ASP A 479 33.91 8.35 10.17
CA ASP A 479 34.60 9.56 10.60
C ASP A 479 34.53 9.74 12.10
N TYR A 480 33.35 9.51 12.68
CA TYR A 480 33.21 9.52 14.14
C TYR A 480 34.17 8.54 14.79
N CYS A 481 34.18 7.29 14.32
CA CYS A 481 35.06 6.29 14.90
C CYS A 481 36.52 6.69 14.79
N THR A 482 36.90 7.37 13.71
CA THR A 482 38.29 7.81 13.57
C THR A 482 38.59 8.94 14.53
N ARG A 483 37.64 9.85 14.74
CA ARG A 483 37.84 10.98 15.64
C ARG A 483 37.55 10.65 17.10
N MET A 484 37.14 9.42 17.40
CA MET A 484 36.90 9.03 18.78
C MET A 484 38.20 9.07 19.58
N LYS A 485 38.09 9.46 20.84
CA LYS A 485 39.26 9.51 21.71
C LYS A 485 39.68 8.10 22.10
N GLU A 486 40.83 8.00 22.79
CA GLU A 486 41.38 6.70 23.14
C GLU A 486 40.55 6.03 24.24
N ASN A 487 40.13 6.80 25.24
CA ASN A 487 39.35 6.22 26.33
C ASN A 487 37.87 6.11 26.01
N GLN A 488 37.37 6.90 25.06
CA GLN A 488 35.99 6.79 24.64
C GLN A 488 35.73 5.40 24.07
N LYS A 489 34.62 4.79 24.48
CA LYS A 489 34.29 3.44 24.07
C LYS A 489 32.86 3.30 23.55
N HIS A 490 32.13 4.40 23.41
CA HIS A 490 30.77 4.38 22.90
C HIS A 490 30.60 5.46 21.85
N ILE A 491 29.42 5.52 21.26
CA ILE A 491 29.05 6.56 20.30
C ILE A 491 27.80 7.23 20.83
N TYR A 492 27.95 8.48 21.28
CA TYR A 492 26.86 9.21 21.91
C TYR A 492 26.01 9.88 20.84
N TYR A 493 24.74 9.52 20.79
CA TYR A 493 23.78 10.12 19.88
C TYR A 493 22.61 10.69 20.67
N ILE A 494 22.02 11.75 20.16
CA ILE A 494 20.86 12.39 20.76
C ILE A 494 19.81 12.61 19.68
N THR A 495 18.61 12.08 19.92
CA THR A 495 17.51 12.22 18.98
C THR A 495 16.55 13.30 19.47
N GLY A 496 16.08 14.12 18.56
CA GLY A 496 15.17 15.21 18.89
C GLY A 496 14.20 15.44 17.75
N GLU A 497 13.92 16.71 17.47
CA GLU A 497 13.04 17.09 16.39
C GLU A 497 13.59 18.18 15.49
N THR A 498 14.67 18.85 15.88
CA THR A 498 15.31 19.84 15.04
C THR A 498 16.74 20.04 15.52
N LYS A 499 17.63 20.35 14.56
CA LYS A 499 19.05 20.45 14.88
C LYS A 499 19.33 21.52 15.92
N ASP A 500 18.73 22.70 15.75
CA ASP A 500 19.04 23.83 16.62
C ASP A 500 18.66 23.53 18.07
N GLN A 501 17.46 23.01 18.29
CA GLN A 501 17.02 22.72 19.65
C GLN A 501 17.90 21.65 20.29
N VAL A 502 18.26 20.61 19.53
CA VAL A 502 19.11 19.55 20.06
C VAL A 502 20.48 20.10 20.42
N ALA A 503 21.04 20.95 19.57
CA ALA A 503 22.40 21.44 19.78
C ALA A 503 22.55 22.20 21.10
N ASN A 504 21.49 22.85 21.56
CA ASN A 504 21.53 23.62 22.79
C ASN A 504 20.85 22.92 23.95
N SER A 505 20.56 21.62 23.80
CA SER A 505 19.86 20.89 24.85
C SER A 505 20.71 20.80 26.11
N ALA A 506 20.06 20.36 27.20
CA ALA A 506 20.73 20.30 28.48
C ALA A 506 21.62 19.07 28.62
N PHE A 507 21.28 17.97 27.93
CA PHE A 507 22.02 16.74 28.11
C PHE A 507 23.45 16.84 27.58
N VAL A 508 23.64 17.55 26.46
CA VAL A 508 24.93 17.56 25.79
C VAL A 508 25.94 18.52 26.40
N GLU A 509 25.56 19.27 27.44
CA GLU A 509 26.42 20.31 27.96
C GLU A 509 27.74 19.74 28.49
N ARG A 510 27.65 18.78 29.42
CA ARG A 510 28.87 18.20 30.00
C ARG A 510 29.71 17.52 28.93
N LEU A 511 29.06 16.80 28.00
CA LEU A 511 29.78 16.15 26.92
C LEU A 511 30.56 17.16 26.09
N ARG A 512 29.85 18.14 25.52
CA ARG A 512 30.49 19.17 24.71
C ARG A 512 31.59 19.89 25.48
N LYS A 513 31.42 20.05 26.79
CA LYS A 513 32.48 20.65 27.60
C LYS A 513 33.70 19.76 27.66
N HIS A 514 33.49 18.45 27.78
CA HIS A 514 34.61 17.53 27.90
C HIS A 514 35.34 17.34 26.58
N GLY A 515 34.69 17.64 25.46
CA GLY A 515 35.33 17.53 24.16
C GLY A 515 34.82 16.40 23.30
N LEU A 516 33.98 15.52 23.85
CA LEU A 516 33.48 14.40 23.08
C LEU A 516 32.54 14.88 21.99
N GLU A 517 32.28 13.99 21.04
CA GLU A 517 31.39 14.28 19.91
C GLU A 517 30.06 13.59 20.11
N VAL A 518 29.01 14.17 19.52
CA VAL A 518 27.65 13.67 19.65
C VAL A 518 26.98 13.70 18.28
N ILE A 519 25.97 12.86 18.11
CA ILE A 519 25.28 12.68 16.85
C ILE A 519 23.88 13.27 16.95
N TYR A 520 23.50 14.07 15.96
CA TYR A 520 22.19 14.70 15.89
C TYR A 520 21.30 13.89 14.96
N MET A 521 20.27 13.27 15.50
CA MET A 521 19.24 12.59 14.73
C MET A 521 17.95 13.39 14.87
N ILE A 522 17.51 14.00 13.77
CA ILE A 522 16.45 15.01 13.86
C ILE A 522 15.29 14.71 12.92
N GLU A 523 15.06 13.44 12.63
CA GLU A 523 13.89 13.06 11.84
C GLU A 523 13.19 11.88 12.50
N PRO A 524 11.86 11.82 12.39
CA PRO A 524 11.11 10.73 13.04
C PRO A 524 11.53 9.35 12.59
N ILE A 525 11.97 9.20 11.34
CA ILE A 525 12.37 7.90 10.83
C ILE A 525 13.60 7.36 11.55
N ASP A 526 14.33 8.23 12.25
CA ASP A 526 15.54 7.80 12.94
C ASP A 526 15.24 6.68 13.94
N GLU A 527 14.39 6.97 14.93
CA GLU A 527 14.17 6.08 16.06
C GLU A 527 14.03 4.62 15.63
N TYR A 528 13.23 4.38 14.58
CA TYR A 528 13.07 3.03 14.05
C TYR A 528 14.41 2.43 13.67
N CYS A 529 15.28 3.23 13.07
CA CYS A 529 16.57 2.72 12.63
C CYS A 529 17.50 2.46 13.81
N VAL A 530 17.67 3.46 14.70
CA VAL A 530 18.65 3.33 15.77
C VAL A 530 18.25 2.24 16.75
N GLN A 531 16.95 2.07 17.00
CA GLN A 531 16.53 1.10 18.00
C GLN A 531 16.87 -0.33 17.58
N GLN A 532 17.18 -0.55 16.30
CA GLN A 532 17.67 -1.84 15.85
C GLN A 532 19.14 -1.80 15.49
N LEU A 533 19.68 -0.61 15.21
CA LEU A 533 21.11 -0.43 15.00
C LEU A 533 21.74 -0.17 16.36
N LYS A 534 22.02 -1.25 17.09
CA LYS A 534 22.53 -1.16 18.45
C LYS A 534 24.05 -1.23 18.54
N GLU A 535 24.74 -1.31 17.41
CA GLU A 535 26.18 -1.47 17.44
C GLU A 535 26.75 -1.16 16.06
N PHE A 536 27.97 -0.63 16.04
CA PHE A 536 28.65 -0.33 14.78
C PHE A 536 30.15 -0.47 15.00
N GLU A 537 30.74 -1.52 14.42
CA GLU A 537 32.18 -1.72 14.40
C GLU A 537 32.78 -1.72 15.80
N GLY A 538 32.32 -2.67 16.62
CA GLY A 538 32.86 -2.87 17.94
C GLY A 538 32.41 -1.84 18.97
N LYS A 539 31.99 -0.67 18.50
CA LYS A 539 31.55 0.41 19.37
C LYS A 539 30.03 0.42 19.45
N THR A 540 29.51 0.59 20.66
CA THR A 540 28.08 0.53 20.91
C THR A 540 27.48 1.94 20.94
N LEU A 541 26.26 2.05 20.44
CA LEU A 541 25.54 3.31 20.43
C LEU A 541 24.81 3.49 21.76
N VAL A 542 24.98 4.67 22.37
CA VAL A 542 24.32 5.00 23.62
C VAL A 542 23.64 6.34 23.46
N SER A 543 22.39 6.43 23.93
CA SER A 543 21.66 7.68 23.87
C SER A 543 21.94 8.53 25.11
N VAL A 544 22.22 9.82 24.88
CA VAL A 544 22.55 10.70 25.98
C VAL A 544 21.38 11.01 26.89
N THR A 545 20.16 10.71 26.46
CA THR A 545 18.98 10.89 27.29
C THR A 545 18.50 9.58 27.92
N LYS A 546 19.43 8.71 28.29
CA LYS A 546 19.12 7.50 29.05
C LYS A 546 19.60 7.67 30.48
N GLU A 547 19.00 6.86 31.38
CA GLU A 547 19.26 7.02 32.80
C GLU A 547 20.73 6.77 33.13
N GLY A 548 21.20 5.56 32.86
CA GLY A 548 22.56 5.19 33.23
C GLY A 548 23.61 5.68 32.26
N LEU A 549 23.90 6.97 32.29
CA LEU A 549 24.93 7.56 31.45
C LEU A 549 26.20 7.75 32.27
N GLU A 550 27.33 7.29 31.72
CA GLU A 550 28.61 7.40 32.39
C GLU A 550 29.65 7.87 31.38
N LEU A 551 30.62 8.62 31.87
CA LEU A 551 31.69 9.19 31.07
C LEU A 551 33.03 8.88 31.70
N PRO A 552 34.09 8.76 30.89
CA PRO A 552 35.42 8.49 31.47
C PRO A 552 35.97 9.69 32.21
N GLU A 553 35.99 9.61 33.54
CA GLU A 553 36.47 10.70 34.39
C GLU A 553 37.63 10.21 35.25
N ASP A 554 38.11 11.11 36.11
CA ASP A 554 39.17 10.80 37.05
C ASP A 554 38.55 10.37 38.37
N GLU A 555 39.38 10.16 39.39
CA GLU A 555 38.90 9.67 40.68
C GLU A 555 38.43 10.79 41.60
N GLU A 556 39.10 11.96 41.56
CA GLU A 556 38.62 13.08 42.35
C GLU A 556 37.26 13.55 41.85
N GLU A 557 36.96 13.32 40.57
CA GLU A 557 35.59 13.52 40.09
C GLU A 557 34.61 12.62 40.83
N LYS A 558 34.99 11.36 41.04
CA LYS A 558 34.12 10.44 41.78
C LYS A 558 33.98 10.87 43.23
N LYS A 559 35.07 11.38 43.83
CA LYS A 559 34.99 11.86 45.20
C LYS A 559 34.06 13.06 45.31
N LYS A 560 34.17 14.02 44.38
CA LYS A 560 33.25 15.14 44.37
C LYS A 560 31.82 14.69 44.16
N GLN A 561 31.61 13.68 43.31
CA GLN A 561 30.26 13.19 43.06
C GLN A 561 29.67 12.55 44.31
N GLU A 562 30.45 11.72 45.01
CA GLU A 562 29.92 11.06 46.20
C GLU A 562 29.71 12.06 47.33
N GLU A 563 30.56 13.09 47.42
CA GLU A 563 30.32 14.09 48.45
C GLU A 563 29.10 14.94 48.13
N LYS A 564 28.85 15.22 46.85
CA LYS A 564 27.62 15.91 46.48
C LYS A 564 26.40 15.04 46.76
N LYS A 565 26.53 13.73 46.58
CA LYS A 565 25.45 12.82 46.95
C LYS A 565 25.18 12.86 48.45
N THR A 566 26.24 12.78 49.25
CA THR A 566 26.09 12.85 50.70
C THR A 566 25.67 14.24 51.19
N LYS A 567 25.73 15.25 50.32
CA LYS A 567 25.22 16.56 50.68
C LYS A 567 23.75 16.74 50.30
N PHE A 568 23.35 16.23 49.14
CA PHE A 568 21.99 16.42 48.64
C PHE A 568 21.13 15.17 48.78
N GLU A 569 21.53 14.21 49.61
CA GLU A 569 20.76 12.98 49.73
C GLU A 569 19.43 13.19 50.44
N ASN A 570 19.32 14.23 51.25
CA ASN A 570 18.05 14.56 51.88
C ASN A 570 17.16 15.37 50.96
N LEU A 571 17.76 16.28 50.17
CA LEU A 571 16.97 17.14 49.31
C LEU A 571 16.25 16.34 48.24
N CYS A 572 16.88 15.29 47.72
CA CYS A 572 16.21 14.49 46.71
C CYS A 572 15.02 13.74 47.29
N LYS A 573 15.14 13.26 48.53
CA LYS A 573 13.97 12.66 49.18
C LYS A 573 12.87 13.68 49.39
N ILE A 574 13.25 14.90 49.82
CA ILE A 574 12.27 15.95 50.06
C ILE A 574 11.51 16.27 48.79
N MET A 575 12.23 16.43 47.68
CA MET A 575 11.58 16.65 46.40
C MET A 575 10.86 15.41 45.88
N LYS A 576 11.20 14.23 46.41
CA LYS A 576 10.55 13.01 45.97
C LYS A 576 9.19 12.84 46.62
N ASP A 577 9.04 13.24 47.89
CA ASP A 577 7.72 13.16 48.51
C ASP A 577 6.76 14.15 47.87
N ILE A 578 7.23 15.34 47.52
CA ILE A 578 6.49 16.21 46.62
C ILE A 578 6.60 15.59 45.24
N LEU A 579 5.79 16.05 44.28
CA LEU A 579 5.83 15.53 42.91
C LEU A 579 5.48 14.05 42.88
N GLU A 580 4.76 13.61 43.89
CA GLU A 580 4.55 12.18 44.10
C GLU A 580 3.84 11.55 42.92
N LYS A 581 4.34 10.39 42.49
CA LYS A 581 3.81 9.60 41.39
C LYS A 581 3.88 10.34 40.05
N LYS A 582 4.57 11.47 39.99
CA LYS A 582 4.87 12.12 38.72
C LYS A 582 6.22 11.70 38.17
N VAL A 583 7.17 11.38 39.04
CA VAL A 583 8.50 10.92 38.64
C VAL A 583 8.89 9.79 39.57
N GLU A 584 9.56 8.78 39.00
CA GLU A 584 9.88 7.57 39.75
C GLU A 584 11.15 7.69 40.58
N LYS A 585 12.01 8.67 40.31
CA LYS A 585 13.24 8.82 41.07
C LYS A 585 13.83 10.18 40.80
N VAL A 586 14.58 10.71 41.78
CA VAL A 586 15.28 11.97 41.66
C VAL A 586 16.65 11.82 42.30
N VAL A 587 17.69 12.02 41.49
CA VAL A 587 19.07 11.81 41.93
C VAL A 587 19.94 12.95 41.44
N VAL A 588 21.14 13.03 42.02
CA VAL A 588 22.11 14.04 41.59
C VAL A 588 22.68 13.65 40.23
N SER A 589 22.77 14.62 39.35
CA SER A 589 23.19 14.37 37.97
C SER A 589 24.71 14.38 37.85
N ASN A 590 25.17 13.92 36.68
CA ASN A 590 26.57 13.96 36.31
C ASN A 590 26.79 14.49 34.91
N ARG A 591 25.72 14.88 34.21
CA ARG A 591 25.81 15.35 32.84
C ARG A 591 25.29 16.78 32.66
N LEU A 592 24.93 17.46 33.75
CA LEU A 592 24.29 18.76 33.68
C LEU A 592 25.26 19.85 34.14
N VAL A 593 25.45 20.85 33.29
CA VAL A 593 26.24 22.05 33.61
C VAL A 593 25.54 23.25 33.01
N THR A 594 25.35 24.30 33.81
CA THR A 594 24.63 25.51 33.40
C THR A 594 23.17 25.18 33.07
N SER A 595 22.55 24.40 33.95
CA SER A 595 21.13 24.08 33.89
C SER A 595 20.71 23.51 35.24
N PRO A 596 19.65 24.02 35.86
CA PRO A 596 19.28 23.56 37.21
C PRO A 596 18.95 22.07 37.27
N CYS A 597 18.01 21.62 36.45
CA CYS A 597 17.57 20.24 36.52
C CYS A 597 17.03 19.80 35.17
N CYS A 598 17.25 18.54 34.85
CA CYS A 598 16.73 17.91 33.65
C CYS A 598 16.16 16.54 34.00
N ILE A 599 15.18 16.10 33.22
CA ILE A 599 14.54 14.81 33.42
C ILE A 599 15.08 13.85 32.38
N VAL A 600 15.06 12.56 32.73
CA VAL A 600 15.60 11.52 31.85
C VAL A 600 14.79 10.25 32.06
N THR A 601 14.63 9.50 30.97
CA THR A 601 13.85 8.27 30.98
C THR A 601 14.72 7.11 31.46
N SER A 602 14.03 6.03 31.86
CA SER A 602 14.71 4.85 32.39
C SER A 602 15.55 4.18 31.31
N THR A 603 16.44 3.28 31.75
CA THR A 603 17.34 2.59 30.82
C THR A 603 16.56 1.73 29.85
N TYR A 604 15.48 1.11 30.30
CA TYR A 604 14.68 0.22 29.47
C TYR A 604 13.29 0.82 29.29
N GLY A 605 12.88 0.95 28.03
CA GLY A 605 11.63 1.59 27.69
C GLY A 605 11.83 2.70 26.66
N TRP A 606 10.70 3.28 26.27
CA TRP A 606 10.73 4.35 25.28
C TRP A 606 11.42 5.59 25.83
N THR A 607 12.13 6.29 24.96
CA THR A 607 12.64 7.60 25.29
C THR A 607 11.58 8.65 24.99
N ALA A 608 11.88 9.91 25.34
CA ALA A 608 10.93 11.00 25.18
C ALA A 608 10.46 11.13 23.74
N ASN A 609 11.41 11.33 22.82
CA ASN A 609 11.06 11.55 21.42
C ASN A 609 10.37 10.33 20.83
N MET A 610 10.82 9.13 21.19
CA MET A 610 10.17 7.92 20.69
C MET A 610 8.71 7.86 21.12
N GLU A 611 8.45 8.14 22.40
CA GLU A 611 7.08 8.10 22.90
C GLU A 611 6.23 9.17 22.23
N ARG A 612 6.77 10.38 22.07
CA ARG A 612 6.05 11.42 21.37
C ARG A 612 5.71 10.99 19.94
N ILE A 613 6.70 10.45 19.23
CA ILE A 613 6.50 10.04 17.85
C ILE A 613 5.38 9.02 17.75
N MET A 614 5.48 7.92 18.50
CA MET A 614 4.47 6.88 18.33
C MET A 614 3.19 7.16 19.10
N LYS A 615 3.12 8.26 19.86
CA LYS A 615 1.83 8.75 20.32
C LYS A 615 1.14 9.54 19.21
N ALA A 616 1.91 10.36 18.48
CA ALA A 616 1.36 11.12 17.37
C ALA A 616 1.13 10.27 16.13
N GLN A 617 1.64 9.05 16.09
CA GLN A 617 1.51 8.20 14.90
C GLN A 617 0.05 7.79 14.71
N ALA A 618 -0.49 8.07 13.53
CA ALA A 618 -1.83 7.62 13.20
C ALA A 618 -1.87 6.10 13.11
N LEU A 619 -3.10 5.56 13.13
CA LEU A 619 -3.34 4.12 13.11
C LEU A 619 -2.59 3.40 14.23
N ARG A 620 -2.48 4.06 15.38
CA ARG A 620 -1.78 3.49 16.51
C ARG A 620 -2.74 2.65 17.35
N ASP A 621 -2.19 1.69 18.09
CA ASP A 621 -3.00 0.86 18.97
C ASP A 621 -2.95 1.42 20.39
N ASN A 622 -4.12 1.82 20.90
CA ASN A 622 -4.19 2.56 22.16
C ASN A 622 -3.65 1.74 23.33
N SER A 623 -3.95 0.44 23.35
CA SER A 623 -3.53 -0.41 24.46
C SER A 623 -2.02 -0.40 24.63
N THR A 624 -1.28 -0.49 23.52
CA THR A 624 0.18 -0.46 23.60
C THR A 624 0.69 0.90 24.04
N MET A 625 0.05 1.98 23.58
CA MET A 625 0.43 3.32 24.02
C MET A 625 0.30 3.46 25.52
N GLY A 626 -0.75 2.88 26.11
CA GLY A 626 -0.82 2.79 27.56
C GLY A 626 0.20 1.83 28.13
N TYR A 627 0.53 0.78 27.38
CA TYR A 627 1.47 -0.22 27.85
C TYR A 627 2.89 0.30 27.83
N MET A 628 3.31 0.86 26.70
CA MET A 628 4.69 1.28 26.54
C MET A 628 4.86 2.76 26.87
N ALA A 629 4.78 3.10 28.15
CA ALA A 629 5.00 4.46 28.60
C ALA A 629 6.31 4.56 29.35
N ALA A 630 7.02 5.67 29.14
CA ALA A 630 8.34 5.85 29.73
C ALA A 630 8.24 6.13 31.22
N LYS A 631 9.26 5.69 31.96
CA LYS A 631 9.37 5.95 33.40
C LYS A 631 10.42 7.03 33.59
N LYS A 632 9.98 8.22 34.01
CA LYS A 632 10.88 9.37 34.10
C LYS A 632 11.76 9.27 35.34
N HIS A 633 12.87 9.99 35.29
CA HIS A 633 13.80 10.10 36.41
C HIS A 633 14.36 11.52 36.39
N LEU A 634 14.13 12.27 37.46
CA LEU A 634 14.59 13.65 37.52
C LEU A 634 16.04 13.69 37.99
N GLU A 635 16.81 14.60 37.41
CA GLU A 635 18.21 14.79 37.77
C GLU A 635 18.47 16.26 38.03
N ILE A 636 19.24 16.55 39.07
CA ILE A 636 19.50 17.92 39.50
C ILE A 636 20.98 18.21 39.36
N ASN A 637 21.29 19.49 39.16
CA ASN A 637 22.68 19.94 39.04
C ASN A 637 23.12 20.49 40.38
N PRO A 638 24.00 19.80 41.12
CA PRO A 638 24.41 20.29 42.44
C PRO A 638 25.24 21.56 42.41
N ASP A 639 25.62 22.05 41.24
CA ASP A 639 26.42 23.26 41.13
C ASP A 639 25.61 24.52 40.93
N HIS A 640 24.36 24.41 40.47
CA HIS A 640 23.55 25.58 40.20
C HIS A 640 23.18 26.31 41.50
N SER A 641 23.17 27.63 41.43
CA SER A 641 22.85 28.43 42.61
C SER A 641 21.41 28.19 43.06
N ILE A 642 20.50 27.97 42.11
CA ILE A 642 19.11 27.69 42.44
C ILE A 642 19.03 26.45 43.32
N ILE A 643 19.76 25.40 42.96
CA ILE A 643 19.72 24.15 43.73
C ILE A 643 20.28 24.37 45.12
N GLU A 644 21.38 25.11 45.25
CA GLU A 644 21.97 25.36 46.56
C GLU A 644 21.00 26.13 47.45
N THR A 645 20.42 27.21 46.92
CA THR A 645 19.47 27.99 47.71
C THR A 645 18.24 27.18 48.09
N LEU A 646 17.77 26.34 47.16
CA LEU A 646 16.65 25.46 47.47
C LEU A 646 17.01 24.48 48.57
N ARG A 647 18.25 24.00 48.58
CA ARG A 647 18.68 23.12 49.65
C ARG A 647 18.72 23.85 50.98
N GLN A 648 19.20 25.09 50.99
CA GLN A 648 19.15 25.90 52.21
C GLN A 648 17.72 26.00 52.72
N LYS A 649 16.79 26.36 51.83
CA LYS A 649 15.41 26.55 52.25
C LYS A 649 14.78 25.24 52.73
N ALA A 650 15.14 24.13 52.10
CA ALA A 650 14.58 22.84 52.49
C ALA A 650 15.12 22.38 53.83
N GLU A 651 16.44 22.38 54.01
CA GLU A 651 17.03 21.99 55.28
C GLU A 651 16.63 22.94 56.40
N ALA A 652 16.26 24.18 56.07
CA ALA A 652 15.79 25.11 57.10
C ALA A 652 14.36 24.79 57.51
N ASP A 653 13.45 24.73 56.55
CA ASP A 653 12.04 24.41 56.80
C ASP A 653 11.72 23.12 56.05
N LYS A 654 11.44 22.05 56.77
CA LYS A 654 11.14 20.79 56.14
C LYS A 654 10.05 21.01 55.14
N ASN A 655 8.94 21.58 55.59
CA ASN A 655 7.86 21.88 54.68
C ASN A 655 7.59 23.35 54.59
N ASP A 656 7.91 23.96 53.45
CA ASP A 656 7.59 25.35 53.26
C ASP A 656 6.85 25.34 51.95
N LYS A 657 5.74 26.04 51.89
CA LYS A 657 4.93 26.04 50.70
C LYS A 657 5.73 26.60 49.55
N SER A 658 6.56 27.59 49.84
CA SER A 658 7.31 28.24 48.80
C SER A 658 8.19 27.22 48.09
N VAL A 659 8.81 26.33 48.84
CA VAL A 659 9.61 25.31 48.23
C VAL A 659 8.74 24.41 47.36
N LYS A 660 7.57 24.02 47.86
CA LYS A 660 6.71 23.09 47.13
C LYS A 660 6.36 23.63 45.75
N ASP A 661 5.80 24.83 45.70
CA ASP A 661 5.43 25.40 44.41
C ASP A 661 6.65 25.63 43.53
N LEU A 662 7.78 26.00 44.14
CA LEU A 662 8.99 26.25 43.37
C LEU A 662 9.48 24.98 42.70
N VAL A 663 9.52 23.86 43.43
CA VAL A 663 9.99 22.62 42.84
C VAL A 663 8.97 22.09 41.84
N ILE A 664 7.68 22.32 42.08
CA ILE A 664 6.67 21.93 41.09
C ILE A 664 6.92 22.66 39.78
N LEU A 665 7.12 23.98 39.85
CA LEU A 665 7.38 24.77 38.65
C LEU A 665 8.68 24.35 37.99
N LEU A 666 9.72 24.09 38.78
CA LEU A 666 10.99 23.63 38.24
C LEU A 666 10.83 22.34 37.46
N TYR A 667 10.09 21.39 38.05
CA TYR A 667 9.84 20.13 37.35
C TYR A 667 9.05 20.35 36.07
N GLU A 668 8.09 21.28 36.09
CA GLU A 668 7.33 21.57 34.89
C GLU A 668 8.24 22.09 33.77
N THR A 669 9.09 23.07 34.10
CA THR A 669 10.00 23.60 33.09
C THR A 669 10.99 22.54 32.60
N ALA A 670 11.46 21.69 33.52
CA ALA A 670 12.38 20.62 33.11
C ALA A 670 11.69 19.64 32.17
N LEU A 671 10.46 19.25 32.50
CA LEU A 671 9.69 18.38 31.62
C LEU A 671 9.49 19.02 30.25
N LEU A 672 9.26 20.33 30.22
CA LEU A 672 9.10 21.02 28.94
C LEU A 672 10.39 20.98 28.13
N SER A 673 11.51 21.36 28.74
CA SER A 673 12.77 21.43 28.01
C SER A 673 13.27 20.05 27.61
N SER A 674 12.96 19.03 28.42
CA SER A 674 13.49 17.70 28.16
C SER A 674 12.90 17.07 26.90
N GLY A 675 11.93 17.72 26.28
CA GLY A 675 11.31 17.19 25.08
C GLY A 675 9.96 16.56 25.30
N PHE A 676 9.59 16.30 26.55
CA PHE A 676 8.27 15.78 26.86
C PHE A 676 7.21 16.84 26.58
N SER A 677 5.98 16.37 26.34
CA SER A 677 4.83 17.24 26.16
C SER A 677 4.05 17.29 27.46
N LEU A 678 3.81 18.49 27.98
CA LEU A 678 3.10 18.63 29.24
C LEU A 678 1.70 18.05 29.13
N GLU A 679 1.19 17.55 30.25
CA GLU A 679 -0.12 16.89 30.26
C GLU A 679 -1.24 17.91 30.12
N ASP A 680 -1.35 18.84 31.07
CA ASP A 680 -2.33 19.92 31.03
C ASP A 680 -1.61 21.24 31.08
N PRO A 681 -1.24 21.81 29.94
CA PRO A 681 -0.49 23.08 29.94
C PRO A 681 -1.23 24.23 30.57
N GLN A 682 -2.55 24.11 30.79
CA GLN A 682 -3.31 25.21 31.38
C GLN A 682 -2.84 25.50 32.79
N THR A 683 -2.50 24.47 33.57
CA THR A 683 -2.05 24.68 34.94
C THR A 683 -0.70 25.41 34.96
N HIS A 684 0.22 25.00 34.09
CA HIS A 684 1.50 25.69 33.99
C HIS A 684 1.30 27.14 33.56
N ALA A 685 0.43 27.37 32.58
CA ALA A 685 0.15 28.73 32.15
C ALA A 685 -0.43 29.56 33.28
N ASN A 686 -1.32 28.97 34.08
CA ASN A 686 -1.90 29.70 35.20
C ASN A 686 -0.85 30.02 36.25
N ARG A 687 0.08 29.09 36.50
CA ARG A 687 1.18 29.37 37.42
C ARG A 687 2.02 30.54 36.91
N ILE A 688 2.33 30.54 35.61
CA ILE A 688 3.10 31.63 35.03
C ILE A 688 2.35 32.95 35.15
N TYR A 689 1.04 32.92 34.90
CA TYR A 689 0.24 34.15 34.99
C TYR A 689 0.20 34.66 36.43
N ARG A 690 0.11 33.76 37.40
CA ARG A 690 0.16 34.17 38.79
C ARG A 690 1.50 34.80 39.13
N MET A 691 2.59 34.22 38.62
CA MET A 691 3.91 34.80 38.85
C MET A 691 4.00 36.20 38.23
N ILE A 692 3.45 36.36 37.03
CA ILE A 692 3.49 37.67 36.37
C ILE A 692 2.68 38.69 37.16
N LYS A 693 1.47 38.31 37.57
CA LYS A 693 0.63 39.22 38.34
C LYS A 693 1.29 39.60 39.66
N LEU A 694 1.98 38.65 40.30
CA LEU A 694 2.73 38.96 41.50
C LEU A 694 3.86 39.95 41.21
N GLY A 695 4.57 39.74 40.10
CA GLY A 695 5.66 40.62 39.75
C GLY A 695 5.21 42.04 39.44
N LEU A 696 4.05 42.18 38.80
CA LEU A 696 3.55 43.49 38.42
C LEU A 696 2.80 44.20 39.54
N GLY A 697 2.51 43.51 40.63
CA GLY A 697 1.81 44.12 41.75
C GLY A 697 0.30 44.05 41.67
N ILE A 698 -0.25 43.04 41.00
CA ILE A 698 -1.70 42.90 40.88
C ILE A 698 -2.20 41.84 41.83
N GLU B 15 -10.10 -20.44 -55.94
CA GLU B 15 -11.10 -21.26 -56.62
C GLU B 15 -11.28 -22.59 -55.91
N GLU B 16 -10.31 -23.49 -56.11
CA GLU B 16 -10.34 -24.79 -55.44
C GLU B 16 -10.11 -24.60 -53.96
N VAL B 17 -11.06 -25.05 -53.14
CA VAL B 17 -11.04 -24.85 -51.70
C VAL B 17 -10.94 -26.23 -51.05
N GLU B 18 -9.83 -26.47 -50.35
CA GLU B 18 -9.64 -27.71 -49.62
C GLU B 18 -9.89 -27.43 -48.14
N THR B 19 -11.06 -27.81 -47.66
CA THR B 19 -11.37 -27.67 -46.25
C THR B 19 -10.70 -28.79 -45.45
N PHE B 20 -10.49 -28.52 -44.16
CA PHE B 20 -9.88 -29.50 -43.26
C PHE B 20 -10.55 -29.36 -41.90
N ALA B 21 -9.96 -30.01 -40.90
CA ALA B 21 -10.42 -29.92 -39.53
C ALA B 21 -9.23 -30.08 -38.60
N PHE B 22 -9.13 -29.21 -37.61
CA PHE B 22 -7.97 -29.21 -36.72
C PHE B 22 -7.82 -30.56 -36.04
N GLN B 23 -6.57 -31.03 -35.94
CA GLN B 23 -6.20 -32.11 -35.04
C GLN B 23 -5.04 -31.61 -34.20
N ALA B 24 -4.59 -32.42 -33.25
CA ALA B 24 -3.62 -31.94 -32.29
C ALA B 24 -2.46 -32.92 -32.12
N GLU B 25 -1.29 -32.38 -31.80
CA GLU B 25 -0.11 -33.18 -31.49
C GLU B 25 -0.16 -33.54 -30.00
N ILE B 26 -0.35 -34.82 -29.71
CA ILE B 26 -0.74 -35.26 -28.36
C ILE B 26 0.39 -35.04 -27.36
N ALA B 27 1.63 -35.35 -27.76
CA ALA B 27 2.74 -35.35 -26.81
C ALA B 27 2.94 -33.97 -26.19
N GLN B 28 3.15 -32.95 -27.03
CA GLN B 28 3.36 -31.60 -26.51
C GLN B 28 2.12 -31.07 -25.81
N LEU B 29 0.93 -31.49 -26.23
CA LEU B 29 -0.29 -31.07 -25.55
C LEU B 29 -0.31 -31.59 -24.12
N MET B 30 0.02 -32.86 -23.93
CA MET B 30 0.09 -33.43 -22.58
C MET B 30 1.17 -32.75 -21.77
N SER B 31 2.33 -32.48 -22.40
CA SER B 31 3.39 -31.79 -21.70
C SER B 31 2.93 -30.41 -21.21
N LEU B 32 2.23 -29.68 -22.07
CA LEU B 32 1.70 -28.37 -21.68
C LEU B 32 0.73 -28.51 -20.52
N ILE B 33 -0.23 -29.43 -20.64
CA ILE B 33 -1.23 -29.61 -19.59
C ILE B 33 -0.54 -29.92 -18.25
N ILE B 34 0.50 -30.73 -18.29
CA ILE B 34 1.16 -31.13 -17.05
C ILE B 34 1.96 -29.96 -16.46
N ASN B 35 2.78 -29.31 -17.27
CA ASN B 35 3.77 -28.39 -16.72
C ASN B 35 3.27 -26.95 -16.64
N THR B 36 2.61 -26.46 -17.69
CA THR B 36 2.44 -25.02 -17.88
C THR B 36 1.10 -24.49 -17.38
N PHE B 37 0.27 -25.31 -16.74
CA PHE B 37 -1.06 -24.86 -16.36
C PHE B 37 -1.11 -24.34 -14.92
N TYR B 38 -0.72 -25.18 -13.96
CA TYR B 38 -0.95 -24.92 -12.54
C TYR B 38 0.30 -24.37 -11.89
N SER B 39 0.11 -23.40 -10.99
CA SER B 39 1.26 -22.73 -10.36
C SER B 39 1.98 -23.66 -9.39
N ASN B 40 1.29 -24.10 -8.34
CA ASN B 40 1.89 -24.94 -7.31
C ASN B 40 1.37 -26.37 -7.46
N LYS B 41 2.25 -27.34 -7.28
CA LYS B 41 1.91 -28.74 -7.51
C LYS B 41 0.86 -29.26 -6.55
N GLU B 42 0.66 -28.60 -5.40
CA GLU B 42 -0.31 -29.08 -4.43
C GLU B 42 -1.75 -29.06 -4.93
N ILE B 43 -1.99 -28.45 -6.10
CA ILE B 43 -3.35 -28.34 -6.62
C ILE B 43 -3.94 -29.72 -6.89
N PHE B 44 -3.10 -30.68 -7.31
CA PHE B 44 -3.59 -31.97 -7.78
C PHE B 44 -4.58 -32.61 -6.82
N LEU B 45 -4.38 -32.46 -5.52
CA LEU B 45 -5.30 -33.04 -4.55
C LEU B 45 -6.70 -32.47 -4.72
N ARG B 46 -6.80 -31.15 -4.90
CA ARG B 46 -8.10 -30.52 -5.09
C ARG B 46 -8.82 -31.10 -6.30
N GLU B 47 -8.09 -31.31 -7.40
CA GLU B 47 -8.72 -31.80 -8.62
C GLU B 47 -9.28 -33.21 -8.44
N LEU B 48 -8.48 -34.11 -7.89
CA LEU B 48 -8.95 -35.47 -7.65
C LEU B 48 -10.13 -35.49 -6.68
N ILE B 49 -10.05 -34.71 -5.61
CA ILE B 49 -11.13 -34.67 -4.64
C ILE B 49 -12.41 -34.15 -5.28
N SER B 50 -12.31 -33.09 -6.07
CA SER B 50 -13.49 -32.54 -6.73
C SER B 50 -14.10 -33.52 -7.71
N ASN B 51 -13.27 -34.22 -8.49
CA ASN B 51 -13.80 -35.21 -9.42
C ASN B 51 -14.47 -36.36 -8.67
N SER B 52 -13.89 -36.78 -7.55
CA SER B 52 -14.51 -37.84 -6.76
C SER B 52 -15.84 -37.39 -6.18
N SER B 53 -15.92 -36.15 -5.72
CA SER B 53 -17.19 -35.63 -5.20
C SER B 53 -18.21 -35.50 -6.32
N ASP B 54 -17.76 -35.16 -7.52
CA ASP B 54 -18.65 -35.13 -8.67
C ASP B 54 -19.25 -36.50 -8.93
N ALA B 55 -18.41 -37.54 -8.90
CA ALA B 55 -18.92 -38.90 -9.06
C ALA B 55 -19.87 -39.26 -7.92
N LEU B 56 -19.57 -38.79 -6.71
CA LEU B 56 -20.42 -39.07 -5.56
C LEU B 56 -21.82 -38.50 -5.74
N ASP B 57 -21.90 -37.21 -6.10
CA ASP B 57 -23.22 -36.63 -6.32
C ASP B 57 -23.89 -37.22 -7.57
N LYS B 58 -23.09 -37.66 -8.54
CA LYS B 58 -23.65 -38.38 -9.68
C LYS B 58 -24.43 -39.60 -9.21
N ILE B 59 -23.78 -40.47 -8.43
CA ILE B 59 -24.47 -41.68 -7.98
C ILE B 59 -25.57 -41.33 -6.99
N ARG B 60 -25.45 -40.22 -6.28
CA ARG B 60 -26.50 -39.81 -5.36
C ARG B 60 -27.78 -39.45 -6.11
N TYR B 61 -27.64 -38.65 -7.19
CA TYR B 61 -28.80 -38.21 -7.94
C TYR B 61 -29.62 -39.39 -8.44
N GLU B 62 -28.96 -40.39 -9.03
CA GLU B 62 -29.67 -41.52 -9.61
C GLU B 62 -30.33 -42.39 -8.56
N SER B 63 -29.84 -42.36 -7.30
CA SER B 63 -30.47 -43.16 -6.25
C SER B 63 -31.85 -42.66 -5.90
N LEU B 64 -32.18 -41.41 -6.25
CA LEU B 64 -33.52 -40.88 -5.97
C LEU B 64 -34.58 -41.64 -6.75
N THR B 65 -34.37 -41.81 -8.05
CA THR B 65 -35.34 -42.52 -8.87
C THR B 65 -35.46 -43.98 -8.43
N ASP B 66 -34.33 -44.69 -8.37
CA ASP B 66 -34.31 -46.06 -7.92
C ASP B 66 -33.26 -46.23 -6.83
N PRO B 67 -33.62 -46.73 -5.65
CA PRO B 67 -32.62 -46.98 -4.60
C PRO B 67 -31.88 -48.29 -4.76
N SER B 68 -32.34 -49.19 -5.62
CA SER B 68 -31.67 -50.46 -5.80
C SER B 68 -30.25 -50.28 -6.33
N LYS B 69 -30.03 -49.26 -7.15
CA LYS B 69 -28.68 -48.97 -7.64
C LYS B 69 -27.72 -48.59 -6.52
N LEU B 70 -28.22 -48.33 -5.32
CA LEU B 70 -27.38 -48.07 -4.17
C LEU B 70 -27.11 -49.31 -3.33
N ASP B 71 -27.62 -50.47 -3.74
CA ASP B 71 -27.41 -51.69 -2.97
C ASP B 71 -25.95 -52.13 -2.95
N SER B 72 -25.15 -51.68 -3.92
CA SER B 72 -23.73 -52.00 -3.92
C SER B 72 -23.05 -51.43 -2.69
N GLY B 73 -23.16 -50.13 -2.49
CA GLY B 73 -22.59 -49.48 -1.32
C GLY B 73 -23.48 -48.38 -0.78
N LYS B 74 -23.84 -48.47 0.50
CA LYS B 74 -24.75 -47.50 1.11
C LYS B 74 -24.09 -46.16 1.33
N GLU B 75 -23.02 -46.11 2.10
CA GLU B 75 -22.42 -44.85 2.50
C GLU B 75 -21.73 -44.18 1.32
N LEU B 76 -21.56 -42.87 1.43
CA LEU B 76 -20.86 -42.06 0.43
C LEU B 76 -19.75 -41.31 1.15
N HIS B 77 -18.50 -41.71 0.92
CA HIS B 77 -17.38 -41.11 1.62
C HIS B 77 -16.14 -41.15 0.73
N ILE B 78 -15.12 -40.42 1.16
CA ILE B 78 -13.84 -40.33 0.46
C ILE B 78 -12.75 -40.65 1.46
N ASN B 79 -11.90 -41.62 1.13
CA ASN B 79 -10.83 -42.07 2.01
C ASN B 79 -9.49 -41.86 1.33
N LEU B 80 -8.52 -41.34 2.07
CA LEU B 80 -7.15 -41.18 1.60
C LEU B 80 -6.25 -42.12 2.39
N ILE B 81 -5.50 -42.95 1.68
CA ILE B 81 -4.65 -43.94 2.35
C ILE B 81 -3.21 -43.78 1.87
N PRO B 82 -2.48 -42.77 2.37
CA PRO B 82 -1.06 -42.66 2.03
C PRO B 82 -0.29 -43.83 2.62
N ASN B 83 0.59 -44.41 1.81
CA ASN B 83 1.41 -45.55 2.22
C ASN B 83 2.87 -45.22 1.95
N LYS B 84 3.64 -45.02 3.02
CA LYS B 84 5.03 -44.58 2.87
C LYS B 84 5.93 -45.72 2.38
N GLN B 85 5.53 -46.97 2.64
CA GLN B 85 6.36 -48.10 2.22
C GLN B 85 6.50 -48.14 0.69
N ASP B 86 5.43 -47.85 -0.04
CA ASP B 86 5.45 -47.94 -1.49
C ASP B 86 5.30 -46.59 -2.19
N ARG B 87 5.29 -45.49 -1.43
CA ARG B 87 5.15 -44.14 -1.99
C ARG B 87 3.86 -44.01 -2.80
N THR B 88 2.80 -44.64 -2.32
CA THR B 88 1.51 -44.64 -2.98
C THR B 88 0.50 -43.87 -2.14
N LEU B 89 -0.13 -42.88 -2.75
CA LEU B 89 -1.20 -42.11 -2.13
C LEU B 89 -2.51 -42.50 -2.81
N THR B 90 -3.33 -43.28 -2.12
CA THR B 90 -4.54 -43.84 -2.68
C THR B 90 -5.73 -42.98 -2.29
N ILE B 91 -6.56 -42.65 -3.27
CA ILE B 91 -7.80 -41.91 -3.05
C ILE B 91 -8.94 -42.81 -3.48
N VAL B 92 -9.63 -43.40 -2.52
CA VAL B 92 -10.69 -44.36 -2.77
C VAL B 92 -12.01 -43.76 -2.32
N ASP B 93 -13.05 -43.92 -3.15
CA ASP B 93 -14.37 -43.44 -2.84
C ASP B 93 -15.41 -44.49 -3.24
N THR B 94 -16.67 -44.15 -3.01
CA THR B 94 -17.79 -45.02 -3.36
C THR B 94 -18.71 -44.34 -4.36
N GLY B 95 -18.13 -43.61 -5.32
CA GLY B 95 -18.90 -42.89 -6.30
C GLY B 95 -19.55 -43.81 -7.31
N ILE B 96 -19.91 -43.22 -8.45
CA ILE B 96 -20.62 -43.96 -9.49
C ILE B 96 -19.69 -44.93 -10.19
N GLY B 97 -18.45 -44.51 -10.44
CA GLY B 97 -17.52 -45.34 -11.18
C GLY B 97 -17.68 -45.17 -12.68
N MET B 98 -16.90 -45.95 -13.42
CA MET B 98 -16.90 -45.90 -14.87
C MET B 98 -17.02 -47.30 -15.45
N THR B 99 -17.55 -47.39 -16.66
CA THR B 99 -17.43 -48.60 -17.46
C THR B 99 -16.15 -48.56 -18.28
N LYS B 100 -15.90 -49.65 -19.00
CA LYS B 100 -14.70 -49.71 -19.84
C LYS B 100 -14.71 -48.63 -20.91
N ALA B 101 -15.77 -48.59 -21.72
CA ALA B 101 -15.86 -47.57 -22.76
C ALA B 101 -15.87 -46.17 -22.17
N ASP B 102 -16.59 -45.99 -21.05
CA ASP B 102 -16.55 -44.70 -20.36
C ASP B 102 -15.14 -44.37 -19.91
N LEU B 103 -14.43 -45.35 -19.36
CA LEU B 103 -13.02 -45.16 -18.98
C LEU B 103 -12.21 -44.64 -20.15
N ILE B 104 -12.27 -45.33 -21.28
CA ILE B 104 -11.49 -44.94 -22.45
C ILE B 104 -11.86 -43.52 -22.88
N ASN B 105 -13.16 -43.26 -23.04
CA ASN B 105 -13.59 -41.98 -23.60
C ASN B 105 -13.28 -40.81 -22.67
N ASN B 106 -13.38 -41.02 -21.36
CA ASN B 106 -13.15 -39.91 -20.44
C ASN B 106 -11.68 -39.71 -20.11
N LEU B 107 -10.98 -40.74 -19.66
CA LEU B 107 -9.60 -40.56 -19.25
C LEU B 107 -8.63 -40.58 -20.42
N GLY B 108 -9.04 -41.09 -21.58
CA GLY B 108 -8.18 -41.09 -22.75
C GLY B 108 -8.31 -39.84 -23.58
N THR B 109 -9.53 -39.45 -23.90
CA THR B 109 -9.77 -38.27 -24.73
C THR B 109 -9.51 -37.02 -23.91
N ILE B 110 -8.45 -36.29 -24.23
CA ILE B 110 -8.17 -35.04 -23.55
C ILE B 110 -9.29 -34.03 -23.83
N ALA B 111 -9.55 -33.18 -22.85
CA ALA B 111 -10.51 -32.08 -22.94
C ALA B 111 -11.96 -32.55 -23.06
N LYS B 112 -12.23 -33.79 -22.68
CA LYS B 112 -13.60 -34.30 -22.61
C LYS B 112 -13.93 -34.62 -21.15
N SER B 113 -15.11 -34.18 -20.72
CA SER B 113 -15.53 -34.32 -19.33
C SER B 113 -16.89 -34.99 -19.30
N GLY B 114 -16.93 -36.23 -18.80
CA GLY B 114 -18.20 -36.94 -18.72
C GLY B 114 -19.19 -36.26 -17.81
N THR B 115 -18.70 -35.47 -16.84
CA THR B 115 -19.60 -34.77 -15.93
C THR B 115 -20.45 -33.75 -16.68
N LYS B 116 -19.83 -32.96 -17.56
CA LYS B 116 -20.60 -31.99 -18.33
C LYS B 116 -21.61 -32.68 -19.23
N ALA B 117 -21.21 -33.78 -19.88
CA ALA B 117 -22.14 -34.51 -20.72
C ALA B 117 -23.32 -35.04 -19.92
N PHE B 118 -23.05 -35.61 -18.74
CA PHE B 118 -24.14 -36.12 -17.91
C PHE B 118 -25.05 -35.00 -17.43
N MET B 119 -24.49 -33.84 -17.12
CA MET B 119 -25.30 -32.73 -16.63
C MET B 119 -26.19 -32.17 -17.74
N GLU B 120 -25.62 -31.94 -18.92
CA GLU B 120 -26.41 -31.41 -20.02
C GLU B 120 -27.45 -32.44 -20.49
N ALA B 121 -27.12 -33.72 -20.41
CA ALA B 121 -28.09 -34.75 -20.77
C ALA B 121 -29.21 -34.86 -19.75
N LEU B 122 -28.99 -34.35 -18.53
CA LEU B 122 -30.02 -34.38 -17.52
C LEU B 122 -31.13 -33.39 -17.86
N GLN B 123 -32.21 -33.44 -17.07
CA GLN B 123 -33.34 -32.55 -17.30
C GLN B 123 -32.94 -31.11 -16.97
N ALA B 124 -33.87 -30.19 -17.27
CA ALA B 124 -33.58 -28.77 -17.08
C ALA B 124 -33.59 -28.38 -15.61
N GLY B 125 -34.70 -28.61 -14.92
CA GLY B 125 -34.83 -28.27 -13.52
C GLY B 125 -34.28 -29.30 -12.57
N ALA B 126 -32.95 -29.45 -12.50
CA ALA B 126 -32.34 -30.42 -11.60
C ALA B 126 -31.49 -29.70 -10.56
N ASP B 127 -31.14 -30.42 -9.49
CA ASP B 127 -30.52 -29.82 -8.32
C ASP B 127 -29.03 -30.10 -8.20
N ILE B 128 -28.40 -30.75 -9.17
CA ILE B 128 -26.98 -31.08 -9.05
C ILE B 128 -26.14 -29.85 -9.35
N SER B 129 -25.02 -29.71 -8.64
CA SER B 129 -24.04 -28.66 -8.92
C SER B 129 -22.64 -29.29 -8.92
N MET B 130 -22.21 -29.76 -10.08
CA MET B 130 -20.94 -30.46 -10.19
C MET B 130 -19.81 -29.47 -10.41
N ILE B 131 -18.60 -29.90 -10.05
CA ILE B 131 -17.48 -28.95 -9.93
C ILE B 131 -16.97 -28.55 -11.30
N GLY B 132 -16.47 -29.50 -12.06
CA GLY B 132 -15.73 -29.18 -13.28
C GLY B 132 -16.41 -29.65 -14.55
N GLN B 133 -16.13 -28.93 -15.65
CA GLN B 133 -16.61 -29.29 -16.97
C GLN B 133 -15.55 -29.18 -18.04
N PHE B 134 -14.36 -28.67 -17.73
CA PHE B 134 -13.35 -28.43 -18.75
C PHE B 134 -12.91 -29.71 -19.43
N GLY B 135 -12.37 -30.65 -18.67
CA GLY B 135 -11.99 -31.93 -19.23
C GLY B 135 -10.54 -32.32 -19.07
N VAL B 136 -9.73 -31.51 -18.38
CA VAL B 136 -8.30 -31.75 -18.26
C VAL B 136 -7.82 -31.82 -16.83
N GLY B 137 -8.71 -31.66 -15.85
CA GLY B 137 -8.27 -31.57 -14.46
C GLY B 137 -7.57 -32.82 -13.96
N PHE B 138 -7.97 -34.00 -14.44
CA PHE B 138 -7.41 -35.25 -13.92
C PHE B 138 -5.92 -35.34 -14.20
N TYR B 139 -5.51 -35.06 -15.44
CA TYR B 139 -4.12 -35.22 -15.84
C TYR B 139 -3.16 -34.39 -15.01
N SER B 140 -3.68 -33.54 -14.13
CA SER B 140 -2.83 -32.75 -13.27
C SER B 140 -2.12 -33.60 -12.26
N ALA B 141 -2.58 -34.83 -12.08
CA ALA B 141 -2.00 -35.67 -11.06
C ALA B 141 -0.57 -35.94 -11.41
N TYR B 142 -0.25 -35.80 -12.68
CA TYR B 142 1.08 -36.12 -13.10
C TYR B 142 2.09 -35.21 -12.49
N LEU B 143 1.70 -33.99 -12.22
CA LEU B 143 2.60 -33.07 -11.54
C LEU B 143 3.39 -33.76 -10.44
N VAL B 144 2.79 -34.72 -9.73
CA VAL B 144 3.47 -35.36 -8.63
C VAL B 144 3.52 -36.88 -8.68
N ALA B 145 3.51 -37.47 -9.84
CA ALA B 145 3.51 -38.92 -10.00
C ALA B 145 4.13 -39.31 -11.34
N GLU B 146 4.77 -40.47 -11.36
CA GLU B 146 5.33 -41.02 -12.58
C GLU B 146 4.33 -41.94 -13.28
N LYS B 147 3.71 -42.84 -12.51
CA LYS B 147 2.74 -43.78 -13.04
C LYS B 147 1.47 -43.68 -12.22
N VAL B 148 0.33 -43.59 -12.89
CA VAL B 148 -0.97 -43.49 -12.24
C VAL B 148 -1.76 -44.74 -12.55
N THR B 149 -2.44 -45.27 -11.55
CA THR B 149 -3.25 -46.48 -11.69
C THR B 149 -4.64 -46.21 -11.14
N VAL B 150 -5.65 -46.39 -11.97
CA VAL B 150 -7.04 -46.16 -11.59
C VAL B 150 -7.76 -47.49 -11.64
N ILE B 151 -8.20 -47.97 -10.48
CA ILE B 151 -9.02 -49.17 -10.36
C ILE B 151 -10.43 -48.74 -9.99
N THR B 152 -11.41 -49.16 -10.79
CA THR B 152 -12.79 -48.75 -10.59
C THR B 152 -13.73 -49.87 -10.99
N LYS B 153 -14.77 -50.06 -10.17
CA LYS B 153 -15.83 -51.01 -10.46
C LYS B 153 -17.15 -50.28 -10.40
N HIS B 154 -17.90 -50.32 -11.50
CA HIS B 154 -19.17 -49.64 -11.60
C HIS B 154 -20.21 -50.64 -12.08
N ASN B 155 -21.44 -50.47 -11.60
CA ASN B 155 -22.53 -51.33 -12.01
C ASN B 155 -22.62 -51.40 -13.54
N ASP B 156 -23.13 -52.52 -14.03
CA ASP B 156 -23.21 -52.90 -15.44
C ASP B 156 -21.85 -53.28 -16.00
N ASP B 157 -20.79 -53.26 -15.20
CA ASP B 157 -19.46 -53.60 -15.68
C ASP B 157 -18.67 -54.22 -14.53
N GLU B 158 -17.52 -54.81 -14.89
CA GLU B 158 -16.65 -55.46 -13.93
C GLU B 158 -15.52 -54.53 -13.51
N GLN B 159 -14.69 -55.01 -12.60
CA GLN B 159 -13.57 -54.22 -12.09
C GLN B 159 -12.48 -54.12 -13.15
N TYR B 160 -12.23 -52.91 -13.64
CA TYR B 160 -11.22 -52.66 -14.65
C TYR B 160 -10.08 -51.85 -14.05
N ALA B 161 -8.93 -51.84 -14.74
CA ALA B 161 -7.79 -51.07 -14.26
C ALA B 161 -7.11 -50.26 -15.35
N TRP B 162 -6.78 -49.01 -15.07
CA TRP B 162 -6.15 -48.13 -16.06
C TRP B 162 -4.78 -47.79 -15.57
N GLU B 163 -3.78 -47.90 -16.42
CA GLU B 163 -2.44 -47.50 -16.03
C GLU B 163 -1.83 -46.64 -17.09
N SER B 164 -1.29 -45.50 -16.70
CA SER B 164 -0.60 -44.66 -17.66
C SER B 164 0.59 -43.97 -17.08
N SER B 165 1.59 -43.72 -17.89
CA SER B 165 2.78 -43.04 -17.43
C SER B 165 2.92 -41.72 -18.15
N ALA B 166 1.83 -41.22 -18.74
CA ALA B 166 1.86 -39.99 -19.52
C ALA B 166 2.81 -40.13 -20.67
N GLY B 167 2.89 -41.32 -21.23
CA GLY B 167 3.80 -41.58 -22.31
C GLY B 167 3.10 -41.59 -23.64
N GLY B 168 1.87 -41.12 -23.65
CA GLY B 168 1.11 -41.17 -24.88
C GLY B 168 0.42 -42.50 -25.01
N SER B 169 0.50 -43.34 -23.97
CA SER B 169 -0.19 -44.61 -24.00
C SER B 169 -0.87 -44.94 -22.70
N PHE B 170 -2.00 -45.61 -22.76
CA PHE B 170 -2.66 -46.04 -21.54
C PHE B 170 -3.10 -47.48 -21.67
N THR B 171 -3.07 -48.22 -20.56
CA THR B 171 -3.44 -49.62 -20.61
C THR B 171 -4.69 -49.88 -19.82
N VAL B 172 -5.59 -50.70 -20.36
CA VAL B 172 -6.83 -51.04 -19.69
C VAL B 172 -6.92 -52.55 -19.60
N ARG B 173 -6.95 -53.08 -18.39
CA ARG B 173 -6.97 -54.51 -18.16
C ARG B 173 -8.00 -54.86 -17.10
N THR B 174 -8.74 -55.95 -17.34
CA THR B 174 -9.70 -56.42 -16.36
C THR B 174 -8.99 -56.85 -15.08
N ASP B 175 -9.23 -56.12 -14.00
CA ASP B 175 -8.56 -56.38 -12.74
C ASP B 175 -9.17 -57.60 -12.06
N THR B 176 -8.31 -58.37 -11.40
CA THR B 176 -8.74 -59.57 -10.68
C THR B 176 -8.48 -59.44 -9.17
N GLY B 177 -8.35 -58.21 -8.68
CA GLY B 177 -8.12 -57.98 -7.27
C GLY B 177 -9.36 -58.23 -6.44
N GLU B 178 -9.38 -57.61 -5.26
CA GLU B 178 -10.51 -57.78 -4.37
C GLU B 178 -11.72 -56.99 -4.88
N PRO B 179 -12.93 -57.49 -4.64
CA PRO B 179 -14.13 -56.77 -5.10
C PRO B 179 -14.28 -55.45 -4.34
N MET B 180 -14.36 -54.35 -5.10
CA MET B 180 -14.48 -53.04 -4.50
C MET B 180 -15.92 -52.57 -4.37
N GLY B 181 -16.86 -53.26 -5.01
CA GLY B 181 -18.20 -52.74 -5.09
C GLY B 181 -18.23 -51.49 -5.96
N ARG B 182 -19.37 -50.82 -5.96
CA ARG B 182 -19.51 -49.61 -6.75
C ARG B 182 -18.64 -48.50 -6.16
N GLY B 183 -17.49 -48.27 -6.77
CA GLY B 183 -16.57 -47.27 -6.28
C GLY B 183 -15.48 -46.97 -7.29
N THR B 184 -14.46 -46.26 -6.83
CA THR B 184 -13.34 -45.89 -7.67
C THR B 184 -12.18 -45.47 -6.78
N LYS B 185 -11.00 -46.07 -7.01
CA LYS B 185 -9.80 -45.74 -6.27
C LYS B 185 -8.70 -45.36 -7.23
N VAL B 186 -8.00 -44.28 -6.91
CA VAL B 186 -6.88 -43.80 -7.71
C VAL B 186 -5.60 -44.04 -6.93
N ILE B 187 -4.60 -44.62 -7.60
CA ILE B 187 -3.34 -44.97 -6.97
C ILE B 187 -2.22 -44.23 -7.68
N LEU B 188 -1.58 -43.31 -6.97
CA LEU B 188 -0.47 -42.54 -7.50
C LEU B 188 0.85 -43.14 -7.04
N HIS B 189 1.87 -43.07 -7.88
CA HIS B 189 3.23 -43.45 -7.52
C HIS B 189 4.07 -42.19 -7.55
N LEU B 190 4.24 -41.57 -6.39
CA LEU B 190 4.92 -40.29 -6.30
C LEU B 190 6.39 -40.43 -6.66
N LYS B 191 7.03 -39.29 -6.91
CA LYS B 191 8.46 -39.24 -7.14
C LYS B 191 9.17 -38.78 -5.87
N GLU B 192 10.45 -39.17 -5.76
CA GLU B 192 11.22 -38.90 -4.55
C GLU B 192 11.26 -37.40 -4.25
N ASP B 193 11.19 -36.56 -5.27
CA ASP B 193 11.17 -35.12 -5.05
C ASP B 193 9.89 -34.67 -4.36
N GLN B 194 8.81 -35.43 -4.52
CA GLN B 194 7.50 -35.05 -4.00
C GLN B 194 7.00 -35.99 -2.92
N THR B 195 7.88 -36.82 -2.34
CA THR B 195 7.45 -37.74 -1.29
C THR B 195 7.00 -37.02 -0.03
N GLU B 196 7.14 -35.70 0.03
CA GLU B 196 6.68 -34.94 1.20
C GLU B 196 5.19 -35.09 1.41
N TYR B 197 4.42 -35.23 0.33
CA TYR B 197 2.96 -35.29 0.46
C TYR B 197 2.49 -36.58 1.13
N LEU B 198 3.40 -37.48 1.44
CA LEU B 198 3.01 -38.76 2.03
C LEU B 198 2.58 -38.60 3.48
N GLU B 199 3.25 -37.74 4.25
CA GLU B 199 2.89 -37.56 5.64
C GLU B 199 1.56 -36.81 5.76
N GLU B 200 1.06 -36.72 7.00
CA GLU B 200 -0.30 -36.25 7.23
C GLU B 200 -0.42 -34.75 7.40
N ARG B 201 0.66 -34.06 7.77
CA ARG B 201 0.56 -32.63 8.06
C ARG B 201 0.19 -31.84 6.81
N ARG B 202 0.96 -32.02 5.73
CA ARG B 202 0.66 -31.30 4.50
C ARG B 202 -0.69 -31.71 3.92
N ILE B 203 -1.06 -32.99 4.07
CA ILE B 203 -2.36 -33.45 3.59
C ILE B 203 -3.48 -32.71 4.32
N LYS B 204 -3.40 -32.67 5.64
CA LYS B 204 -4.39 -31.93 6.43
C LYS B 204 -4.43 -30.47 6.01
N GLU B 205 -3.28 -29.83 5.90
CA GLU B 205 -3.23 -28.41 5.56
C GLU B 205 -3.85 -28.15 4.19
N ILE B 206 -3.57 -29.02 3.22
CA ILE B 206 -4.12 -28.84 1.88
C ILE B 206 -5.62 -29.03 1.89
N VAL B 207 -6.09 -30.19 2.38
CA VAL B 207 -7.53 -30.46 2.35
C VAL B 207 -8.31 -29.51 3.24
N LYS B 208 -7.65 -28.79 4.14
CA LYS B 208 -8.36 -27.75 4.87
C LYS B 208 -8.33 -26.42 4.12
N LYS B 209 -7.23 -26.14 3.42
CA LYS B 209 -7.19 -24.92 2.61
C LYS B 209 -8.15 -25.02 1.44
N HIS B 210 -7.93 -25.98 0.55
CA HIS B 210 -8.87 -26.25 -0.53
C HIS B 210 -9.78 -27.41 -0.14
N SER B 211 -10.95 -27.45 -0.76
CA SER B 211 -11.87 -28.59 -0.66
C SER B 211 -12.27 -28.88 0.78
N GLN B 212 -12.24 -27.87 1.66
CA GLN B 212 -12.69 -28.08 3.03
C GLN B 212 -14.20 -28.23 3.10
N PHE B 213 -14.93 -27.46 2.31
CA PHE B 213 -16.40 -27.51 2.32
C PHE B 213 -16.88 -28.41 1.18
N ILE B 214 -16.69 -29.71 1.39
CA ILE B 214 -17.19 -30.73 0.47
C ILE B 214 -18.29 -31.49 1.20
N GLY B 215 -19.39 -31.74 0.49
CA GLY B 215 -20.57 -32.34 1.09
C GLY B 215 -20.44 -33.78 1.51
N TYR B 216 -19.24 -34.35 1.48
CA TYR B 216 -19.05 -35.75 1.82
C TYR B 216 -17.86 -35.91 2.76
N PRO B 217 -17.89 -36.90 3.64
CA PRO B 217 -16.83 -37.03 4.66
C PRO B 217 -15.53 -37.48 4.03
N ILE B 218 -14.45 -36.76 4.37
CA ILE B 218 -13.09 -37.13 3.97
C ILE B 218 -12.39 -37.70 5.19
N THR B 219 -11.85 -38.91 5.07
CA THR B 219 -11.26 -39.63 6.19
C THR B 219 -9.83 -40.01 5.86
N LEU B 220 -8.88 -39.46 6.61
CA LEU B 220 -7.50 -39.89 6.50
C LEU B 220 -7.31 -41.25 7.16
N PHE B 221 -6.33 -42.01 6.67
CA PHE B 221 -6.12 -43.39 7.08
C PHE B 221 -4.66 -43.64 7.42
N VAL B 222 -4.07 -42.77 8.25
CA VAL B 222 -2.70 -42.97 8.68
C VAL B 222 -2.60 -44.24 9.53
N GLU B 223 -1.39 -44.79 9.61
CA GLU B 223 -1.16 -46.07 10.25
C GLU B 223 -0.16 -45.92 11.40
N LYS B 224 -0.37 -44.92 12.25
CA LYS B 224 0.57 -44.60 13.32
C LYS B 224 0.38 -45.54 14.53
N GLU B 225 0.62 -46.82 14.30
CA GLU B 225 0.55 -47.81 15.37
C GLU B 225 1.91 -47.90 16.07
N ARG B 226 1.92 -47.68 17.38
CA ARG B 226 3.18 -47.59 18.11
C ARG B 226 3.84 -48.95 18.27
N ASP B 227 3.07 -49.95 18.70
CA ASP B 227 3.58 -51.30 18.97
C ASP B 227 4.72 -51.27 19.98
N LYS B 228 4.50 -50.56 21.09
CA LYS B 228 5.50 -50.46 22.15
C LYS B 228 5.29 -51.50 23.24
N GLU B 229 4.28 -52.37 23.12
CA GLU B 229 4.03 -53.44 24.06
C GLU B 229 4.04 -52.99 25.52
N LYS B 279 -0.63 -54.07 25.57
CA LYS B 279 -1.82 -53.23 25.71
C LYS B 279 -1.48 -51.77 25.47
N ILE B 280 -0.20 -51.42 25.68
CA ILE B 280 0.23 -50.03 25.61
C ILE B 280 0.25 -49.51 24.18
N LYS B 281 0.04 -50.36 23.19
CA LYS B 281 -0.01 -49.91 21.81
C LYS B 281 -1.16 -48.94 21.62
N GLU B 282 -0.93 -47.91 20.81
CA GLU B 282 -1.93 -46.86 20.59
C GLU B 282 -2.03 -46.54 19.10
N LYS B 283 -3.21 -46.10 18.71
CA LYS B 283 -3.50 -45.67 17.34
C LYS B 283 -3.17 -46.77 16.33
N TYR B 284 -3.80 -47.94 16.54
CA TYR B 284 -3.64 -49.06 15.63
C TYR B 284 -3.92 -48.64 14.19
N ILE B 285 -5.07 -48.02 13.97
CA ILE B 285 -5.42 -47.44 12.68
C ILE B 285 -6.31 -46.24 12.95
N ASP B 286 -5.99 -45.11 12.30
CA ASP B 286 -6.59 -43.83 12.63
C ASP B 286 -7.53 -43.39 11.51
N GLN B 287 -8.83 -43.42 11.78
CA GLN B 287 -9.83 -42.84 10.90
C GLN B 287 -10.32 -41.54 11.54
N GLU B 288 -10.07 -40.41 10.88
CA GLU B 288 -10.48 -39.12 11.40
C GLU B 288 -11.00 -38.27 10.25
N GLU B 289 -12.08 -37.55 10.50
CA GLU B 289 -12.67 -36.69 9.49
C GLU B 289 -11.95 -35.35 9.43
N LEU B 290 -12.04 -34.71 8.27
CA LEU B 290 -11.44 -33.39 8.06
C LEU B 290 -12.49 -32.34 7.73
N ASN B 291 -13.40 -32.64 6.81
CA ASN B 291 -14.51 -31.74 6.50
C ASN B 291 -15.58 -31.87 7.58
N LYS B 292 -15.25 -31.35 8.76
CA LYS B 292 -16.12 -31.49 9.91
C LYS B 292 -17.32 -30.54 9.83
N THR B 293 -17.06 -29.28 9.47
CA THR B 293 -18.09 -28.26 9.48
C THR B 293 -18.76 -28.15 8.12
N LYS B 294 -20.08 -28.22 8.12
CA LYS B 294 -20.87 -28.06 6.90
C LYS B 294 -20.94 -26.59 6.51
N PRO B 295 -21.06 -26.30 5.22
CA PRO B 295 -21.22 -24.91 4.77
C PRO B 295 -22.65 -24.44 5.03
N ILE B 296 -22.80 -23.57 6.03
CA ILE B 296 -24.14 -23.16 6.42
C ILE B 296 -24.70 -22.09 5.48
N TRP B 297 -23.81 -21.32 4.82
CA TRP B 297 -24.29 -20.28 3.92
C TRP B 297 -25.16 -20.83 2.81
N THR B 298 -24.95 -22.11 2.45
CA THR B 298 -25.83 -22.74 1.47
C THR B 298 -27.25 -22.85 2.00
N ARG B 299 -27.40 -23.09 3.30
CA ARG B 299 -28.72 -23.18 3.90
C ARG B 299 -29.44 -21.84 3.81
N ASN B 300 -30.75 -21.90 3.91
CA ASN B 300 -31.57 -20.70 3.85
C ASN B 300 -31.55 -19.99 5.21
N PRO B 301 -31.48 -18.65 5.22
CA PRO B 301 -31.56 -17.93 6.49
C PRO B 301 -32.95 -18.02 7.10
N ASP B 302 -33.16 -17.34 8.22
CA ASP B 302 -34.38 -17.39 9.03
C ASP B 302 -34.58 -18.76 9.67
N ASP B 303 -33.70 -19.72 9.41
CA ASP B 303 -33.69 -21.03 10.05
C ASP B 303 -32.44 -21.25 10.89
N ILE B 304 -31.31 -20.74 10.43
CA ILE B 304 -30.08 -20.76 11.22
C ILE B 304 -30.25 -19.82 12.40
N THR B 305 -30.28 -20.38 13.60
CA THR B 305 -30.31 -19.54 14.79
C THR B 305 -29.00 -18.79 14.95
N ASN B 306 -28.99 -17.84 15.88
CA ASN B 306 -27.76 -17.07 16.13
C ASN B 306 -26.67 -17.93 16.75
N GLU B 307 -26.94 -19.20 17.04
CA GLU B 307 -25.93 -20.06 17.63
C GLU B 307 -24.99 -20.63 16.57
N GLU B 308 -25.55 -21.37 15.61
CA GLU B 308 -24.75 -22.07 14.60
C GLU B 308 -23.71 -21.17 13.96
N TYR B 309 -24.07 -19.90 13.74
CA TYR B 309 -23.09 -18.93 13.27
C TYR B 309 -21.88 -18.89 14.18
N GLY B 310 -22.09 -19.09 15.48
CA GLY B 310 -20.98 -19.10 16.43
C GLY B 310 -19.98 -20.20 16.15
N GLU B 311 -20.45 -21.45 16.10
CA GLU B 311 -19.56 -22.57 15.81
C GLU B 311 -18.91 -22.41 14.44
N PHE B 312 -19.67 -21.93 13.46
CA PHE B 312 -19.07 -21.73 12.14
C PHE B 312 -17.95 -20.69 12.20
N TYR B 313 -18.14 -19.65 13.01
CA TYR B 313 -17.09 -18.65 13.18
C TYR B 313 -15.87 -19.25 13.84
N LYS B 314 -16.07 -19.98 14.95
CA LYS B 314 -14.95 -20.57 15.66
C LYS B 314 -14.17 -21.54 14.78
N SER B 315 -14.88 -22.33 13.96
CA SER B 315 -14.21 -23.30 13.11
C SER B 315 -13.50 -22.62 11.95
N LEU B 316 -14.20 -21.71 11.26
CA LEU B 316 -13.60 -21.01 10.12
C LEU B 316 -12.33 -20.29 10.52
N THR B 317 -12.40 -19.51 11.61
CA THR B 317 -11.24 -18.83 12.16
C THR B 317 -11.09 -19.23 13.62
N ASN B 318 -9.92 -19.76 13.96
CA ASN B 318 -9.67 -20.21 15.33
C ASN B 318 -9.82 -19.06 16.31
N ASP B 319 -10.80 -19.18 17.19
CA ASP B 319 -11.10 -18.11 18.14
C ASP B 319 -11.75 -18.73 19.36
N TRP B 320 -11.51 -18.11 20.50
CA TRP B 320 -12.06 -18.56 21.77
C TRP B 320 -13.40 -17.92 22.10
N GLU B 321 -13.83 -16.92 21.34
CA GLU B 321 -15.04 -16.18 21.64
C GLU B 321 -15.92 -16.10 20.40
N ASP B 322 -17.21 -15.87 20.64
CA ASP B 322 -18.18 -15.78 19.55
C ASP B 322 -17.92 -14.54 18.71
N HIS B 323 -18.65 -14.44 17.61
CA HIS B 323 -18.62 -13.25 16.77
C HIS B 323 -19.39 -12.13 17.46
N LEU B 324 -19.54 -11.00 16.77
CA LEU B 324 -20.30 -9.87 17.28
C LEU B 324 -21.63 -9.68 16.56
N ALA B 325 -21.61 -9.72 15.22
CA ALA B 325 -22.82 -9.65 14.44
C ALA B 325 -22.58 -10.37 13.12
N VAL B 326 -23.68 -10.76 12.47
CA VAL B 326 -23.60 -11.54 11.24
C VAL B 326 -24.58 -10.97 10.23
N LYS B 327 -24.14 -10.88 8.98
CA LYS B 327 -24.99 -10.50 7.86
C LYS B 327 -24.94 -11.62 6.83
N HIS B 328 -26.11 -12.17 6.51
CA HIS B 328 -26.22 -13.28 5.58
C HIS B 328 -27.25 -12.92 4.53
N PHE B 329 -26.80 -12.67 3.31
CA PHE B 329 -27.66 -12.21 2.23
C PHE B 329 -27.28 -12.96 0.96
N SER B 330 -27.96 -12.62 -0.14
CA SER B 330 -27.74 -13.30 -1.40
C SER B 330 -28.26 -12.44 -2.53
N VAL B 331 -27.63 -12.56 -3.69
CA VAL B 331 -27.99 -11.83 -4.90
C VAL B 331 -28.45 -12.84 -5.94
N GLU B 332 -29.53 -12.51 -6.66
CA GLU B 332 -30.15 -13.43 -7.60
C GLU B 332 -30.22 -12.86 -9.01
N GLY B 333 -29.41 -11.86 -9.33
CA GLY B 333 -29.39 -11.31 -10.67
C GLY B 333 -28.67 -12.23 -11.66
N GLN B 334 -28.34 -11.71 -12.83
CA GLN B 334 -27.52 -12.48 -13.77
C GLN B 334 -26.17 -12.85 -13.17
N LEU B 335 -25.70 -12.08 -12.19
CA LEU B 335 -24.52 -12.43 -11.41
C LEU B 335 -25.00 -12.93 -10.05
N GLU B 336 -24.95 -14.24 -9.86
CA GLU B 336 -25.54 -14.89 -8.70
C GLU B 336 -24.46 -15.32 -7.73
N PHE B 337 -24.67 -15.03 -6.45
CA PHE B 337 -23.76 -15.44 -5.39
C PHE B 337 -24.43 -15.23 -4.04
N ARG B 338 -24.05 -16.05 -3.08
CA ARG B 338 -24.43 -15.88 -1.69
C ARG B 338 -23.22 -15.44 -0.89
N ALA B 339 -23.48 -14.78 0.24
CA ALA B 339 -22.40 -14.21 1.03
C ALA B 339 -22.70 -14.35 2.51
N LEU B 340 -21.64 -14.41 3.30
CA LEU B 340 -21.74 -14.51 4.75
C LEU B 340 -20.65 -13.63 5.34
N LEU B 341 -21.04 -12.70 6.21
CA LEU B 341 -20.11 -11.69 6.73
C LEU B 341 -20.15 -11.70 8.24
N PHE B 342 -18.97 -11.77 8.86
CA PHE B 342 -18.82 -11.74 10.30
C PHE B 342 -18.01 -10.51 10.69
N VAL B 343 -18.40 -9.86 11.77
CA VAL B 343 -17.61 -8.79 12.37
C VAL B 343 -17.07 -9.31 13.70
N PRO B 344 -15.75 -9.38 13.87
CA PRO B 344 -15.19 -10.02 15.07
C PRO B 344 -15.51 -9.23 16.32
N ARG B 345 -15.42 -9.92 17.47
CA ARG B 345 -15.63 -9.25 18.75
C ARG B 345 -14.36 -8.55 19.22
N ARG B 346 -13.20 -9.05 18.83
CA ARG B 346 -11.92 -8.47 19.22
C ARG B 346 -11.21 -7.95 17.99
N ALA B 347 -10.75 -6.71 18.05
CA ALA B 347 -9.97 -6.16 16.96
C ALA B 347 -8.61 -6.85 16.90
N PRO B 348 -8.19 -7.36 15.74
CA PRO B 348 -6.87 -7.99 15.66
C PRO B 348 -5.77 -7.00 15.98
N PHE B 349 -4.80 -7.45 16.77
CA PHE B 349 -3.74 -6.56 17.24
C PHE B 349 -2.90 -6.07 16.07
N ASP B 350 -2.58 -6.97 15.14
CA ASP B 350 -1.77 -6.66 13.97
C ASP B 350 -2.62 -6.27 12.76
N LEU B 351 -3.83 -5.76 13.00
CA LEU B 351 -4.75 -5.48 11.90
C LEU B 351 -4.18 -4.46 10.93
N PHE B 352 -3.99 -3.21 11.37
CA PHE B 352 -3.48 -2.18 10.49
C PHE B 352 -2.00 -2.36 10.19
N GLU B 353 -1.32 -3.17 10.99
CA GLU B 353 -0.01 -3.67 10.63
C GLU B 353 -0.13 -4.45 9.32
N ASN B 354 0.68 -4.08 8.33
CA ASN B 354 0.50 -4.68 7.01
C ASN B 354 1.01 -6.11 7.00
N ARG B 355 0.08 -7.07 7.07
CA ARG B 355 0.44 -8.48 7.14
C ARG B 355 0.52 -9.15 5.77
N LYS B 356 0.51 -8.38 4.69
CA LYS B 356 0.34 -8.83 3.31
C LYS B 356 -1.04 -9.47 3.14
N LYS B 357 -1.86 -9.46 4.20
CA LYS B 357 -3.21 -10.01 4.17
C LYS B 357 -4.18 -8.83 4.14
N LYS B 358 -4.61 -8.46 2.94
CA LYS B 358 -5.42 -7.26 2.76
C LYS B 358 -6.88 -7.50 3.09
N ASN B 359 -7.46 -8.60 2.64
CA ASN B 359 -8.86 -8.91 2.90
C ASN B 359 -8.96 -10.35 3.37
N ASN B 360 -9.61 -10.55 4.52
CA ASN B 360 -9.86 -11.89 5.03
C ASN B 360 -11.07 -12.54 4.38
N ILE B 361 -11.67 -11.89 3.39
CA ILE B 361 -12.80 -12.45 2.67
C ILE B 361 -12.29 -13.53 1.74
N LYS B 362 -12.87 -14.73 1.84
CA LYS B 362 -12.50 -15.85 0.99
C LYS B 362 -13.56 -16.03 -0.09
N LEU B 363 -13.10 -16.30 -1.30
CA LEU B 363 -13.97 -16.43 -2.47
C LEU B 363 -14.08 -17.90 -2.84
N TYR B 364 -15.30 -18.41 -2.87
CA TYR B 364 -15.57 -19.81 -3.19
C TYR B 364 -16.44 -19.89 -4.44
N VAL B 365 -16.20 -20.91 -5.25
CA VAL B 365 -17.00 -21.19 -6.42
C VAL B 365 -17.45 -22.64 -6.33
N ARG B 366 -18.75 -22.86 -6.14
CA ARG B 366 -19.31 -24.20 -5.96
C ARG B 366 -18.60 -24.93 -4.83
N ARG B 367 -18.39 -24.22 -3.72
CA ARG B 367 -17.88 -24.79 -2.47
C ARG B 367 -16.45 -25.28 -2.58
N VAL B 368 -15.63 -24.63 -3.42
CA VAL B 368 -14.20 -24.88 -3.44
C VAL B 368 -13.48 -23.54 -3.40
N PHE B 369 -12.31 -23.53 -2.79
CA PHE B 369 -11.55 -22.30 -2.65
C PHE B 369 -11.03 -21.82 -4.01
N ILE B 370 -10.96 -20.50 -4.16
CA ILE B 370 -10.53 -19.91 -5.42
C ILE B 370 -9.35 -18.97 -5.20
N MET B 371 -9.57 -17.92 -4.40
CA MET B 371 -8.56 -16.88 -4.25
C MET B 371 -8.78 -16.18 -2.92
N ASP B 372 -7.69 -15.61 -2.39
CA ASP B 372 -7.73 -14.85 -1.15
C ASP B 372 -6.83 -13.64 -1.27
N ASN B 373 -7.12 -12.63 -0.47
CA ASN B 373 -6.30 -11.43 -0.36
C ASN B 373 -6.15 -10.72 -1.71
N CYS B 374 -7.21 -10.74 -2.51
CA CYS B 374 -7.26 -9.99 -3.77
C CYS B 374 -8.01 -8.70 -3.47
N GLU B 375 -7.27 -7.61 -3.27
CA GLU B 375 -7.78 -6.45 -2.55
C GLU B 375 -9.03 -5.85 -3.18
N GLU B 376 -9.19 -5.95 -4.51
CA GLU B 376 -10.36 -5.33 -5.13
C GLU B 376 -11.67 -5.96 -4.69
N LEU B 377 -11.63 -7.10 -3.99
CA LEU B 377 -12.84 -7.69 -3.44
C LEU B 377 -13.54 -6.72 -2.49
N ILE B 378 -12.81 -6.22 -1.49
CA ILE B 378 -13.36 -5.33 -0.48
C ILE B 378 -12.41 -4.17 -0.28
N PRO B 379 -12.89 -2.95 -0.05
CA PRO B 379 -11.98 -1.83 0.19
C PRO B 379 -11.09 -2.08 1.39
N GLU B 380 -10.01 -1.31 1.48
CA GLU B 380 -8.98 -1.62 2.47
C GLU B 380 -9.49 -1.42 3.90
N TYR B 381 -10.19 -0.31 4.15
CA TYR B 381 -10.58 0.00 5.52
C TYR B 381 -11.54 -1.04 6.10
N LEU B 382 -12.25 -1.78 5.26
CA LEU B 382 -13.09 -2.87 5.74
C LEU B 382 -12.34 -4.20 5.70
N ASN B 383 -11.16 -4.24 6.30
CA ASN B 383 -10.38 -5.47 6.35
C ASN B 383 -10.69 -6.31 7.57
N PHE B 384 -11.21 -5.71 8.64
CA PHE B 384 -11.53 -6.47 9.83
C PHE B 384 -12.67 -7.45 9.57
N ILE B 385 -13.50 -7.18 8.55
CA ILE B 385 -14.58 -8.09 8.21
C ILE B 385 -14.01 -9.42 7.79
N ARG B 386 -14.51 -10.50 8.38
CA ARG B 386 -14.11 -11.86 8.04
C ARG B 386 -15.33 -12.65 7.61
N GLY B 387 -15.20 -13.37 6.50
CA GLY B 387 -16.34 -14.10 5.98
C GLY B 387 -16.03 -14.67 4.61
N VAL B 388 -17.03 -15.33 4.04
CA VAL B 388 -16.90 -16.00 2.76
C VAL B 388 -17.95 -15.47 1.80
N VAL B 389 -17.66 -15.62 0.51
CA VAL B 389 -18.59 -15.29 -0.57
C VAL B 389 -18.51 -16.40 -1.61
N ASP B 390 -19.65 -17.01 -1.91
CA ASP B 390 -19.71 -18.18 -2.78
C ASP B 390 -20.59 -17.86 -3.98
N SER B 391 -20.07 -18.09 -5.17
CA SER B 391 -20.82 -17.93 -6.41
C SER B 391 -21.01 -19.28 -7.08
N GLU B 392 -22.15 -19.46 -7.76
CA GLU B 392 -22.45 -20.72 -8.39
C GLU B 392 -21.80 -20.89 -9.75
N ASP B 393 -21.40 -19.79 -10.38
CA ASP B 393 -20.77 -19.85 -11.70
C ASP B 393 -20.10 -18.52 -12.00
N LEU B 394 -18.88 -18.58 -12.51
CA LEU B 394 -18.09 -17.40 -12.81
C LEU B 394 -17.10 -17.75 -13.91
N PRO B 395 -16.67 -16.76 -14.70
CA PRO B 395 -15.56 -17.01 -15.63
C PRO B 395 -14.28 -17.30 -14.86
N LEU B 396 -13.72 -18.48 -15.11
CA LEU B 396 -12.60 -18.99 -14.32
C LEU B 396 -11.42 -19.29 -15.24
N ASN B 397 -10.26 -18.76 -14.88
CA ASN B 397 -9.03 -19.12 -15.58
C ASN B 397 -8.80 -20.62 -15.48
N ILE B 398 -8.10 -21.16 -16.48
CA ILE B 398 -7.95 -22.61 -16.60
C ILE B 398 -7.40 -23.22 -15.33
N SER B 399 -6.41 -22.57 -14.72
CA SER B 399 -5.86 -23.09 -13.47
C SER B 399 -6.83 -22.98 -12.30
N ARG B 400 -8.00 -22.39 -12.49
CA ARG B 400 -9.01 -22.24 -11.44
C ARG B 400 -8.42 -21.54 -10.22
N GLU B 401 -7.73 -20.43 -10.46
CA GLU B 401 -7.12 -19.65 -9.39
C GLU B 401 -7.34 -18.15 -9.56
N MET B 402 -8.07 -17.70 -10.56
CA MET B 402 -8.33 -16.30 -10.78
C MET B 402 -9.45 -16.17 -11.82
N LEU B 403 -10.08 -15.01 -11.84
CA LEU B 403 -11.18 -14.77 -12.76
C LEU B 403 -10.66 -14.27 -14.10
N GLN B 404 -11.54 -14.30 -15.11
CA GLN B 404 -11.16 -13.82 -16.44
C GLN B 404 -11.25 -12.31 -16.52
N GLN B 405 -12.44 -11.76 -16.31
CA GLN B 405 -12.66 -10.32 -16.33
C GLN B 405 -12.88 -9.83 -14.90
N SER B 406 -11.93 -9.05 -14.40
CA SER B 406 -11.99 -8.53 -13.04
C SER B 406 -13.10 -7.50 -12.84
N LYS B 407 -13.81 -7.12 -13.91
CA LYS B 407 -14.95 -6.22 -13.77
C LYS B 407 -15.98 -6.80 -12.80
N ILE B 408 -16.13 -8.12 -12.77
CA ILE B 408 -17.11 -8.75 -11.89
C ILE B 408 -16.81 -8.43 -10.43
N LEU B 409 -15.53 -8.35 -10.08
CA LEU B 409 -15.14 -8.06 -8.71
C LEU B 409 -15.64 -6.70 -8.25
N LYS B 410 -15.79 -5.75 -9.17
CA LYS B 410 -16.27 -4.42 -8.79
C LYS B 410 -17.72 -4.47 -8.33
N VAL B 411 -18.58 -5.22 -9.04
CA VAL B 411 -19.98 -5.33 -8.63
C VAL B 411 -20.07 -6.01 -7.28
N ILE B 412 -19.31 -7.08 -7.09
CA ILE B 412 -19.26 -7.76 -5.80
C ILE B 412 -18.84 -6.78 -4.72
N ARG B 413 -17.84 -5.94 -5.00
CA ARG B 413 -17.37 -4.99 -4.01
C ARG B 413 -18.47 -4.00 -3.62
N LYS B 414 -19.17 -3.46 -4.61
CA LYS B 414 -20.24 -2.52 -4.32
C LYS B 414 -21.34 -3.17 -3.48
N ASN B 415 -21.76 -4.38 -3.87
CA ASN B 415 -22.79 -5.08 -3.10
C ASN B 415 -22.32 -5.33 -1.67
N LEU B 416 -21.07 -5.77 -1.51
CA LEU B 416 -20.54 -6.05 -0.18
C LEU B 416 -20.53 -4.79 0.68
N VAL B 417 -20.06 -3.67 0.12
CA VAL B 417 -19.94 -2.47 0.94
C VAL B 417 -21.32 -1.94 1.33
N LYS B 418 -22.28 -1.97 0.40
CA LYS B 418 -23.61 -1.48 0.77
C LYS B 418 -24.25 -2.40 1.82
N LYS B 419 -24.03 -3.71 1.71
CA LYS B 419 -24.64 -4.63 2.66
C LYS B 419 -24.00 -4.49 4.04
N CYS B 420 -22.67 -4.35 4.11
CA CYS B 420 -22.05 -4.22 5.42
C CYS B 420 -22.33 -2.86 6.04
N LEU B 421 -22.54 -1.82 5.21
CA LEU B 421 -22.97 -0.55 5.78
C LEU B 421 -24.38 -0.64 6.35
N GLU B 422 -25.28 -1.33 5.65
CA GLU B 422 -26.59 -1.60 6.24
C GLU B 422 -26.45 -2.39 7.55
N LEU B 423 -25.52 -3.34 7.59
CA LEU B 423 -25.28 -4.10 8.80
C LEU B 423 -24.85 -3.20 9.94
N PHE B 424 -23.88 -2.31 9.68
CA PHE B 424 -23.45 -1.37 10.70
C PHE B 424 -24.61 -0.49 11.17
N THR B 425 -25.42 0.00 10.23
CA THR B 425 -26.57 0.82 10.59
C THR B 425 -27.50 0.06 11.55
N GLU B 426 -27.82 -1.19 11.20
CA GLU B 426 -28.68 -1.97 12.08
C GLU B 426 -28.02 -2.25 13.42
N LEU B 427 -26.69 -2.40 13.44
CA LEU B 427 -25.98 -2.62 14.69
C LEU B 427 -26.07 -1.39 15.58
N ALA B 428 -26.05 -0.20 14.99
CA ALA B 428 -26.13 1.03 15.76
C ALA B 428 -27.45 1.17 16.51
N GLU B 429 -28.45 0.35 16.20
CA GLU B 429 -29.72 0.43 16.91
C GLU B 429 -29.57 0.05 18.38
N ASP B 430 -28.63 -0.84 18.67
CA ASP B 430 -28.40 -1.29 20.04
C ASP B 430 -27.23 -0.55 20.61
N LYS B 431 -27.48 0.30 21.58
CA LYS B 431 -26.41 1.12 22.09
C LYS B 431 -25.27 0.34 22.69
N GLU B 432 -25.58 -0.66 23.51
CA GLU B 432 -24.51 -1.35 24.21
C GLU B 432 -23.57 -2.05 23.26
N ASN B 433 -24.13 -2.76 22.29
CA ASN B 433 -23.30 -3.49 21.37
C ASN B 433 -22.50 -2.52 20.54
N TYR B 434 -23.13 -1.43 20.14
CA TYR B 434 -22.43 -0.49 19.29
C TYR B 434 -21.27 0.05 20.03
N LYS B 435 -21.44 0.29 21.31
CA LYS B 435 -20.38 0.92 22.05
C LYS B 435 -19.13 0.08 22.01
N LYS B 436 -19.27 -1.23 22.13
CA LYS B 436 -18.11 -2.09 22.05
C LYS B 436 -17.53 -2.06 20.67
N PHE B 437 -18.38 -2.13 19.66
CA PHE B 437 -17.92 -2.19 18.28
C PHE B 437 -17.23 -0.91 17.88
N TYR B 438 -17.82 0.24 18.21
CA TYR B 438 -17.22 1.52 17.87
C TYR B 438 -15.93 1.75 18.63
N GLU B 439 -15.91 1.41 19.92
CA GLU B 439 -14.69 1.54 20.70
C GLU B 439 -13.55 0.73 20.11
N GLN B 440 -13.86 -0.39 19.47
CA GLN B 440 -12.79 -1.24 18.96
C GLN B 440 -12.46 -1.01 17.49
N PHE B 441 -13.39 -0.48 16.69
CA PHE B 441 -13.16 -0.33 15.26
C PHE B 441 -13.44 1.07 14.76
N SER B 442 -13.41 2.08 15.64
CA SER B 442 -13.71 3.44 15.21
C SER B 442 -12.71 3.93 14.16
N LYS B 443 -11.46 3.51 14.29
CA LYS B 443 -10.42 3.96 13.36
C LYS B 443 -10.76 3.59 11.92
N ASN B 444 -11.33 2.40 11.73
CA ASN B 444 -11.66 1.96 10.38
C ASN B 444 -12.74 2.84 9.77
N ILE B 445 -13.72 3.26 10.58
CA ILE B 445 -14.79 4.12 10.07
C ILE B 445 -14.22 5.46 9.61
N LYS B 446 -13.33 6.05 10.41
CA LYS B 446 -12.73 7.33 10.04
C LYS B 446 -11.83 7.17 8.81
N LEU B 447 -11.10 6.04 8.73
CA LEU B 447 -10.33 5.76 7.53
C LEU B 447 -11.23 5.74 6.29
N GLY B 448 -12.35 5.02 6.37
CA GLY B 448 -13.29 5.01 5.25
C GLY B 448 -13.78 6.40 4.90
N ILE B 449 -14.18 7.17 5.92
CA ILE B 449 -14.62 8.55 5.69
C ILE B 449 -13.54 9.32 4.95
N HIS B 450 -12.27 9.09 5.30
CA HIS B 450 -11.18 9.80 4.65
C HIS B 450 -10.96 9.32 3.22
N GLU B 451 -11.24 8.05 2.93
CA GLU B 451 -10.84 7.46 1.66
C GLU B 451 -11.95 7.47 0.62
N ASP B 452 -13.09 6.84 0.90
CA ASP B 452 -14.16 6.81 -0.09
C ASP B 452 -14.99 8.09 -0.03
N SER B 453 -15.62 8.44 -1.14
CA SER B 453 -16.34 9.71 -1.26
C SER B 453 -17.77 9.52 -1.75
N GLN B 454 -18.35 8.34 -1.56
CA GLN B 454 -19.73 8.10 -1.96
C GLN B 454 -20.58 7.51 -0.85
N ASN B 455 -19.96 6.85 0.13
CA ASN B 455 -20.65 6.41 1.33
C ASN B 455 -20.35 7.31 2.52
N ARG B 456 -19.47 8.30 2.35
CA ARG B 456 -19.12 9.27 3.38
C ARG B 456 -20.36 9.85 4.04
N LYS B 457 -21.37 10.19 3.23
CA LYS B 457 -22.62 10.70 3.79
C LYS B 457 -23.26 9.68 4.72
N LYS B 458 -23.26 8.40 4.33
CA LYS B 458 -23.80 7.35 5.18
C LYS B 458 -22.80 6.88 6.22
N LEU B 459 -21.52 7.16 6.08
CA LEU B 459 -20.59 6.65 7.07
C LEU B 459 -20.56 7.62 8.21
N SER B 460 -20.97 8.84 7.94
CA SER B 460 -20.89 9.87 8.96
C SER B 460 -21.75 9.63 10.17
N GLU B 461 -22.96 9.12 9.95
CA GLU B 461 -23.88 8.96 11.07
C GLU B 461 -23.30 8.04 12.09
N LEU B 462 -22.54 7.07 11.65
CA LEU B 462 -21.98 6.09 12.55
C LEU B 462 -21.07 6.68 13.61
N LEU B 463 -20.38 7.76 13.30
CA LEU B 463 -19.41 8.33 14.24
C LEU B 463 -19.96 8.79 15.57
N ARG B 464 -19.21 8.58 16.65
CA ARG B 464 -19.62 9.06 17.97
C ARG B 464 -18.52 9.97 18.49
N TYR B 465 -18.80 10.84 19.47
CA TYR B 465 -17.83 11.83 19.91
C TYR B 465 -18.11 12.24 21.34
N TYR B 466 -17.09 12.78 21.99
CA TYR B 466 -17.23 13.41 23.29
C TYR B 466 -17.55 14.89 23.10
N THR B 467 -18.54 15.38 23.84
CA THR B 467 -18.92 16.77 23.78
C THR B 467 -18.81 17.40 25.15
N SER B 468 -18.89 18.74 25.18
CA SER B 468 -18.90 19.46 26.44
C SER B 468 -20.10 19.07 27.29
N ALA B 469 -21.27 18.99 26.68
CA ALA B 469 -22.50 18.61 27.37
C ALA B 469 -22.74 17.10 27.34
N SER B 470 -21.87 16.32 26.73
CA SER B 470 -22.06 14.88 26.69
C SER B 470 -21.91 14.26 28.07
N GLY B 471 -20.91 14.69 28.83
CA GLY B 471 -20.60 14.08 30.11
C GLY B 471 -19.44 13.12 30.01
N ASP B 472 -19.75 11.82 30.11
CA ASP B 472 -18.73 10.78 30.02
C ASP B 472 -18.93 9.83 28.84
N GLU B 473 -20.14 9.74 28.29
CA GLU B 473 -20.44 8.82 27.22
C GLU B 473 -20.40 9.53 25.87
N MET B 474 -20.00 8.80 24.84
CA MET B 474 -19.94 9.36 23.49
C MET B 474 -21.35 9.62 22.97
N VAL B 475 -21.44 10.43 21.92
CA VAL B 475 -22.71 10.83 21.34
C VAL B 475 -22.51 11.09 19.86
N SER B 476 -23.57 10.89 19.08
CA SER B 476 -23.50 11.04 17.63
C SER B 476 -23.81 12.48 17.23
N LEU B 477 -23.54 12.79 15.95
CA LEU B 477 -23.74 14.13 15.45
C LEU B 477 -25.22 14.51 15.42
N LYS B 478 -26.10 13.53 15.21
CA LYS B 478 -27.53 13.82 15.19
C LYS B 478 -28.00 14.38 16.54
N ASP B 479 -27.45 13.86 17.63
CA ASP B 479 -27.79 14.40 18.95
C ASP B 479 -27.37 15.86 19.06
N TYR B 480 -26.15 16.18 18.60
CA TYR B 480 -25.71 17.57 18.54
C TYR B 480 -26.68 18.43 17.76
N CYS B 481 -27.03 17.99 16.55
CA CYS B 481 -27.95 18.76 15.71
C CYS B 481 -29.29 18.95 16.39
N THR B 482 -29.76 17.98 17.16
CA THR B 482 -31.02 18.13 17.86
C THR B 482 -30.90 19.11 19.02
N ARG B 483 -29.76 19.10 19.70
CA ARG B 483 -29.54 20.00 20.83
C ARG B 483 -29.01 21.36 20.41
N MET B 484 -28.79 21.60 19.12
CA MET B 484 -28.36 22.90 18.65
C MET B 484 -29.42 23.95 18.93
N LYS B 485 -28.98 25.17 19.25
CA LYS B 485 -29.90 26.26 19.51
C LYS B 485 -30.50 26.76 18.19
N GLU B 486 -31.46 27.67 18.30
CA GLU B 486 -32.16 28.15 17.12
C GLU B 486 -31.28 29.06 16.28
N ASN B 487 -30.50 29.93 16.92
CA ASN B 487 -29.65 30.84 16.18
C ASN B 487 -28.32 30.21 15.80
N GLN B 488 -27.89 29.17 16.50
CA GLN B 488 -26.67 28.47 16.12
C GLN B 488 -26.81 27.87 14.74
N LYS B 489 -25.78 28.06 13.91
CA LYS B 489 -25.81 27.60 12.53
C LYS B 489 -24.59 26.79 12.13
N HIS B 490 -23.69 26.48 13.07
CA HIS B 490 -22.51 25.69 12.80
C HIS B 490 -22.37 24.62 13.86
N ILE B 491 -21.34 23.79 13.70
CA ILE B 491 -21.00 22.76 14.67
C ILE B 491 -19.56 22.99 15.08
N TYR B 492 -19.36 23.44 16.32
CA TYR B 492 -18.04 23.81 16.81
C TYR B 492 -17.33 22.56 17.33
N TYR B 493 -16.18 22.26 16.73
CA TYR B 493 -15.34 21.15 17.15
C TYR B 493 -13.94 21.67 17.46
N ILE B 494 -13.28 21.02 18.42
CA ILE B 494 -11.92 21.36 18.80
C ILE B 494 -11.10 20.08 18.84
N THR B 495 -10.01 20.05 18.08
CA THR B 495 -9.13 18.90 18.02
C THR B 495 -7.89 19.16 18.87
N GLY B 496 -7.47 18.15 19.62
CA GLY B 496 -6.32 18.26 20.50
C GLY B 496 -5.58 16.94 20.57
N GLU B 497 -5.13 16.59 21.78
CA GLU B 497 -4.44 15.34 22.00
C GLU B 497 -4.95 14.55 23.20
N THR B 498 -5.77 15.16 24.06
CA THR B 498 -6.38 14.45 25.18
C THR B 498 -7.61 15.22 25.64
N LYS B 499 -8.59 14.49 26.15
CA LYS B 499 -9.87 15.09 26.51
C LYS B 499 -9.70 16.15 27.58
N ASP B 500 -8.94 15.84 28.63
CA ASP B 500 -8.84 16.74 29.77
C ASP B 500 -8.22 18.08 29.37
N GLN B 501 -7.12 18.04 28.62
CA GLN B 501 -6.47 19.29 28.21
C GLN B 501 -7.37 20.11 27.31
N VAL B 502 -8.08 19.46 26.39
CA VAL B 502 -8.99 20.18 25.50
C VAL B 502 -10.12 20.83 26.30
N ALA B 503 -10.67 20.09 27.26
CA ALA B 503 -11.84 20.58 27.99
C ALA B 503 -11.56 21.88 28.73
N ASN B 504 -10.32 22.10 29.15
CA ASN B 504 -9.94 23.29 29.89
C ASN B 504 -9.18 24.30 29.03
N SER B 505 -9.18 24.11 27.71
CA SER B 505 -8.42 25.00 26.83
C SER B 505 -8.99 26.41 26.88
N ALA B 506 -8.23 27.34 26.29
CA ALA B 506 -8.61 28.74 26.32
C ALA B 506 -9.67 29.09 25.27
N PHE B 507 -9.71 28.36 24.17
CA PHE B 507 -10.62 28.71 23.09
C PHE B 507 -12.07 28.50 23.48
N VAL B 508 -12.36 27.44 24.24
CA VAL B 508 -13.74 27.05 24.51
C VAL B 508 -14.39 27.85 25.64
N GLU B 509 -13.66 28.77 26.26
CA GLU B 509 -14.18 29.46 27.45
C GLU B 509 -15.43 30.27 27.13
N ARG B 510 -15.33 31.16 26.15
CA ARG B 510 -16.49 31.99 25.80
C ARG B 510 -17.66 31.14 25.32
N LEU B 511 -17.37 30.11 24.53
CA LEU B 511 -18.43 29.21 24.04
C LEU B 511 -19.14 28.55 25.21
N ARG B 512 -18.39 27.84 26.05
CA ARG B 512 -18.98 27.16 27.20
C ARG B 512 -19.74 28.13 28.09
N LYS B 513 -19.25 29.38 28.20
CA LYS B 513 -19.98 30.38 28.98
C LYS B 513 -21.31 30.72 28.33
N HIS B 514 -21.34 30.82 27.00
CA HIS B 514 -22.57 31.19 26.31
C HIS B 514 -23.59 30.05 26.30
N GLY B 515 -23.14 28.82 26.49
CA GLY B 515 -24.05 27.68 26.54
C GLY B 515 -23.97 26.75 25.36
N LEU B 516 -23.22 27.12 24.32
CA LEU B 516 -23.11 26.29 23.14
C LEU B 516 -22.36 25.00 23.46
N GLU B 517 -22.48 24.04 22.56
CA GLU B 517 -21.82 22.75 22.70
C GLU B 517 -20.62 22.66 21.76
N VAL B 518 -19.64 21.85 22.15
CA VAL B 518 -18.41 21.70 21.40
C VAL B 518 -18.05 20.22 21.33
N ILE B 519 -17.28 19.85 20.31
CA ILE B 519 -16.93 18.47 20.03
C ILE B 519 -15.45 18.26 20.35
N TYR B 520 -15.14 17.20 21.09
CA TYR B 520 -13.77 16.85 21.44
C TYR B 520 -13.28 15.76 20.51
N MET B 521 -12.30 16.08 19.68
CA MET B 521 -11.60 15.11 18.84
C MET B 521 -10.19 14.96 19.36
N ILE B 522 -9.87 13.79 19.91
CA ILE B 522 -8.65 13.63 20.69
C ILE B 522 -7.81 12.47 20.19
N GLU B 523 -7.89 12.15 18.90
CA GLU B 523 -7.01 11.14 18.34
C GLU B 523 -6.42 11.66 17.03
N PRO B 524 -5.18 11.26 16.71
CA PRO B 524 -4.55 11.76 15.48
C PRO B 524 -5.32 11.43 14.22
N ILE B 525 -6.03 10.29 14.19
CA ILE B 525 -6.77 9.91 12.99
C ILE B 525 -7.89 10.89 12.69
N ASP B 526 -8.29 11.71 13.67
CA ASP B 526 -9.38 12.66 13.46
C ASP B 526 -9.09 13.59 12.29
N GLU B 527 -8.01 14.36 12.38
CA GLU B 527 -7.73 15.44 11.43
C GLU B 527 -7.98 15.01 9.99
N TYR B 528 -7.48 13.82 9.62
CA TYR B 528 -7.70 13.29 8.29
C TYR B 528 -9.18 13.21 7.96
N CYS B 529 -9.99 12.80 8.94
CA CYS B 529 -11.43 12.66 8.69
C CYS B 529 -12.11 14.01 8.59
N VAL B 530 -11.89 14.89 9.57
CA VAL B 530 -12.63 16.15 9.62
C VAL B 530 -12.25 17.04 8.44
N GLN B 531 -10.98 17.01 8.02
CA GLN B 531 -10.55 17.91 6.95
C GLN B 531 -11.25 17.59 5.63
N GLN B 532 -11.86 16.42 5.52
CA GLN B 532 -12.67 16.11 4.35
C GLN B 532 -14.16 16.06 4.68
N LEU B 533 -14.50 15.89 5.96
CA LEU B 533 -15.88 15.99 6.42
C LEU B 533 -16.15 17.46 6.77
N LYS B 534 -16.47 18.23 5.74
CA LYS B 534 -16.64 19.67 5.88
C LYS B 534 -18.09 20.08 6.11
N GLU B 535 -19.02 19.13 6.19
CA GLU B 535 -20.42 19.47 6.31
C GLU B 535 -21.19 18.24 6.77
N PHE B 536 -22.26 18.47 7.53
CA PHE B 536 -23.13 17.38 7.98
C PHE B 536 -24.54 17.92 8.13
N GLU B 537 -25.43 17.50 7.24
CA GLU B 537 -26.87 17.79 7.32
C GLU B 537 -27.13 19.29 7.39
N GLY B 538 -26.70 19.99 6.35
CA GLY B 538 -26.99 21.41 6.23
C GLY B 538 -26.14 22.30 7.12
N LYS B 539 -25.61 21.73 8.20
CA LYS B 539 -24.78 22.47 9.15
C LYS B 539 -23.31 22.23 8.86
N THR B 540 -22.52 23.29 8.90
CA THR B 540 -21.11 23.23 8.56
C THR B 540 -20.25 23.11 9.81
N LEU B 541 -19.17 22.36 9.70
CA LEU B 541 -18.23 22.18 10.80
C LEU B 541 -17.22 23.32 10.81
N VAL B 542 -17.03 23.92 11.97
CA VAL B 542 -16.07 25.01 12.15
C VAL B 542 -15.17 24.68 13.34
N SER B 543 -13.87 24.87 13.16
CA SER B 543 -12.94 24.64 14.25
C SER B 543 -12.78 25.89 15.10
N VAL B 544 -12.84 25.71 16.42
CA VAL B 544 -12.76 26.85 17.33
C VAL B 544 -11.38 27.47 17.39
N THR B 545 -10.36 26.80 16.85
CA THR B 545 -9.01 27.36 16.78
C THR B 545 -8.69 27.88 15.39
N LYS B 546 -9.66 28.46 14.71
CA LYS B 546 -9.45 29.16 13.45
C LYS B 546 -9.56 30.67 13.66
N GLU B 547 -8.95 31.41 12.74
CA GLU B 547 -8.87 32.86 12.90
C GLU B 547 -10.26 33.50 12.93
N GLY B 548 -11.01 33.35 11.84
CA GLY B 548 -12.30 34.01 11.73
C GLY B 548 -13.42 33.29 12.45
N LEU B 549 -13.43 33.36 13.77
CA LEU B 549 -14.48 32.74 14.57
C LEU B 549 -15.49 33.81 14.99
N GLU B 550 -16.77 33.52 14.76
CA GLU B 550 -17.84 34.45 15.10
C GLU B 550 -18.96 33.67 15.78
N LEU B 551 -19.64 34.36 16.69
CA LEU B 551 -20.72 33.78 17.48
C LEU B 551 -21.93 34.69 17.41
N PRO B 552 -23.14 34.14 17.53
CA PRO B 552 -24.34 34.98 17.50
C PRO B 552 -24.48 35.81 18.77
N GLU B 553 -24.23 37.11 18.66
CA GLU B 553 -24.29 38.03 19.79
C GLU B 553 -25.32 39.12 19.53
N ASP B 554 -25.42 40.05 20.47
CA ASP B 554 -26.29 41.20 20.35
C ASP B 554 -25.50 42.37 19.77
N GLU B 555 -26.12 43.55 19.70
CA GLU B 555 -25.48 44.71 19.09
C GLU B 555 -24.62 45.49 20.08
N GLU B 556 -25.05 45.58 21.35
CA GLU B 556 -24.19 46.23 22.35
C GLU B 556 -22.91 45.43 22.55
N GLU B 557 -22.94 44.13 22.30
CA GLU B 557 -21.70 43.37 22.25
C GLU B 557 -20.77 43.90 21.16
N LYS B 558 -21.33 44.20 19.98
CA LYS B 558 -20.53 44.75 18.90
C LYS B 558 -20.00 46.13 19.25
N LYS B 559 -20.80 46.94 19.95
CA LYS B 559 -20.35 48.25 20.37
C LYS B 559 -19.20 48.14 21.37
N LYS B 560 -19.33 47.24 22.34
CA LYS B 560 -18.22 47.01 23.27
C LYS B 560 -16.98 46.52 22.55
N GLN B 561 -17.17 45.66 21.55
CA GLN B 561 -16.02 45.13 20.81
C GLN B 561 -15.32 46.24 20.04
N GLU B 562 -16.08 47.09 19.35
CA GLU B 562 -15.45 48.16 18.58
C GLU B 562 -14.81 49.20 19.49
N GLU B 563 -15.39 49.47 20.66
CA GLU B 563 -14.76 50.40 21.57
C GLU B 563 -13.49 49.81 22.18
N LYS B 564 -13.47 48.50 22.43
CA LYS B 564 -12.24 47.86 22.88
C LYS B 564 -11.18 47.89 21.79
N LYS B 565 -11.60 47.77 20.53
CA LYS B 565 -10.66 47.91 19.42
C LYS B 565 -10.08 49.31 19.37
N THR B 566 -10.93 50.32 19.46
CA THR B 566 -10.47 51.71 19.48
C THR B 566 -9.69 52.06 20.74
N LYS B 567 -9.74 51.22 21.77
CA LYS B 567 -8.91 51.45 22.95
C LYS B 567 -7.56 50.76 22.84
N PHE B 568 -7.52 49.55 22.30
CA PHE B 568 -6.30 48.76 22.24
C PHE B 568 -5.67 48.73 20.84
N GLU B 569 -6.08 49.64 19.95
CA GLU B 569 -5.55 49.63 18.59
C GLU B 569 -4.08 50.02 18.52
N ASN B 570 -3.60 50.78 19.50
CA ASN B 570 -2.19 51.12 19.55
C ASN B 570 -1.37 50.01 20.21
N LEU B 571 -1.94 49.36 21.23
CA LEU B 571 -1.21 48.33 21.95
C LEU B 571 -0.89 47.15 21.05
N CYS B 572 -1.81 46.79 20.16
CA CYS B 572 -1.55 45.66 19.27
C CYS B 572 -0.42 46.00 18.29
N LYS B 573 -0.37 47.24 17.80
CA LYS B 573 0.77 47.64 16.97
C LYS B 573 2.07 47.60 17.76
N ILE B 574 2.04 48.08 19.01
CA ILE B 574 3.23 48.09 19.85
C ILE B 574 3.75 46.67 20.06
N MET B 575 2.85 45.74 20.38
CA MET B 575 3.25 44.35 20.50
C MET B 575 3.59 43.71 19.16
N LYS B 576 3.14 44.31 18.05
CA LYS B 576 3.44 43.76 16.74
C LYS B 576 4.85 44.11 16.29
N ASP B 577 5.32 45.32 16.63
CA ASP B 577 6.70 45.64 16.27
C ASP B 577 7.70 44.79 17.07
N ILE B 578 7.40 44.53 18.34
CA ILE B 578 8.09 43.48 19.08
C ILE B 578 7.56 42.16 18.52
N LEU B 579 8.23 41.05 18.85
CA LEU B 579 7.80 39.73 18.38
C LEU B 579 7.83 39.64 16.86
N GLU B 580 8.66 40.49 16.25
CA GLU B 580 8.62 40.67 14.82
C GLU B 580 8.93 39.37 14.09
N LYS B 581 8.14 39.09 13.06
CA LYS B 581 8.25 37.91 12.21
C LYS B 581 8.05 36.60 12.98
N LYS B 582 7.59 36.68 14.24
CA LYS B 582 7.16 35.49 14.96
C LYS B 582 5.67 35.24 14.83
N VAL B 583 4.88 36.30 14.68
CA VAL B 583 3.43 36.20 14.49
C VAL B 583 3.03 37.21 13.42
N GLU B 584 2.07 36.82 12.58
CA GLU B 584 1.69 37.63 11.44
C GLU B 584 0.68 38.71 11.78
N LYS B 585 -0.01 38.62 12.92
CA LYS B 585 -1.00 39.62 13.28
C LYS B 585 -1.36 39.46 14.74
N VAL B 586 -1.76 40.57 15.36
CA VAL B 586 -2.21 40.58 16.76
C VAL B 586 -3.42 41.50 16.86
N VAL B 587 -4.55 40.93 17.27
CA VAL B 587 -5.82 41.65 17.31
C VAL B 587 -6.53 41.34 18.62
N VAL B 588 -7.54 42.17 18.93
CA VAL B 588 -8.36 41.95 20.10
C VAL B 588 -9.28 40.74 19.87
N SER B 589 -9.36 39.88 20.88
CA SER B 589 -10.10 38.63 20.74
C SER B 589 -11.58 38.83 21.04
N ASN B 590 -12.36 37.80 20.71
CA ASN B 590 -13.77 37.75 21.03
C ASN B 590 -14.18 36.40 21.63
N ARG B 591 -13.22 35.49 21.82
CA ARG B 591 -13.50 34.15 22.33
C ARG B 591 -12.77 33.86 23.64
N LEU B 592 -12.07 34.83 24.21
CA LEU B 592 -11.22 34.60 25.37
C LEU B 592 -11.84 35.24 26.61
N VAL B 593 -12.01 34.44 27.66
CA VAL B 593 -12.45 34.91 28.97
C VAL B 593 -11.68 34.15 30.02
N THR B 594 -11.12 34.87 31.00
CA THR B 594 -10.29 34.29 32.05
C THR B 594 -9.03 33.66 31.45
N SER B 595 -8.39 34.40 30.55
CA SER B 595 -7.11 34.05 29.96
C SER B 595 -6.53 35.29 29.29
N PRO B 596 -5.28 35.66 29.56
CA PRO B 596 -4.74 36.90 29.00
C PRO B 596 -4.70 36.92 27.49
N CYS B 597 -4.05 35.93 26.88
CA CYS B 597 -3.89 35.92 25.43
C CYS B 597 -3.75 34.49 24.95
N CYS B 598 -4.27 34.24 23.75
CA CYS B 598 -4.15 32.97 23.07
C CYS B 598 -3.80 33.21 21.61
N ILE B 599 -3.11 32.25 21.01
CA ILE B 599 -2.71 32.34 19.62
C ILE B 599 -3.63 31.45 18.80
N VAL B 600 -3.79 31.80 17.52
CA VAL B 600 -4.69 31.08 16.63
C VAL B 600 -4.12 31.13 15.22
N THR B 601 -4.34 30.03 14.48
CA THR B 601 -3.83 29.92 13.13
C THR B 601 -4.79 30.57 12.13
N SER B 602 -4.26 30.84 10.94
CA SER B 602 -5.03 31.52 9.91
C SER B 602 -6.19 30.65 9.43
N THR B 603 -7.12 31.29 8.73
CA THR B 603 -8.31 30.59 8.24
C THR B 603 -7.95 29.48 7.25
N TYR B 604 -6.93 29.70 6.43
CA TYR B 604 -6.51 28.74 5.43
C TYR B 604 -5.10 28.25 5.76
N GLY B 605 -4.96 26.93 5.84
CA GLY B 605 -3.71 26.32 6.23
C GLY B 605 -3.90 25.35 7.38
N TRP B 606 -2.80 24.70 7.75
CA TRP B 606 -2.82 23.73 8.83
C TRP B 606 -3.13 24.40 10.16
N THR B 607 -3.86 23.68 11.01
CA THR B 607 -4.02 24.10 12.39
C THR B 607 -2.85 23.57 13.22
N ALA B 608 -2.83 23.96 14.50
CA ALA B 608 -1.73 23.58 15.39
C ALA B 608 -1.58 22.07 15.46
N ASN B 609 -2.64 21.37 15.87
CA ASN B 609 -2.56 19.92 16.05
C ASN B 609 -2.26 19.21 14.74
N MET B 610 -2.85 19.68 13.64
CA MET B 610 -2.57 19.08 12.34
C MET B 610 -1.08 19.19 11.98
N GLU B 611 -0.51 20.37 12.17
CA GLU B 611 0.90 20.57 11.87
C GLU B 611 1.77 19.72 12.76
N ARG B 612 1.46 19.66 14.06
CA ARG B 612 2.21 18.79 14.96
C ARG B 612 2.15 17.34 14.51
N ILE B 613 0.94 16.86 14.19
CA ILE B 613 0.75 15.47 13.78
C ILE B 613 1.61 15.16 12.56
N MET B 614 1.46 15.93 11.49
CA MET B 614 2.19 15.57 10.29
C MET B 614 3.63 16.05 10.28
N LYS B 615 4.07 16.75 11.33
CA LYS B 615 5.50 16.91 11.55
C LYS B 615 6.08 15.67 12.22
N ALA B 616 5.35 15.11 13.19
CA ALA B 616 5.80 13.89 13.86
C ALA B 616 5.58 12.65 13.02
N GLN B 617 4.84 12.74 11.92
CA GLN B 617 4.55 11.57 11.10
C GLN B 617 5.82 11.07 10.42
N ALA B 618 6.14 9.80 10.62
CA ALA B 618 7.28 9.20 9.92
C ALA B 618 7.00 9.13 8.43
N LEU B 619 8.08 8.90 7.66
CA LEU B 619 8.02 8.84 6.21
C LEU B 619 7.40 10.10 5.60
N ARG B 620 7.67 11.24 6.24
CA ARG B 620 7.12 12.51 5.79
C ARG B 620 8.06 13.14 4.77
N ASP B 621 7.50 13.99 3.91
CA ASP B 621 8.30 14.69 2.92
C ASP B 621 8.67 16.08 3.44
N ASN B 622 9.98 16.32 3.59
CA ASN B 622 10.46 17.53 4.26
C ASN B 622 10.03 18.80 3.53
N SER B 623 10.06 18.77 2.20
CA SER B 623 9.73 19.96 1.42
C SER B 623 8.32 20.45 1.72
N THR B 624 7.36 19.53 1.81
CA THR B 624 5.99 19.92 2.11
C THR B 624 5.86 20.44 3.54
N MET B 625 6.58 19.82 4.48
CA MET B 625 6.57 20.32 5.85
C MET B 625 7.05 21.76 5.92
N GLY B 626 8.06 22.11 5.14
CA GLY B 626 8.42 23.51 5.00
C GLY B 626 7.38 24.31 4.25
N TYR B 627 6.71 23.66 3.29
CA TYR B 627 5.71 24.34 2.48
C TYR B 627 4.43 24.62 3.28
N MET B 628 3.90 23.59 3.94
CA MET B 628 2.63 23.72 4.62
C MET B 628 2.83 24.05 6.10
N ALA B 629 3.24 25.28 6.37
CA ALA B 629 3.39 25.75 7.74
C ALA B 629 2.31 26.76 8.08
N ALA B 630 1.81 26.70 9.31
CA ALA B 630 0.70 27.55 9.72
C ALA B 630 1.17 28.98 9.94
N LYS B 631 0.27 29.93 9.69
CA LYS B 631 0.51 31.34 9.92
C LYS B 631 -0.24 31.75 11.18
N LYS B 632 0.51 32.04 12.25
CA LYS B 632 -0.11 32.30 13.54
C LYS B 632 -0.70 33.71 13.59
N HIS B 633 -1.64 33.88 14.51
CA HIS B 633 -2.27 35.17 14.77
C HIS B 633 -2.55 35.25 16.27
N LEU B 634 -1.94 36.23 16.93
CA LEU B 634 -2.11 36.37 18.37
C LEU B 634 -3.38 37.14 18.68
N GLU B 635 -4.07 36.71 19.74
CA GLU B 635 -5.29 37.36 20.19
C GLU B 635 -5.20 37.65 21.67
N ILE B 636 -5.66 38.82 22.08
CA ILE B 636 -5.55 39.27 23.45
C ILE B 636 -6.95 39.45 24.04
N ASN B 637 -7.04 39.31 25.36
CA ASN B 637 -8.30 39.48 26.07
C ASN B 637 -8.33 40.88 26.66
N PRO B 638 -9.16 41.79 26.13
CA PRO B 638 -9.16 43.17 26.65
C PRO B 638 -9.72 43.29 28.07
N ASP B 639 -10.23 42.22 28.66
CA ASP B 639 -10.80 42.26 30.00
C ASP B 639 -9.81 41.87 31.08
N HIS B 640 -8.74 41.16 30.74
CA HIS B 640 -7.78 40.70 31.74
C HIS B 640 -7.03 41.88 32.34
N SER B 641 -6.77 41.79 33.66
CA SER B 641 -6.05 42.86 34.33
C SER B 641 -4.63 43.00 33.81
N ILE B 642 -4.00 41.88 33.44
CA ILE B 642 -2.66 41.92 32.89
C ILE B 642 -2.63 42.78 31.63
N ILE B 643 -3.62 42.60 30.75
CA ILE B 643 -3.65 43.35 29.51
C ILE B 643 -3.85 44.84 29.79
N GLU B 644 -4.74 45.18 30.72
CA GLU B 644 -4.96 46.58 31.04
C GLU B 644 -3.71 47.23 31.59
N THR B 645 -3.05 46.57 32.55
CA THR B 645 -1.82 47.13 33.12
C THR B 645 -0.73 47.25 32.07
N LEU B 646 -0.63 46.26 31.18
CA LEU B 646 0.35 46.34 30.10
C LEU B 646 0.04 47.50 29.18
N ARG B 647 -1.24 47.78 28.95
CA ARG B 647 -1.60 48.93 28.13
C ARG B 647 -1.21 50.23 28.82
N GLN B 648 -1.42 50.32 30.14
CA GLN B 648 -0.96 51.49 30.88
C GLN B 648 0.54 51.68 30.69
N LYS B 649 1.30 50.62 30.89
CA LYS B 649 2.76 50.72 30.80
C LYS B 649 3.20 51.08 29.39
N ALA B 650 2.51 50.56 28.37
CA ALA B 650 2.88 50.84 26.99
C ALA B 650 2.57 52.28 26.61
N GLU B 651 1.32 52.72 26.86
CA GLU B 651 0.96 54.10 26.57
C GLU B 651 1.75 55.09 27.40
N ALA B 652 2.29 54.67 28.55
CA ALA B 652 3.14 55.56 29.33
C ALA B 652 4.53 55.67 28.73
N ASP B 653 5.20 54.53 28.52
CA ASP B 653 6.53 54.48 27.93
C ASP B 653 6.42 53.69 26.62
N LYS B 654 6.61 54.37 25.50
CA LYS B 654 6.52 53.70 24.22
C LYS B 654 7.39 52.47 24.26
N ASN B 655 8.65 52.66 24.66
CA ASN B 655 9.60 51.55 24.69
C ASN B 655 10.20 51.32 26.07
N ASP B 656 9.61 50.41 26.84
CA ASP B 656 10.16 50.06 28.12
C ASP B 656 10.49 48.61 27.99
N LYS B 657 11.69 48.24 28.39
CA LYS B 657 12.11 46.86 28.24
C LYS B 657 11.24 45.95 29.07
N SER B 658 10.88 46.40 30.26
CA SER B 658 10.00 45.61 31.11
C SER B 658 8.85 45.10 30.28
N VAL B 659 8.34 45.94 29.41
CA VAL B 659 7.20 45.58 28.57
C VAL B 659 7.64 44.59 27.49
N LYS B 660 8.83 44.80 26.92
CA LYS B 660 9.31 43.92 25.85
C LYS B 660 9.47 42.49 26.34
N ASP B 661 10.23 42.30 27.43
CA ASP B 661 10.42 40.95 27.95
C ASP B 661 9.11 40.36 28.43
N LEU B 662 8.23 41.19 28.99
CA LEU B 662 6.95 40.68 29.49
C LEU B 662 6.09 40.14 28.36
N VAL B 663 6.00 40.89 27.25
CA VAL B 663 5.17 40.43 26.13
C VAL B 663 5.83 39.25 25.45
N ILE B 664 7.16 39.20 25.42
CA ILE B 664 7.85 38.02 24.87
C ILE B 664 7.47 36.78 25.67
N LEU B 665 7.54 36.88 27.00
CA LEU B 665 7.21 35.75 27.85
C LEU B 665 5.73 35.39 27.72
N LEU B 666 4.86 36.40 27.64
CA LEU B 666 3.44 36.14 27.46
C LEU B 666 3.18 35.37 26.17
N TYR B 667 3.82 35.78 25.08
CA TYR B 667 3.67 35.08 23.81
C TYR B 667 4.20 33.66 23.92
N GLU B 668 5.29 33.46 24.64
CA GLU B 668 5.83 32.12 24.81
C GLU B 668 4.82 31.21 25.52
N THR B 669 4.27 31.69 26.64
CA THR B 669 3.29 30.89 27.36
C THR B 669 2.04 30.65 26.52
N ALA B 670 1.60 31.66 25.76
CA ALA B 670 0.43 31.48 24.90
C ALA B 670 0.70 30.42 23.83
N LEU B 671 1.88 30.49 23.20
CA LEU B 671 2.25 29.48 22.22
C LEU B 671 2.27 28.09 22.84
N LEU B 672 2.74 27.99 24.08
CA LEU B 672 2.76 26.69 24.76
C LEU B 672 1.35 26.18 25.00
N SER B 673 0.48 27.01 25.57
CA SER B 673 -0.86 26.56 25.90
C SER B 673 -1.70 26.30 24.66
N SER B 674 -1.43 27.04 23.58
CA SER B 674 -2.25 26.93 22.37
C SER B 674 -2.08 25.57 21.68
N GLY B 675 -1.15 24.74 22.14
CA GLY B 675 -0.93 23.45 21.54
C GLY B 675 0.29 23.40 20.65
N PHE B 676 0.86 24.54 20.29
CA PHE B 676 2.10 24.56 19.52
C PHE B 676 3.26 24.05 20.35
N SER B 677 4.29 23.56 19.66
CA SER B 677 5.53 23.13 20.31
C SER B 677 6.56 24.23 20.17
N LEU B 678 7.13 24.66 21.28
CA LEU B 678 8.10 25.74 21.25
C LEU B 678 9.31 25.34 20.42
N GLU B 679 9.95 26.33 19.80
CA GLU B 679 11.06 26.08 18.90
C GLU B 679 12.31 25.69 19.69
N ASP B 680 12.78 26.57 20.56
CA ASP B 680 13.95 26.32 21.41
C ASP B 680 13.52 26.50 22.86
N PRO B 681 13.03 25.44 23.51
CA PRO B 681 12.56 25.59 24.90
C PRO B 681 13.63 26.03 25.87
N GLN B 682 14.91 25.96 25.49
CA GLN B 682 15.97 26.35 26.40
C GLN B 682 15.88 27.84 26.75
N THR B 683 15.53 28.68 25.78
CA THR B 683 15.42 30.11 26.04
C THR B 683 14.28 30.41 27.01
N HIS B 684 13.14 29.76 26.81
CA HIS B 684 12.02 29.93 27.73
C HIS B 684 12.40 29.45 29.14
N ALA B 685 13.08 28.30 29.21
CA ALA B 685 13.52 27.78 30.51
C ALA B 685 14.47 28.76 31.18
N ASN B 686 15.37 29.36 30.41
CA ASN B 686 16.32 30.32 30.98
C ASN B 686 15.60 31.57 31.47
N ARG B 687 14.59 32.02 30.74
CA ARG B 687 13.78 33.15 31.21
C ARG B 687 13.09 32.81 32.52
N ILE B 688 12.53 31.61 32.61
CA ILE B 688 11.86 31.20 33.84
C ILE B 688 12.87 31.12 35.00
N TYR B 689 14.07 30.60 34.72
CA TYR B 689 15.09 30.50 35.77
C TYR B 689 15.54 31.88 36.22
N ARG B 690 15.65 32.82 35.29
CA ARG B 690 15.98 34.20 35.67
C ARG B 690 14.88 34.80 36.54
N MET B 691 13.63 34.55 36.19
CA MET B 691 12.52 35.03 37.01
C MET B 691 12.58 34.44 38.42
N ILE B 692 12.88 33.14 38.51
CA ILE B 692 12.96 32.48 39.81
C ILE B 692 14.10 33.07 40.63
N LYS B 693 15.27 33.22 40.02
CA LYS B 693 16.42 33.78 40.72
C LYS B 693 16.13 35.19 41.20
N LEU B 694 15.43 35.99 40.38
CA LEU B 694 15.03 37.32 40.80
C LEU B 694 14.07 37.25 41.99
N GLY B 695 13.12 36.31 41.95
CA GLY B 695 12.17 36.21 43.05
C GLY B 695 12.81 35.78 44.35
N LEU B 696 13.81 34.91 44.28
CA LEU B 696 14.46 34.41 45.48
C LEU B 696 15.56 35.33 46.00
N GLY B 697 15.95 36.36 45.24
CA GLY B 697 16.97 37.27 45.68
C GLY B 697 18.38 36.88 45.31
N ILE B 698 18.57 36.12 44.24
CA ILE B 698 19.91 35.71 43.82
C ILE B 698 20.38 36.54 42.64
N TYR C 156 -3.44 -33.20 44.71
CA TYR C 156 -4.38 -32.10 44.49
C TYR C 156 -5.40 -32.45 43.41
N LEU C 157 -6.67 -32.38 43.79
CA LEU C 157 -7.76 -32.75 42.88
C LEU C 157 -8.01 -31.63 41.89
N ILE C 158 -8.48 -32.01 40.70
CA ILE C 158 -8.73 -31.08 39.60
C ILE C 158 -10.00 -31.51 38.87
N GLY C 159 -10.50 -30.63 37.99
CA GLY C 159 -11.79 -30.82 37.38
C GLY C 159 -11.80 -31.65 36.12
N GLN C 160 -12.55 -31.20 35.12
CA GLN C 160 -12.74 -31.95 33.88
C GLN C 160 -11.80 -31.46 32.80
N SER C 161 -11.60 -32.30 31.79
CA SER C 161 -10.58 -32.09 30.77
C SER C 161 -11.20 -31.43 29.53
N ILE C 162 -10.66 -30.28 29.15
CA ILE C 162 -11.04 -29.57 27.93
C ILE C 162 -9.77 -29.08 27.27
N GLY C 163 -9.82 -28.87 25.96
CA GLY C 163 -8.70 -28.32 25.22
C GLY C 163 -8.97 -26.86 24.85
N LYS C 164 -7.97 -26.02 25.07
CA LYS C 164 -8.09 -24.59 24.78
C LYS C 164 -6.75 -24.06 24.28
N GLY C 165 -6.80 -23.27 23.21
CA GLY C 165 -5.62 -22.61 22.69
C GLY C 165 -4.57 -23.51 22.08
N CYS C 166 -4.73 -24.83 22.17
CA CYS C 166 -3.77 -25.80 21.65
C CYS C 166 -2.39 -25.65 22.29
N SER C 167 -2.31 -25.00 23.45
CA SER C 167 -1.04 -24.82 24.13
C SER C 167 -1.14 -25.01 25.64
N ALA C 168 -2.26 -25.50 26.15
CA ALA C 168 -2.43 -25.68 27.59
C ALA C 168 -3.68 -26.51 27.83
N ALA C 169 -3.72 -27.14 29.01
CA ALA C 169 -4.89 -27.86 29.48
C ALA C 169 -5.65 -26.99 30.48
N VAL C 170 -6.91 -27.34 30.71
CA VAL C 170 -7.77 -26.57 31.59
C VAL C 170 -8.59 -27.54 32.45
N TYR C 171 -8.29 -27.58 33.74
CA TYR C 171 -9.05 -28.31 34.73
C TYR C 171 -9.66 -27.30 35.71
N GLU C 172 -10.29 -27.81 36.77
CA GLU C 172 -10.82 -26.96 37.84
C GLU C 172 -10.51 -27.63 39.17
N ALA C 173 -9.58 -27.05 39.93
CA ALA C 173 -9.08 -27.68 41.13
C ALA C 173 -9.90 -27.30 42.36
N THR C 174 -9.72 -28.07 43.42
CA THR C 174 -10.38 -27.81 44.69
C THR C 174 -9.38 -27.33 45.73
N PRO C 215 -13.47 -22.85 44.25
CA PRO C 215 -12.60 -23.64 43.38
C PRO C 215 -11.69 -22.78 42.53
N LEU C 216 -10.48 -23.26 42.26
CA LEU C 216 -9.51 -22.55 41.45
C LEU C 216 -9.21 -23.37 40.19
N ALA C 217 -8.84 -22.65 39.13
CA ALA C 217 -8.64 -23.25 37.82
C ALA C 217 -7.16 -23.53 37.62
N ILE C 218 -6.81 -24.82 37.53
CA ILE C 218 -5.45 -25.24 37.21
C ILE C 218 -5.32 -25.23 35.69
N LYS C 219 -4.70 -24.19 35.16
CA LYS C 219 -4.40 -24.12 33.73
C LYS C 219 -3.08 -24.83 33.51
N MET C 220 -3.14 -26.16 33.40
CA MET C 220 -1.95 -26.96 33.17
C MET C 220 -1.23 -26.49 31.90
N MET C 221 0.08 -26.75 31.86
CA MET C 221 0.90 -26.40 30.71
C MET C 221 1.67 -27.63 30.27
N TRP C 222 1.45 -28.04 29.03
CA TRP C 222 2.08 -29.23 28.46
C TRP C 222 3.09 -28.80 27.42
N ASN C 223 4.36 -29.07 27.68
CA ASN C 223 5.45 -28.71 26.78
C ASN C 223 6.08 -29.97 26.21
N ILE C 224 6.18 -30.03 24.89
CA ILE C 224 6.81 -31.15 24.19
C ILE C 224 8.04 -30.60 23.49
N SER C 225 9.21 -30.85 24.06
CA SER C 225 10.46 -30.27 23.59
C SER C 225 11.06 -31.01 22.39
N ALA C 226 10.27 -31.81 21.68
CA ALA C 226 10.75 -32.49 20.49
C ALA C 226 10.50 -31.71 19.21
N GLY C 227 9.74 -30.62 19.28
CA GLY C 227 9.47 -29.82 18.09
C GLY C 227 9.99 -28.40 18.22
N SER C 228 10.19 -27.74 17.08
CA SER C 228 10.72 -26.38 17.09
C SER C 228 9.74 -25.35 17.64
N SER C 229 8.49 -25.74 17.88
CA SER C 229 7.52 -24.85 18.49
C SER C 229 7.59 -24.86 20.01
N SER C 230 8.32 -25.80 20.61
CA SER C 230 8.51 -25.82 22.05
C SER C 230 9.26 -24.58 22.54
N GLU C 231 10.03 -23.94 21.67
CA GLU C 231 10.64 -22.66 22.02
C GLU C 231 9.56 -21.61 22.28
N ALA C 232 8.55 -21.55 21.42
CA ALA C 232 7.40 -20.70 21.71
C ALA C 232 6.67 -21.18 22.96
N ILE C 233 6.67 -22.49 23.20
CA ILE C 233 5.96 -23.01 24.37
C ILE C 233 6.76 -22.73 25.65
N LEU C 234 8.09 -22.73 25.56
CA LEU C 234 8.86 -22.28 26.72
C LEU C 234 8.71 -20.77 26.90
N ASN C 235 8.49 -20.03 25.81
CA ASN C 235 8.15 -18.62 25.94
C ASN C 235 6.84 -18.46 26.69
N THR C 236 5.87 -19.33 26.44
CA THR C 236 4.64 -19.32 27.22
C THR C 236 4.91 -19.69 28.68
N MET C 237 5.79 -20.66 28.91
CA MET C 237 6.20 -20.99 30.28
C MET C 237 6.71 -19.75 31.01
N SER C 238 7.50 -18.93 30.32
CA SER C 238 8.03 -17.71 30.92
C SER C 238 6.93 -16.66 31.12
N GLN C 239 6.13 -16.43 30.09
CA GLN C 239 5.15 -15.35 30.09
C GLN C 239 3.96 -15.63 31.01
N GLU C 240 3.67 -16.90 31.31
CA GLU C 240 2.71 -17.21 32.34
C GLU C 240 3.38 -17.09 33.72
N LEU C 241 2.59 -17.24 34.78
CA LEU C 241 3.10 -17.15 36.14
C LEU C 241 3.79 -15.82 36.39
N VAL C 242 3.28 -14.74 35.79
CA VAL C 242 3.83 -13.42 36.03
C VAL C 242 3.84 -13.05 37.51
N PRO C 243 2.76 -13.24 38.27
CA PRO C 243 2.81 -12.95 39.71
C PRO C 243 3.37 -14.07 40.57
N ALA C 244 4.04 -15.07 39.98
CA ALA C 244 4.56 -16.18 40.76
C ALA C 244 5.66 -15.71 41.70
N SER C 245 5.65 -16.24 42.92
CA SER C 245 6.67 -15.86 43.89
C SER C 245 8.03 -16.43 43.49
N ARG C 246 9.09 -15.73 43.90
CA ARG C 246 10.44 -16.13 43.49
C ARG C 246 10.86 -17.45 44.11
N VAL C 247 10.43 -17.73 45.35
CA VAL C 247 10.81 -18.96 46.04
C VAL C 247 9.64 -19.94 46.11
N ALA C 248 8.67 -19.82 45.21
CA ALA C 248 7.49 -20.67 45.25
C ALA C 248 7.65 -21.98 44.48
N LEU C 249 8.80 -22.20 43.84
CA LEU C 249 9.00 -23.43 43.09
C LEU C 249 8.99 -24.64 44.02
N ALA C 250 8.36 -25.73 43.55
CA ALA C 250 8.26 -26.96 44.31
C ALA C 250 8.93 -28.14 43.62
N GLY C 251 9.70 -27.90 42.56
CA GLY C 251 10.36 -28.96 41.83
C GLY C 251 11.83 -29.05 42.21
N GLU C 252 12.23 -30.25 42.62
CA GLU C 252 13.62 -30.49 43.02
C GLU C 252 14.56 -30.30 41.83
N TYR C 253 15.82 -29.98 42.15
CA TYR C 253 16.80 -29.75 41.10
C TYR C 253 17.16 -31.05 40.38
N GLY C 254 17.21 -32.16 41.12
CA GLY C 254 17.48 -33.44 40.50
C GLY C 254 16.41 -33.87 39.51
N ALA C 255 15.22 -33.29 39.62
CA ALA C 255 14.12 -33.60 38.71
C ALA C 255 13.83 -32.47 37.73
N VAL C 256 13.98 -31.23 38.17
CA VAL C 256 13.75 -30.05 37.33
C VAL C 256 15.07 -29.32 37.13
N THR C 257 15.36 -28.97 35.88
CA THR C 257 16.61 -28.29 35.56
C THR C 257 16.58 -26.86 36.08
N TYR C 258 17.52 -26.54 36.97
CA TYR C 258 17.60 -25.18 37.51
C TYR C 258 17.79 -24.16 36.39
N ARG C 259 18.46 -24.54 35.31
CA ARG C 259 18.77 -23.59 34.24
C ARG C 259 17.50 -23.12 33.52
N LYS C 260 16.46 -23.95 33.49
CA LYS C 260 15.22 -23.55 32.83
C LYS C 260 14.31 -22.76 33.77
N SER C 261 14.47 -22.94 35.08
CA SER C 261 13.57 -22.36 36.06
C SER C 261 14.21 -21.27 36.91
N LYS C 262 15.50 -20.98 36.72
CA LYS C 262 16.16 -19.97 37.55
C LYS C 262 15.56 -18.59 37.31
N ARG C 263 15.30 -18.25 36.05
CA ARG C 263 14.67 -16.99 35.69
C ARG C 263 13.19 -17.14 35.41
N GLY C 264 12.60 -18.28 35.78
CA GLY C 264 11.17 -18.50 35.66
C GLY C 264 10.37 -17.49 36.47
N PRO C 265 10.58 -17.46 37.78
CA PRO C 265 9.97 -16.42 38.60
C PRO C 265 10.23 -15.04 38.05
N LYS C 266 9.15 -14.33 37.72
CA LYS C 266 9.23 -13.05 37.03
C LYS C 266 9.13 -11.91 38.03
N GLN C 267 10.05 -10.95 37.92
CA GLN C 267 10.01 -9.77 38.76
C GLN C 267 8.87 -8.84 38.34
N LEU C 268 8.67 -8.67 37.04
CA LEU C 268 7.61 -7.83 36.52
C LEU C 268 7.44 -8.11 35.03
N ALA C 269 6.19 -8.12 34.58
CA ALA C 269 5.88 -8.34 33.17
C ALA C 269 4.43 -7.94 32.88
N PRO C 270 4.20 -7.16 31.82
CA PRO C 270 2.81 -6.80 31.47
C PRO C 270 1.94 -8.00 31.13
N HIS C 271 2.36 -8.83 30.17
CA HIS C 271 1.61 -10.00 29.74
C HIS C 271 0.19 -9.64 29.29
N PRO C 272 0.04 -8.94 28.16
CA PRO C 272 -1.31 -8.47 27.77
C PRO C 272 -2.16 -9.54 27.12
N ASN C 273 -1.55 -10.50 26.42
CA ASN C 273 -2.32 -11.38 25.54
C ASN C 273 -3.20 -12.34 26.32
N ILE C 274 -2.61 -13.22 27.12
CA ILE C 274 -3.31 -14.33 27.76
C ILE C 274 -3.71 -13.88 29.16
N ILE C 275 -4.89 -14.33 29.61
CA ILE C 275 -5.42 -13.88 30.89
C ILE C 275 -5.21 -14.95 31.97
N ARG C 276 -5.40 -16.21 31.62
CA ARG C 276 -5.38 -17.28 32.60
C ARG C 276 -3.98 -17.44 33.21
N VAL C 277 -3.90 -18.23 34.28
CA VAL C 277 -2.67 -18.40 35.04
C VAL C 277 -2.76 -19.68 35.86
N LEU C 278 -1.59 -20.18 36.25
CA LEU C 278 -1.44 -21.39 37.05
C LEU C 278 -0.60 -21.06 38.27
N ARG C 279 -0.58 -21.96 39.26
CA ARG C 279 0.28 -21.77 40.41
C ARG C 279 1.75 -21.94 40.01
N ALA C 280 2.64 -21.78 40.98
CA ALA C 280 4.08 -21.73 40.72
C ALA C 280 4.69 -23.08 41.11
N PHE C 281 4.82 -23.95 40.11
CA PHE C 281 5.49 -25.24 40.27
C PHE C 281 5.70 -25.84 38.89
N THR C 282 6.56 -26.86 38.83
CA THR C 282 6.82 -27.57 37.58
C THR C 282 7.21 -29.00 37.91
N SER C 283 6.86 -29.92 37.02
CA SER C 283 7.14 -31.34 37.19
C SER C 283 7.89 -31.86 35.97
N SER C 284 8.97 -32.60 36.22
CA SER C 284 9.74 -33.25 35.17
C SER C 284 10.29 -34.55 35.71
N VAL C 285 10.28 -35.59 34.88
CA VAL C 285 10.70 -36.94 35.25
C VAL C 285 12.13 -36.88 35.78
N PRO C 286 12.51 -37.70 36.76
CA PRO C 286 13.91 -37.71 37.21
C PRO C 286 14.89 -37.95 36.07
N LEU C 287 14.75 -39.05 35.35
CA LEU C 287 15.42 -39.23 34.07
C LEU C 287 14.55 -38.56 33.02
N LEU C 288 14.91 -37.32 32.67
CA LEU C 288 14.04 -36.37 31.98
C LEU C 288 13.38 -36.95 30.73
N PRO C 289 12.26 -36.39 30.29
CA PRO C 289 11.52 -36.98 29.17
C PRO C 289 12.35 -37.05 27.90
N GLY C 290 11.90 -37.90 26.98
CA GLY C 290 12.58 -38.04 25.70
C GLY C 290 12.69 -36.72 24.97
N ALA C 291 13.73 -36.61 24.14
CA ALA C 291 14.11 -35.35 23.52
C ALA C 291 14.30 -34.25 24.56
N LEU C 292 15.23 -34.49 25.48
CA LEU C 292 15.50 -33.56 26.58
C LEU C 292 15.75 -32.16 26.05
N VAL C 293 15.45 -31.16 26.89
CA VAL C 293 15.78 -29.79 26.54
C VAL C 293 17.28 -29.68 26.32
N ASP C 294 17.65 -28.96 25.26
CA ASP C 294 19.06 -28.87 24.88
C ASP C 294 19.90 -28.15 25.92
N TYR C 295 19.26 -27.47 26.88
CA TYR C 295 19.92 -26.58 27.82
C TYR C 295 20.81 -25.61 27.06
N PRO C 296 20.25 -24.75 26.20
CA PRO C 296 21.10 -23.83 25.43
C PRO C 296 21.75 -22.75 26.26
N ASP C 297 21.38 -22.62 27.54
CA ASP C 297 22.00 -21.69 28.48
C ASP C 297 21.96 -20.26 27.95
N VAL C 298 20.99 -20.00 27.07
CA VAL C 298 20.90 -18.75 26.33
C VAL C 298 20.40 -17.65 27.26
N LEU C 299 21.15 -16.55 27.32
CA LEU C 299 20.69 -15.28 27.87
C LEU C 299 19.91 -15.40 29.19
N PRO C 300 20.54 -15.89 30.25
CA PRO C 300 19.82 -15.99 31.53
C PRO C 300 19.37 -14.64 32.08
N SER C 301 20.29 -13.70 32.23
CA SER C 301 19.98 -12.40 32.81
C SER C 301 19.22 -11.48 31.86
N ARG C 302 19.00 -11.88 30.62
CA ARG C 302 18.32 -11.02 29.67
C ARG C 302 16.82 -11.06 29.88
N LEU C 303 16.19 -9.90 29.70
CA LEU C 303 14.74 -9.76 29.76
C LEU C 303 14.23 -9.40 28.37
N HIS C 304 13.25 -10.15 27.88
CA HIS C 304 12.59 -9.75 26.65
C HIS C 304 11.82 -8.46 26.93
N PRO C 305 12.23 -7.34 26.33
CA PRO C 305 11.53 -6.07 26.61
C PRO C 305 10.10 -6.13 26.12
N GLU C 306 9.14 -6.15 27.05
CA GLU C 306 7.74 -6.29 26.67
C GLU C 306 7.32 -5.13 25.79
N GLY C 307 6.71 -5.45 24.66
CA GLY C 307 6.48 -4.46 23.63
C GLY C 307 7.63 -4.29 22.67
N LEU C 308 8.58 -5.23 22.66
CA LEU C 308 9.67 -5.18 21.69
C LEU C 308 9.12 -5.16 20.26
N GLY C 309 8.09 -5.94 19.99
CA GLY C 309 7.48 -5.95 18.68
C GLY C 309 6.74 -4.67 18.38
N HIS C 310 7.31 -3.85 17.51
CA HIS C 310 6.67 -2.63 17.03
C HIS C 310 6.50 -2.74 15.53
N GLY C 311 5.76 -1.79 14.96
CA GLY C 311 5.51 -1.85 13.54
C GLY C 311 5.35 -0.49 12.88
N ARG C 312 5.98 -0.31 11.73
CA ARG C 312 5.78 0.88 10.91
C ARG C 312 4.41 0.76 10.26
N THR C 313 3.43 1.44 10.86
CA THR C 313 2.06 1.34 10.37
C THR C 313 1.94 1.99 8.99
N LEU C 314 0.79 1.76 8.36
CA LEU C 314 0.54 2.28 7.02
C LEU C 314 0.66 3.80 6.99
N PHE C 315 1.22 4.32 5.90
CA PHE C 315 1.39 5.75 5.73
C PHE C 315 0.18 6.34 5.00
N LEU C 316 -0.21 7.53 5.43
CA LEU C 316 -1.39 8.20 4.89
C LEU C 316 -1.02 9.58 4.38
N VAL C 317 -1.85 10.09 3.47
CA VAL C 317 -1.64 11.40 2.89
C VAL C 317 -2.74 12.33 3.38
N MET C 318 -2.43 13.62 3.36
CA MET C 318 -3.32 14.68 3.81
C MET C 318 -3.48 15.69 2.68
N LYS C 319 -4.72 16.01 2.33
CA LYS C 319 -5.02 17.03 1.33
C LYS C 319 -5.93 18.06 1.97
N ASN C 320 -5.38 19.23 2.29
CA ASN C 320 -6.14 20.28 2.94
C ASN C 320 -6.97 21.03 1.92
N TYR C 321 -8.30 20.99 2.08
CA TYR C 321 -9.21 21.71 1.20
C TYR C 321 -9.91 22.82 1.97
N PRO C 322 -9.23 23.93 2.26
CA PRO C 322 -9.80 24.95 3.14
C PRO C 322 -10.80 25.88 2.47
N CYS C 323 -10.60 26.19 1.19
CA CYS C 323 -11.38 27.23 0.53
C CYS C 323 -11.74 26.81 -0.88
N THR C 324 -12.64 27.57 -1.48
CA THR C 324 -12.92 27.49 -2.90
C THR C 324 -12.07 28.50 -3.66
N LEU C 325 -12.17 28.47 -4.98
CA LEU C 325 -11.32 29.34 -5.80
C LEU C 325 -11.65 30.80 -5.60
N ARG C 326 -12.95 31.13 -5.52
CA ARG C 326 -13.35 32.53 -5.41
C ARG C 326 -12.77 33.19 -4.16
N GLN C 327 -12.82 32.50 -3.02
CA GLN C 327 -12.28 33.07 -1.80
C GLN C 327 -10.76 33.19 -1.86
N TYR C 328 -10.08 32.16 -2.39
CA TYR C 328 -8.63 32.21 -2.45
C TYR C 328 -8.14 33.31 -3.38
N LEU C 329 -8.91 33.64 -4.41
CA LEU C 329 -8.55 34.73 -5.30
C LEU C 329 -9.09 36.07 -4.83
N CYS C 330 -10.01 36.08 -3.86
CA CYS C 330 -10.45 37.32 -3.24
C CYS C 330 -9.57 37.73 -2.07
N VAL C 331 -8.81 36.80 -1.50
CA VAL C 331 -7.89 37.15 -0.43
C VAL C 331 -6.51 37.53 -0.98
N ASN C 332 -6.02 36.78 -1.97
CA ASN C 332 -4.75 37.13 -2.62
C ASN C 332 -4.83 36.75 -4.09
N THR C 333 -4.05 37.45 -4.91
CA THR C 333 -3.97 37.17 -6.33
C THR C 333 -2.52 36.92 -6.71
N PRO C 334 -2.15 35.71 -7.13
CA PRO C 334 -0.75 35.40 -7.39
C PRO C 334 -0.26 35.98 -8.72
N SER C 335 1.06 35.93 -8.90
CA SER C 335 1.68 36.44 -10.11
C SER C 335 1.32 35.57 -11.31
N PRO C 336 1.40 36.11 -12.53
CA PRO C 336 0.86 35.40 -13.70
C PRO C 336 1.49 34.04 -13.97
N ARG C 337 2.68 33.76 -13.45
CA ARG C 337 3.32 32.47 -13.73
C ARG C 337 2.49 31.31 -13.19
N LEU C 338 2.34 31.24 -11.87
CA LEU C 338 1.51 30.19 -11.30
C LEU C 338 0.03 30.37 -11.63
N ALA C 339 -0.38 31.57 -12.05
CA ALA C 339 -1.74 31.74 -12.54
C ALA C 339 -1.96 30.96 -13.83
N ALA C 340 -1.07 31.12 -14.80
CA ALA C 340 -1.12 30.30 -16.00
C ALA C 340 -0.95 28.82 -15.66
N MET C 341 -0.16 28.52 -14.62
CA MET C 341 -0.04 27.14 -14.16
C MET C 341 -1.40 26.59 -13.72
N MET C 342 -2.14 27.35 -12.91
CA MET C 342 -3.46 26.93 -12.46
C MET C 342 -4.42 26.79 -13.63
N LEU C 343 -4.34 27.71 -14.60
CA LEU C 343 -5.17 27.59 -15.80
C LEU C 343 -4.85 26.31 -16.57
N LEU C 344 -3.57 25.96 -16.65
CA LEU C 344 -3.18 24.71 -17.31
C LEU C 344 -3.73 23.51 -16.55
N GLN C 345 -3.71 23.56 -15.22
CA GLN C 345 -4.33 22.51 -14.42
C GLN C 345 -5.80 22.37 -14.75
N LEU C 346 -6.51 23.50 -14.78
CA LEU C 346 -7.95 23.48 -15.08
C LEU C 346 -8.21 22.93 -16.48
N LEU C 347 -7.36 23.28 -17.44
CA LEU C 347 -7.55 22.81 -18.80
C LEU C 347 -7.31 21.31 -18.91
N GLU C 348 -6.26 20.81 -18.25
CA GLU C 348 -6.04 19.37 -18.22
C GLU C 348 -7.23 18.65 -17.58
N GLY C 349 -7.75 19.20 -16.49
CA GLY C 349 -8.89 18.57 -15.85
C GLY C 349 -10.12 18.53 -16.74
N VAL C 350 -10.43 19.65 -17.39
CA VAL C 350 -11.64 19.71 -18.21
C VAL C 350 -11.47 18.87 -19.46
N ASP C 351 -10.24 18.68 -19.93
CA ASP C 351 -10.00 17.75 -21.03
C ASP C 351 -10.23 16.32 -20.58
N HIS C 352 -9.67 15.96 -19.42
CA HIS C 352 -9.82 14.59 -18.92
C HIS C 352 -11.28 14.28 -18.59
N LEU C 353 -12.09 15.31 -18.31
CA LEU C 353 -13.49 15.07 -17.97
C LEU C 353 -14.31 14.71 -19.21
N VAL C 354 -14.34 15.61 -20.20
CA VAL C 354 -15.22 15.40 -21.35
C VAL C 354 -14.76 14.22 -22.19
N GLN C 355 -13.47 13.90 -22.15
CA GLN C 355 -12.98 12.74 -22.88
C GLN C 355 -13.52 11.45 -22.28
N GLN C 356 -14.20 11.55 -21.14
CA GLN C 356 -14.92 10.43 -20.56
C GLN C 356 -16.37 10.35 -21.02
N GLY C 357 -16.88 11.37 -21.69
CA GLY C 357 -18.23 11.33 -22.23
C GLY C 357 -19.17 12.38 -21.66
N ILE C 358 -19.05 12.68 -20.38
CA ILE C 358 -19.95 13.60 -19.70
C ILE C 358 -19.47 15.02 -19.95
N ALA C 359 -20.41 15.97 -19.93
CA ALA C 359 -20.15 17.37 -20.24
C ALA C 359 -20.41 18.21 -18.99
N HIS C 360 -19.33 18.66 -18.35
CA HIS C 360 -19.44 19.56 -17.19
C HIS C 360 -19.73 20.98 -17.68
N ARG C 361 -20.98 21.16 -18.12
CA ARG C 361 -21.39 22.46 -18.64
C ARG C 361 -21.29 23.55 -17.58
N ASP C 362 -21.79 23.28 -16.38
CA ASP C 362 -21.75 24.27 -15.30
C ASP C 362 -20.37 24.24 -14.66
N LEU C 363 -19.57 25.26 -14.93
CA LEU C 363 -18.21 25.37 -14.39
C LEU C 363 -17.95 26.83 -14.12
N LYS C 364 -17.81 27.20 -12.85
CA LYS C 364 -17.70 28.60 -12.45
C LYS C 364 -16.63 28.71 -11.37
N SER C 365 -16.57 29.88 -10.73
CA SER C 365 -15.56 30.10 -9.70
C SER C 365 -15.84 29.31 -8.44
N ASP C 366 -17.10 29.03 -8.15
CA ASP C 366 -17.47 28.38 -6.90
C ASP C 366 -17.39 26.86 -6.96
N ASN C 367 -17.76 26.26 -8.10
CA ASN C 367 -17.69 24.81 -8.21
C ASN C 367 -16.27 24.29 -7.98
N ILE C 368 -15.27 25.08 -8.34
CA ILE C 368 -13.88 24.65 -8.24
C ILE C 368 -13.42 24.76 -6.79
N LEU C 369 -12.67 23.76 -6.35
CA LEU C 369 -12.06 23.74 -5.02
C LEU C 369 -10.55 23.86 -5.17
N VAL C 370 -9.92 24.47 -4.17
CA VAL C 370 -8.48 24.69 -4.17
C VAL C 370 -7.89 24.03 -2.93
N GLU C 371 -7.01 23.05 -3.14
CA GLU C 371 -6.25 22.44 -2.06
C GLU C 371 -5.11 23.39 -1.70
N LEU C 372 -5.44 24.38 -0.89
CA LEU C 372 -4.50 25.45 -0.55
C LEU C 372 -3.55 24.95 0.54
N ASP C 373 -2.35 24.59 0.13
CA ASP C 373 -1.30 24.34 1.10
C ASP C 373 -0.86 25.66 1.72
N PRO C 374 -0.59 25.69 3.04
CA PRO C 374 -0.35 26.97 3.74
C PRO C 374 0.64 27.91 3.08
N ASP C 375 1.89 27.49 2.88
CA ASP C 375 2.80 28.25 2.05
C ASP C 375 3.18 27.49 0.78
N GLY C 376 2.99 26.17 0.76
CA GLY C 376 3.10 25.42 -0.48
C GLY C 376 2.12 25.94 -1.50
N CYS C 377 2.54 26.01 -2.75
CA CYS C 377 1.71 26.62 -3.77
C CYS C 377 0.38 25.88 -3.90
N PRO C 378 -0.71 26.59 -4.13
CA PRO C 378 -2.03 25.94 -4.07
C PRO C 378 -2.26 25.02 -5.25
N TRP C 379 -2.61 23.77 -4.96
CA TRP C 379 -3.05 22.84 -5.98
C TRP C 379 -4.54 22.98 -6.18
N LEU C 380 -4.97 22.95 -7.44
CA LEU C 380 -6.37 23.16 -7.80
C LEU C 380 -7.01 21.85 -8.24
N VAL C 381 -8.25 21.66 -7.84
CA VAL C 381 -9.01 20.46 -8.20
C VAL C 381 -10.40 20.90 -8.65
N ILE C 382 -10.98 20.12 -9.55
CA ILE C 382 -12.30 20.41 -10.10
C ILE C 382 -13.34 19.61 -9.33
N ALA C 383 -14.51 20.22 -9.12
CA ALA C 383 -15.59 19.59 -8.37
C ALA C 383 -16.87 20.34 -8.68
N ASP C 384 -17.98 19.82 -8.15
CA ASP C 384 -19.29 20.43 -8.35
C ASP C 384 -20.11 20.38 -7.06
N PHE C 385 -19.48 20.71 -5.92
CA PHE C 385 -20.21 20.70 -4.67
C PHE C 385 -21.39 21.67 -4.71
N GLY C 386 -21.29 22.72 -5.51
CA GLY C 386 -22.42 23.59 -5.79
C GLY C 386 -23.13 23.12 -7.05
N CYS C 387 -24.32 22.59 -6.88
CA CYS C 387 -25.08 22.04 -7.99
C CYS C 387 -25.58 23.13 -8.93
N TYR C 431 -21.94 19.25 -24.25
CA TYR C 431 -21.58 20.27 -25.22
C TYR C 431 -20.07 20.45 -25.26
N SER C 432 -19.51 20.39 -26.47
CA SER C 432 -18.07 20.49 -26.64
C SER C 432 -17.63 21.95 -26.67
N LYS C 433 -16.49 22.24 -26.05
CA LYS C 433 -15.82 23.53 -25.98
C LYS C 433 -16.63 24.57 -25.19
N ALA C 434 -17.80 24.23 -24.65
CA ALA C 434 -18.53 25.16 -23.80
C ALA C 434 -17.89 25.27 -22.43
N ASP C 435 -17.53 24.13 -21.83
CA ASP C 435 -16.74 24.14 -20.62
C ASP C 435 -15.40 24.84 -20.84
N ALA C 436 -14.87 24.79 -22.06
CA ALA C 436 -13.68 25.56 -22.39
C ALA C 436 -13.95 27.05 -22.35
N TRP C 437 -15.13 27.47 -22.84
CA TRP C 437 -15.53 28.87 -22.71
C TRP C 437 -15.63 29.28 -21.24
N ALA C 438 -16.21 28.41 -20.42
CA ALA C 438 -16.32 28.70 -19.00
C ALA C 438 -14.95 28.82 -18.34
N VAL C 439 -14.04 27.91 -18.68
CA VAL C 439 -12.71 27.95 -18.07
C VAL C 439 -11.92 29.14 -18.60
N GLY C 440 -12.22 29.61 -19.81
CA GLY C 440 -11.59 30.84 -20.28
C GLY C 440 -12.08 32.06 -19.53
N ALA C 441 -13.37 32.14 -19.27
CA ALA C 441 -13.89 33.21 -18.43
C ALA C 441 -13.28 33.17 -17.04
N ILE C 442 -13.21 31.97 -16.45
CA ILE C 442 -12.61 31.83 -15.13
C ILE C 442 -11.13 32.18 -15.17
N ALA C 443 -10.46 31.93 -16.30
CA ALA C 443 -9.06 32.31 -16.45
C ALA C 443 -8.91 33.82 -16.45
N TYR C 444 -9.75 34.51 -17.21
CA TYR C 444 -9.82 35.97 -17.13
C TYR C 444 -10.03 36.42 -15.69
N GLU C 445 -10.81 35.65 -14.92
CA GLU C 445 -11.06 36.01 -13.53
C GLU C 445 -9.80 35.85 -12.66
N ILE C 446 -9.08 34.73 -12.85
CA ILE C 446 -7.96 34.39 -11.97
C ILE C 446 -6.91 35.49 -11.94
N PHE C 447 -6.72 36.23 -13.03
CA PHE C 447 -5.73 37.29 -13.08
C PHE C 447 -6.15 38.54 -12.34
N GLY C 448 -7.21 38.47 -11.53
CA GLY C 448 -7.61 39.57 -10.69
C GLY C 448 -8.59 40.54 -11.30
N LEU C 449 -9.11 40.25 -12.49
CA LEU C 449 -10.05 41.12 -13.17
C LEU C 449 -11.42 40.46 -13.23
N VAL C 450 -12.47 41.25 -12.99
CA VAL C 450 -13.82 40.72 -13.02
C VAL C 450 -14.15 40.27 -14.44
N ASN C 451 -14.78 39.11 -14.55
CA ASN C 451 -15.14 38.58 -15.86
C ASN C 451 -16.50 39.12 -16.28
N PRO C 452 -16.57 39.89 -17.37
CA PRO C 452 -17.86 40.48 -17.75
C PRO C 452 -18.91 39.46 -18.15
N PHE C 453 -18.48 38.26 -18.53
CA PHE C 453 -19.44 37.19 -18.78
C PHE C 453 -19.98 36.62 -17.47
N TYR C 454 -19.36 36.98 -16.35
CA TYR C 454 -19.89 36.59 -15.05
C TYR C 454 -20.66 37.73 -14.40
N GLY C 455 -20.25 38.98 -14.69
CA GLY C 455 -20.90 40.11 -14.06
C GLY C 455 -22.31 40.36 -14.60
N GLN C 456 -22.40 40.74 -15.87
CA GLN C 456 -23.69 41.16 -16.42
C GLN C 456 -24.60 39.96 -16.71
N GLY C 457 -24.02 38.83 -17.07
CA GLY C 457 -24.81 37.65 -17.37
C GLY C 457 -24.12 36.80 -18.41
N LYS C 458 -24.88 35.82 -18.91
CA LYS C 458 -24.43 34.82 -19.86
C LYS C 458 -23.33 33.92 -19.28
N ALA C 459 -23.35 33.67 -17.97
CA ALA C 459 -22.32 32.83 -17.37
C ALA C 459 -22.70 31.36 -17.45
N HIS C 460 -23.94 31.05 -17.80
CA HIS C 460 -24.34 29.65 -17.92
C HIS C 460 -23.67 28.99 -19.12
N LEU C 461 -23.89 29.52 -20.31
CA LEU C 461 -23.26 29.01 -21.51
C LEU C 461 -23.37 30.06 -22.60
N GLU C 462 -22.40 30.04 -23.52
CA GLU C 462 -22.31 31.07 -24.54
C GLU C 462 -23.35 30.92 -25.65
N SER C 463 -24.16 29.86 -25.63
CA SER C 463 -25.25 29.75 -26.59
C SER C 463 -26.13 31.00 -26.56
N ARG C 464 -26.33 31.57 -25.39
CA ARG C 464 -26.84 32.93 -25.26
C ARG C 464 -25.68 33.86 -25.59
N SER C 465 -25.60 34.29 -26.84
CA SER C 465 -24.46 35.07 -27.28
C SER C 465 -24.47 36.45 -26.66
N TYR C 466 -23.39 36.79 -25.96
CA TYR C 466 -23.24 38.11 -25.38
C TYR C 466 -23.36 39.18 -26.45
N GLN C 467 -23.85 40.35 -26.04
CA GLN C 467 -24.10 41.45 -26.97
C GLN C 467 -22.96 42.45 -27.02
N GLU C 468 -21.81 42.13 -26.43
CA GLU C 468 -20.64 42.99 -26.57
C GLU C 468 -20.00 42.80 -27.94
N ALA C 469 -19.88 41.54 -28.38
CA ALA C 469 -19.27 41.20 -29.67
C ALA C 469 -17.82 41.67 -29.74
N GLN C 470 -17.16 41.75 -28.59
CA GLN C 470 -15.77 42.14 -28.50
C GLN C 470 -15.12 41.27 -27.43
N LEU C 471 -13.91 41.65 -27.01
CA LEU C 471 -13.27 40.97 -25.90
C LEU C 471 -12.77 41.99 -24.88
N PRO C 472 -12.97 41.75 -23.60
CA PRO C 472 -12.45 42.68 -22.59
C PRO C 472 -10.93 42.61 -22.52
N ALA C 473 -10.33 43.76 -22.21
CA ALA C 473 -8.88 43.90 -22.23
C ALA C 473 -8.31 43.46 -20.89
N LEU C 474 -7.76 42.25 -20.86
CA LEU C 474 -6.92 41.82 -19.75
C LEU C 474 -5.76 42.80 -19.59
N PRO C 475 -5.27 43.01 -18.37
CA PRO C 475 -4.15 43.94 -18.19
C PRO C 475 -2.93 43.52 -19.00
N GLU C 476 -2.14 44.53 -19.40
CA GLU C 476 -0.99 44.28 -20.25
C GLU C 476 0.11 43.53 -19.53
N SER C 477 0.08 43.48 -18.19
CA SER C 477 1.08 42.76 -17.43
C SER C 477 1.13 41.28 -17.79
N VAL C 478 0.03 40.74 -18.29
CA VAL C 478 0.00 39.32 -18.64
C VAL C 478 0.79 39.12 -19.93
N PRO C 479 1.47 37.98 -20.12
CA PRO C 479 2.16 37.73 -21.38
C PRO C 479 1.18 37.58 -22.52
N PRO C 480 1.45 38.21 -23.67
CA PRO C 480 0.50 38.15 -24.79
C PRO C 480 0.16 36.74 -25.26
N ASP C 481 0.95 35.73 -24.89
CA ASP C 481 0.63 34.36 -25.30
C ASP C 481 -0.69 33.90 -24.69
N VAL C 482 -0.82 34.00 -23.37
CA VAL C 482 -2.05 33.59 -22.73
C VAL C 482 -3.18 34.57 -23.02
N ARG C 483 -2.86 35.83 -23.33
CA ARG C 483 -3.90 36.74 -23.81
C ARG C 483 -4.49 36.23 -25.12
N GLN C 484 -3.64 35.84 -26.07
CA GLN C 484 -4.13 35.23 -27.31
C GLN C 484 -4.91 33.96 -27.03
N LEU C 485 -4.45 33.17 -26.05
CA LEU C 485 -5.14 31.93 -25.71
C LEU C 485 -6.56 32.21 -25.24
N VAL C 486 -6.71 33.03 -24.20
CA VAL C 486 -8.06 33.34 -23.70
C VAL C 486 -8.84 34.18 -24.70
N ARG C 487 -8.15 34.76 -25.70
CA ARG C 487 -8.87 35.47 -26.75
C ARG C 487 -9.52 34.49 -27.71
N ALA C 488 -8.78 33.45 -28.10
CA ALA C 488 -9.30 32.47 -29.04
C ALA C 488 -10.24 31.46 -28.39
N LEU C 489 -10.08 31.20 -27.09
CA LEU C 489 -10.86 30.14 -26.45
C LEU C 489 -12.33 30.53 -26.31
N LEU C 490 -12.62 31.71 -25.79
CA LEU C 490 -13.99 32.18 -25.64
C LEU C 490 -14.47 32.98 -26.84
N GLN C 491 -13.88 32.73 -28.02
CA GLN C 491 -14.30 33.41 -29.23
C GLN C 491 -15.74 33.04 -29.58
N ARG C 492 -16.35 33.86 -30.44
CA ARG C 492 -17.71 33.60 -30.91
C ARG C 492 -17.77 32.29 -31.68
N GLU C 493 -16.95 32.16 -32.72
CA GLU C 493 -17.01 31.00 -33.59
C GLU C 493 -16.74 29.71 -32.82
N ALA C 494 -17.59 28.71 -33.04
CA ALA C 494 -17.43 27.41 -32.40
C ALA C 494 -16.49 26.49 -33.16
N SER C 495 -16.21 26.80 -34.43
CA SER C 495 -15.26 26.00 -35.21
C SER C 495 -13.82 26.39 -34.94
N LYS C 496 -13.56 27.67 -34.65
CA LYS C 496 -12.20 28.13 -34.43
C LYS C 496 -11.72 27.87 -33.01
N ARG C 497 -12.64 27.70 -32.06
CA ARG C 497 -12.27 27.52 -30.66
C ARG C 497 -11.37 26.30 -30.51
N PRO C 498 -10.13 26.46 -30.04
CA PRO C 498 -9.27 25.30 -29.83
C PRO C 498 -9.75 24.46 -28.66
N SER C 499 -9.76 23.14 -28.85
CA SER C 499 -10.20 22.23 -27.81
C SER C 499 -9.23 22.27 -26.64
N ALA C 500 -9.58 21.52 -25.59
CA ALA C 500 -8.82 21.60 -24.34
C ALA C 500 -7.41 21.04 -24.49
N ARG C 501 -7.22 20.05 -25.35
CA ARG C 501 -5.91 19.41 -25.45
C ARG C 501 -4.89 20.34 -26.10
N VAL C 502 -5.29 21.01 -27.19
CA VAL C 502 -4.37 21.91 -27.88
C VAL C 502 -4.02 23.10 -26.99
N ALA C 503 -4.99 23.62 -26.24
CA ALA C 503 -4.69 24.70 -25.31
C ALA C 503 -3.79 24.23 -24.19
N ALA C 504 -4.05 23.03 -23.67
CA ALA C 504 -3.23 22.49 -22.58
C ALA C 504 -1.77 22.34 -23.01
N ASN C 505 -1.54 21.75 -24.19
CA ASN C 505 -0.14 21.55 -24.55
C ASN C 505 0.49 22.79 -25.19
N VAL C 506 -0.29 23.78 -25.65
CA VAL C 506 0.34 25.04 -26.01
C VAL C 506 0.77 25.80 -24.76
N LEU C 507 0.03 25.62 -23.66
CA LEU C 507 0.51 26.13 -22.37
C LEU C 507 1.75 25.36 -21.91
N HIS C 508 1.76 24.05 -22.13
CA HIS C 508 2.96 23.26 -21.87
C HIS C 508 4.16 23.81 -22.64
N LEU C 509 3.96 24.15 -23.91
CA LEU C 509 5.03 24.71 -24.73
C LEU C 509 5.46 26.08 -24.21
N SER C 510 4.51 26.94 -23.85
CA SER C 510 4.83 28.31 -23.46
C SER C 510 5.56 28.34 -22.13
N LEU C 511 5.01 27.66 -21.12
CA LEU C 511 5.59 27.73 -19.78
C LEU C 511 6.92 27.00 -19.71
N TRP C 512 6.91 25.71 -20.02
CA TRP C 512 8.04 24.82 -19.75
C TRP C 512 9.10 24.87 -20.85
N GLY C 513 8.70 24.57 -22.08
CA GLY C 513 9.61 24.73 -23.20
C GLY C 513 10.08 26.17 -23.31
N GLU C 514 11.39 26.39 -23.19
CA GLU C 514 11.92 27.74 -23.13
C GLU C 514 11.59 28.53 -24.40
N HIS C 515 11.72 29.85 -24.29
CA HIS C 515 11.47 30.74 -25.42
C HIS C 515 12.55 30.52 -26.47
N ILE C 516 12.19 29.82 -27.55
CA ILE C 516 13.13 29.50 -28.61
C ILE C 516 12.50 29.86 -29.95
N LEU C 517 13.34 30.25 -30.90
CA LEU C 517 12.85 30.55 -32.24
C LEU C 517 12.24 29.34 -32.92
N ALA C 518 12.51 28.13 -32.41
CA ALA C 518 11.86 26.94 -32.95
C ALA C 518 10.38 26.94 -32.57
N LEU C 519 10.06 27.41 -31.36
CA LEU C 519 8.68 27.50 -30.94
C LEU C 519 7.92 28.56 -31.72
N LYS C 520 8.58 29.66 -32.05
CA LYS C 520 7.96 30.73 -32.83
C LYS C 520 8.11 30.47 -34.31
N ASN C 521 7.37 31.25 -35.11
CA ASN C 521 7.38 31.17 -36.57
C ASN C 521 7.11 29.76 -37.08
N LEU C 522 6.44 28.93 -36.26
CA LEU C 522 6.20 27.52 -36.52
C LEU C 522 7.42 26.85 -37.14
N LYS C 523 8.61 27.17 -36.62
CA LYS C 523 9.85 26.68 -37.24
C LYS C 523 10.21 25.27 -36.80
N LEU C 524 9.67 24.79 -35.68
CA LEU C 524 9.94 23.43 -35.26
C LEU C 524 9.18 22.44 -36.13
N ASP C 525 9.91 21.54 -36.76
CA ASP C 525 9.30 20.45 -37.53
C ASP C 525 8.89 19.36 -36.55
N LYS C 526 7.58 19.11 -36.46
CA LYS C 526 7.07 18.26 -35.38
C LYS C 526 7.49 16.81 -35.58
N MET C 527 8.14 16.26 -34.56
CA MET C 527 8.49 14.85 -34.51
C MET C 527 8.47 14.43 -33.05
N VAL C 528 8.33 13.12 -32.82
CA VAL C 528 8.42 12.60 -31.46
C VAL C 528 9.81 12.86 -30.90
N GLY C 529 10.83 12.87 -31.76
CA GLY C 529 12.15 13.30 -31.33
C GLY C 529 12.15 14.74 -30.86
N TRP C 530 11.46 15.63 -31.60
CA TRP C 530 11.33 17.00 -31.15
C TRP C 530 10.46 17.10 -29.90
N LEU C 531 9.55 16.16 -29.71
CA LEU C 531 8.80 16.11 -28.46
C LEU C 531 9.72 15.82 -27.28
N LEU C 532 10.60 14.83 -27.44
CA LEU C 532 11.55 14.54 -26.37
C LEU C 532 12.56 15.67 -26.19
N GLN C 533 12.87 16.38 -27.27
CA GLN C 533 13.73 17.56 -27.14
C GLN C 533 13.03 18.66 -26.35
N GLN C 534 11.73 18.85 -26.59
CA GLN C 534 10.97 19.80 -25.78
C GLN C 534 10.93 19.37 -24.32
N SER C 535 10.77 18.07 -24.06
CA SER C 535 10.85 17.59 -22.68
C SER C 535 12.22 17.90 -22.09
N ALA C 536 13.27 17.75 -22.90
CA ALA C 536 14.61 18.16 -22.46
C ALA C 536 14.67 19.66 -22.22
N ALA C 537 13.82 20.44 -22.87
CA ALA C 537 13.71 21.86 -22.57
C ALA C 537 12.78 22.13 -21.39
N THR C 538 12.08 21.12 -20.89
CA THR C 538 11.11 21.34 -19.82
C THR C 538 11.76 21.58 -18.46
N LEU C 539 12.93 21.00 -18.19
CA LEU C 539 13.48 21.12 -16.83
C LEU C 539 13.94 22.54 -16.54
N LEU C 540 14.33 23.29 -17.57
CA LEU C 540 14.75 24.67 -17.35
C LEU C 540 13.63 25.53 -16.78
N ALA C 541 12.40 25.02 -16.70
CA ALA C 541 11.36 25.66 -15.91
C ALA C 541 11.41 25.25 -14.45
N ASN C 542 12.15 24.20 -14.10
CA ASN C 542 12.41 23.90 -12.70
C ASN C 542 13.60 24.68 -12.18
N ARG C 543 14.59 24.95 -13.05
CA ARG C 543 15.83 25.56 -12.59
C ARG C 543 15.60 26.93 -11.97
N LEU C 544 14.63 27.68 -12.48
CA LEU C 544 14.27 28.96 -11.90
C LEU C 544 12.99 28.89 -11.07
N THR C 545 12.01 28.10 -11.49
CA THR C 545 10.76 27.92 -10.76
C THR C 545 10.77 26.51 -10.18
N GLU C 546 11.36 26.37 -8.99
CA GLU C 546 11.37 25.11 -8.27
C GLU C 546 10.69 25.19 -6.91
N LYS C 547 10.59 26.39 -6.32
CA LYS C 547 9.84 26.55 -5.07
C LYS C 547 8.41 26.07 -5.23
N CYS C 548 7.83 26.24 -6.41
CA CYS C 548 6.47 25.80 -6.67
C CYS C 548 6.43 24.28 -6.76
N CYS C 549 5.98 23.64 -5.68
CA CYS C 549 5.78 22.19 -5.72
C CYS C 549 4.76 21.82 -6.80
N VAL C 550 3.82 22.73 -7.08
CA VAL C 550 2.81 22.46 -8.10
C VAL C 550 3.45 22.31 -9.47
N GLU C 551 4.51 23.05 -9.74
CA GLU C 551 5.12 22.99 -11.06
C GLU C 551 5.81 21.65 -11.28
N THR C 552 6.56 21.17 -10.29
CA THR C 552 7.19 19.85 -10.41
C THR C 552 6.13 18.75 -10.42
N LYS C 553 5.06 18.92 -9.66
CA LYS C 553 3.97 17.95 -9.66
C LYS C 553 3.35 17.84 -11.06
N MET C 554 2.98 18.98 -11.64
CA MET C 554 2.40 18.97 -12.99
C MET C 554 3.38 18.42 -14.01
N LYS C 555 4.65 18.77 -13.88
CA LYS C 555 5.66 18.24 -14.79
C LYS C 555 5.75 16.73 -14.70
N MET C 556 5.63 16.18 -13.49
CA MET C 556 5.62 14.72 -13.36
C MET C 556 4.33 14.12 -13.89
N LEU C 557 3.22 14.85 -13.81
CA LEU C 557 1.91 14.30 -14.14
C LEU C 557 1.54 14.44 -15.61
N PHE C 558 1.85 15.58 -16.24
CA PHE C 558 1.34 15.86 -17.58
C PHE C 558 2.41 15.89 -18.67
N LEU C 559 3.70 15.95 -18.32
CA LEU C 559 4.73 15.96 -19.35
C LEU C 559 4.80 14.62 -20.07
N ALA C 560 4.24 13.57 -19.47
CA ALA C 560 4.22 12.27 -20.12
C ALA C 560 3.04 12.15 -21.08
N ASN C 561 1.91 12.78 -20.75
CA ASN C 561 0.69 12.67 -21.54
C ASN C 561 0.58 13.90 -22.43
N LEU C 562 1.11 13.79 -23.65
CA LEU C 562 0.95 14.81 -24.69
C LEU C 562 1.28 14.16 -26.02
N GLU C 563 0.50 14.51 -27.05
CA GLU C 563 0.56 13.82 -28.32
C GLU C 563 1.23 14.70 -29.38
N CYS C 564 1.67 14.03 -30.46
CA CYS C 564 2.40 14.73 -31.51
C CYS C 564 1.48 15.63 -32.33
N GLU C 565 0.26 15.17 -32.61
CA GLU C 565 -0.66 15.93 -33.45
C GLU C 565 -1.07 17.23 -32.79
N THR C 566 -1.59 17.15 -31.56
CA THR C 566 -1.99 18.35 -30.84
C THR C 566 -0.81 19.26 -30.57
N LEU C 567 0.39 18.68 -30.34
CA LEU C 567 1.57 19.51 -30.13
C LEU C 567 1.96 20.26 -31.40
N CYS C 568 1.83 19.61 -32.56
CA CYS C 568 2.08 20.29 -33.82
C CYS C 568 1.08 21.42 -34.03
N GLN C 569 -0.20 21.16 -33.75
CA GLN C 569 -1.20 22.21 -33.89
C GLN C 569 -0.92 23.36 -32.93
N ALA C 570 -0.45 23.05 -31.72
CA ALA C 570 -0.15 24.09 -30.75
C ALA C 570 1.03 24.94 -31.19
N ALA C 571 2.14 24.30 -31.57
CA ALA C 571 3.32 25.03 -32.03
C ALA C 571 3.09 25.73 -33.35
N LEU C 572 2.05 25.36 -34.09
CA LEU C 572 1.64 26.09 -35.28
C LEU C 572 0.84 27.34 -34.91
N LEU C 573 -0.24 27.17 -34.14
CA LEU C 573 -1.11 28.28 -33.77
C LEU C 573 -0.38 29.34 -32.96
N LEU C 574 0.49 28.90 -32.03
CA LEU C 574 1.07 29.82 -31.05
C LEU C 574 1.77 30.99 -31.71
N CYS C 575 2.35 30.77 -32.89
CA CYS C 575 3.05 31.85 -33.58
C CYS C 575 2.50 32.10 -34.98
N SER C 576 1.47 31.37 -35.41
CA SER C 576 0.71 31.86 -36.56
C SER C 576 -0.25 32.95 -36.12
N TRP C 577 -0.52 33.03 -34.81
CA TRP C 577 -1.10 34.27 -34.28
C TRP C 577 -0.02 35.30 -33.99
N ARG C 578 1.00 34.93 -33.24
CA ARG C 578 1.99 35.88 -32.74
C ARG C 578 2.68 36.62 -33.88
N ALA C 579 2.90 35.94 -35.00
CA ALA C 579 3.48 36.62 -36.15
C ALA C 579 2.47 37.53 -36.82
N ALA C 580 1.23 37.05 -36.99
CA ALA C 580 0.17 37.81 -37.65
C ALA C 580 0.60 38.23 -39.06
N LEU C 581 1.01 37.25 -39.85
CA LEU C 581 1.53 37.51 -41.18
C LEU C 581 0.42 37.53 -42.22
#